data_8H8P
#
_entry.id   8H8P
#
_cell.length_a   84.755
_cell.length_b   92.553
_cell.length_c   169.864
_cell.angle_alpha   90.000
_cell.angle_beta   90.000
_cell.angle_gamma   90.000
#
_symmetry.space_group_name_H-M   'P 21 21 21'
#
loop_
_entity.id
_entity.type
_entity.pdbx_description
1 polymer 'Thiomorpholine-carboxylate dehydrogenase'
2 non-polymer 1,2-ETHANEDIOL
3 non-polymer 'SODIUM ION'
4 non-polymer 'CHLORIDE ION'
5 non-polymer 'MAGNESIUM ION'
6 water water
#
_entity_poly.entity_id   1
_entity_poly.type   'polypeptide(L)'
_entity_poly.pdbx_seq_one_letter_code
;MGSSHHHHHHSSGLVPRGSHMKVIRDKDIKSFLNKRLTRESIFSQFQPVLLRGLATYAANPNAIVPPRIVQQSNNSESDT
THVFMPCISPTEVGIKVISGGPSNNTKGLGFQGCVMILDEVTGELNAIFNAACLTAFRTALASVLGLTRVVPVDSVDVLP
ELCVFGVGQQAYWHVKLTLLLYKEKIAKVNILNRTLANAEKLKEELGKEFDNVEFRAFLFEEDEKFKPHMENSSIIYGCT
PSTSAVIKKDHLNKDPKYRKFISLIGSYKPHMIELDLELMNDFKNNGVKVIVDSKEHTLHEAGELIQSGYTSDQLIEIHE
LYETEEFSTITDATTGTTVQKIVGLSIMDLCMGKYIYENIQDDDAVVVNDF
;
_entity_poly.pdbx_strand_id   B,A,C,D
#
loop_
_chem_comp.id
_chem_comp.type
_chem_comp.name
_chem_comp.formula
CL non-polymer 'CHLORIDE ION' 'Cl -1'
EDO non-polymer 1,2-ETHANEDIOL 'C2 H6 O2'
MG non-polymer 'MAGNESIUM ION' 'Mg 2'
NA non-polymer 'SODIUM ION' 'Na 1'
#
# COMPACT_ATOMS: atom_id res chain seq x y z
N ARG A 17 38.40 -17.62 -3.12
CA ARG A 17 37.31 -18.31 -3.81
C ARG A 17 35.95 -17.80 -3.36
N GLY A 18 35.55 -18.16 -2.14
CA GLY A 18 34.34 -17.64 -1.54
C GLY A 18 33.09 -18.05 -2.29
N SER A 19 32.09 -17.16 -2.26
CA SER A 19 30.79 -17.39 -2.86
C SER A 19 30.75 -16.83 -4.28
N HIS A 20 30.04 -17.51 -5.16
CA HIS A 20 30.01 -17.21 -6.58
C HIS A 20 28.63 -16.77 -7.03
N MET A 21 28.60 -15.85 -7.98
CA MET A 21 27.39 -15.40 -8.64
C MET A 21 27.46 -15.82 -10.11
N LYS A 22 26.30 -15.86 -10.77
CA LYS A 22 26.22 -16.27 -12.17
C LYS A 22 25.47 -15.19 -12.94
N VAL A 23 26.15 -14.61 -13.94
CA VAL A 23 25.52 -13.66 -14.85
C VAL A 23 25.10 -14.44 -16.09
N ILE A 24 23.80 -14.59 -16.28
CA ILE A 24 23.27 -15.30 -17.45
C ILE A 24 22.67 -14.26 -18.39
N ARG A 25 23.32 -14.08 -19.53
CA ARG A 25 22.92 -13.09 -20.52
C ARG A 25 21.86 -13.66 -21.46
N ASP A 26 21.20 -12.76 -22.20
CA ASP A 26 20.15 -13.17 -23.11
C ASP A 26 20.63 -14.27 -24.05
N LYS A 27 21.83 -14.10 -24.61
CA LYS A 27 22.40 -15.14 -25.47
C LYS A 27 22.56 -16.45 -24.72
N ASP A 28 22.94 -16.39 -23.44
CA ASP A 28 23.11 -17.60 -22.65
C ASP A 28 21.79 -18.32 -22.44
N ILE A 29 20.71 -17.57 -22.18
CA ILE A 29 19.40 -18.20 -22.01
C ILE A 29 18.97 -18.89 -23.30
N LYS A 30 18.99 -18.14 -24.41
CA LYS A 30 18.59 -18.71 -25.70
C LYS A 30 19.42 -19.93 -26.07
N SER A 31 20.71 -19.91 -25.72
CA SER A 31 21.56 -21.07 -25.97
C SER A 31 21.09 -22.28 -25.16
N PHE A 32 20.93 -22.11 -23.85
CA PHE A 32 20.40 -23.17 -23.01
C PHE A 32 19.08 -23.69 -23.53
N LEU A 33 18.17 -22.78 -23.87
CA LEU A 33 16.84 -23.19 -24.32
C LEU A 33 16.92 -23.97 -25.64
N ASN A 34 17.58 -23.39 -26.65
CA ASN A 34 17.69 -24.08 -27.94
C ASN A 34 18.40 -25.42 -27.81
N LYS A 35 19.27 -25.56 -26.81
CA LYS A 35 20.01 -26.80 -26.62
C LYS A 35 19.27 -27.83 -25.78
N ARG A 36 18.16 -27.46 -25.13
CA ARG A 36 17.47 -28.38 -24.23
C ARG A 36 15.96 -28.43 -24.42
N LEU A 37 15.43 -27.79 -25.46
CA LEU A 37 13.99 -27.70 -25.65
C LEU A 37 13.52 -28.78 -26.63
N THR A 38 12.73 -29.72 -26.13
CA THR A 38 12.17 -30.82 -26.91
C THR A 38 10.71 -31.01 -26.51
N ARG A 39 9.98 -31.80 -27.30
CA ARG A 39 8.64 -32.19 -26.90
C ARG A 39 8.65 -32.79 -25.50
N GLU A 40 9.60 -33.69 -25.23
CA GLU A 40 9.68 -34.30 -23.90
C GLU A 40 10.06 -33.26 -22.85
N SER A 41 11.11 -32.48 -23.13
CA SER A 41 11.58 -31.48 -22.18
C SER A 41 10.46 -30.53 -21.75
N ILE A 42 9.69 -30.02 -22.72
CA ILE A 42 8.59 -29.10 -22.38
C ILE A 42 7.57 -29.81 -21.52
N PHE A 43 7.22 -31.06 -21.88
CA PHE A 43 6.19 -31.79 -21.15
C PHE A 43 6.69 -32.29 -19.80
N SER A 44 7.97 -32.66 -19.72
CA SER A 44 8.50 -33.34 -18.54
C SER A 44 9.29 -32.43 -17.61
N GLN A 45 9.82 -31.32 -18.09
CA GLN A 45 10.70 -30.49 -17.27
C GLN A 45 10.23 -29.04 -17.17
N PHE A 46 10.06 -28.34 -18.29
CA PHE A 46 9.81 -26.90 -18.23
C PHE A 46 8.40 -26.60 -17.74
N GLN A 47 7.38 -27.09 -18.45
CA GLN A 47 6.00 -26.90 -18.01
C GLN A 47 5.75 -27.35 -16.58
N PRO A 48 6.20 -28.53 -16.14
CA PRO A 48 5.96 -28.92 -14.73
C PRO A 48 6.47 -27.91 -13.72
N VAL A 49 7.65 -27.31 -13.96
CA VAL A 49 8.16 -26.30 -13.04
C VAL A 49 7.23 -25.09 -13.01
N LEU A 50 6.78 -24.65 -14.18
CA LEU A 50 5.90 -23.48 -14.25
C LEU A 50 4.56 -23.79 -13.59
N LEU A 51 4.02 -24.98 -13.81
CA LEU A 51 2.77 -25.37 -13.15
C LEU A 51 2.91 -25.35 -11.63
N ARG A 52 4.04 -25.85 -11.13
CA ARG A 52 4.26 -25.85 -9.68
C ARG A 52 4.36 -24.43 -9.15
N GLY A 53 5.05 -23.54 -9.88
CA GLY A 53 5.12 -22.16 -9.46
C GLY A 53 3.75 -21.48 -9.42
N LEU A 54 2.93 -21.73 -10.45
CA LEU A 54 1.61 -21.13 -10.48
C LEU A 54 0.71 -21.66 -9.36
N ALA A 55 0.81 -22.96 -9.07
CA ALA A 55 0.02 -23.54 -8.00
C ALA A 55 0.52 -23.09 -6.63
N THR A 56 1.84 -23.10 -6.43
CA THR A 56 2.40 -22.61 -5.17
C THR A 56 1.98 -21.16 -4.93
N TYR A 57 2.06 -20.33 -5.96
CA TYR A 57 1.63 -18.94 -5.82
C TYR A 57 0.16 -18.85 -5.46
N ALA A 58 -0.69 -19.63 -6.13
CA ALA A 58 -2.12 -19.55 -5.86
C ALA A 58 -2.46 -19.96 -4.43
N ALA A 59 -1.57 -20.71 -3.76
CA ALA A 59 -1.85 -21.17 -2.40
C ALA A 59 -1.67 -20.05 -1.39
N ASN A 60 -0.56 -19.32 -1.45
CA ASN A 60 -0.28 -18.19 -0.57
C ASN A 60 0.13 -16.99 -1.43
N PRO A 61 -0.83 -16.38 -2.14
CA PRO A 61 -0.46 -15.36 -3.14
C PRO A 61 0.30 -14.17 -2.57
N ASN A 62 -0.19 -13.55 -1.50
CA ASN A 62 0.43 -12.33 -1.03
C ASN A 62 1.80 -12.58 -0.39
N ALA A 63 2.09 -13.82 0.01
CA ALA A 63 3.39 -14.11 0.61
C ALA A 63 4.45 -14.48 -0.42
N ILE A 64 4.05 -15.01 -1.56
CA ILE A 64 5.00 -15.43 -2.59
C ILE A 64 5.27 -14.30 -3.57
N VAL A 65 4.22 -13.71 -4.14
CA VAL A 65 4.39 -12.56 -5.01
C VAL A 65 3.78 -11.35 -4.30
N PRO A 66 4.54 -10.63 -3.49
CA PRO A 66 4.00 -9.44 -2.81
C PRO A 66 3.64 -8.37 -3.81
N PRO A 67 2.75 -7.44 -3.43
CA PRO A 67 2.37 -6.35 -4.33
C PRO A 67 3.58 -5.61 -4.90
N ARG A 68 3.51 -5.34 -6.21
CA ARG A 68 4.60 -4.72 -6.94
C ARG A 68 4.70 -3.23 -6.65
N ILE A 69 5.91 -2.70 -6.80
CA ILE A 69 6.20 -1.28 -6.62
C ILE A 69 6.43 -0.66 -7.98
N VAL A 70 5.65 0.36 -8.31
CA VAL A 70 5.73 1.06 -9.58
C VAL A 70 6.05 2.52 -9.29
N GLN A 71 7.13 3.01 -9.89
CA GLN A 71 7.52 4.40 -9.73
C GLN A 71 8.01 4.93 -11.07
N GLN A 72 7.46 6.06 -11.51
CA GLN A 72 7.95 6.69 -12.72
C GLN A 72 9.26 7.40 -12.41
N SER A 73 10.12 7.49 -13.43
CA SER A 73 11.44 8.10 -13.26
C SER A 73 11.31 9.50 -12.69
N ASN A 74 12.13 9.79 -11.67
CA ASN A 74 12.25 11.12 -11.10
C ASN A 74 13.31 11.95 -11.81
N ASN A 75 13.80 11.47 -12.95
CA ASN A 75 14.70 12.23 -13.79
C ASN A 75 13.86 13.01 -14.78
N SER A 76 14.28 14.25 -15.06
CA SER A 76 13.54 15.06 -16.01
C SER A 76 13.65 14.47 -17.40
N GLU A 77 14.87 14.39 -17.93
CA GLU A 77 15.15 13.81 -19.24
C GLU A 77 14.71 12.35 -19.40
N SER A 78 13.68 11.90 -18.69
CA SER A 78 13.26 10.51 -18.81
C SER A 78 11.77 10.33 -18.57
N ASP A 79 11.14 9.47 -19.38
CA ASP A 79 9.75 9.08 -19.21
C ASP A 79 9.61 7.62 -18.81
N THR A 80 10.67 7.01 -18.26
CA THR A 80 10.64 5.59 -17.95
C THR A 80 9.99 5.35 -16.60
N THR A 81 9.15 4.31 -16.53
CA THR A 81 8.54 3.89 -15.29
C THR A 81 9.19 2.58 -14.84
N HIS A 82 9.61 2.53 -13.58
CA HIS A 82 10.30 1.38 -13.02
C HIS A 82 9.35 0.55 -12.18
N VAL A 83 9.39 -0.77 -12.39
CA VAL A 83 8.53 -1.71 -11.68
C VAL A 83 9.42 -2.71 -10.96
N PHE A 84 9.16 -2.91 -9.67
CA PHE A 84 9.92 -3.82 -8.83
C PHE A 84 8.98 -4.94 -8.37
N MET A 85 9.25 -6.17 -8.81
CA MET A 85 8.39 -7.32 -8.58
C MET A 85 9.12 -8.40 -7.79
N PRO A 86 9.03 -8.39 -6.47
CA PRO A 86 9.68 -9.43 -5.66
C PRO A 86 8.89 -10.73 -5.66
N CYS A 87 9.63 -11.83 -5.53
CA CYS A 87 9.03 -13.16 -5.45
C CYS A 87 9.75 -13.95 -4.37
N ILE A 88 9.00 -14.44 -3.39
CA ILE A 88 9.58 -15.23 -2.30
C ILE A 88 8.84 -16.55 -2.21
N SER A 89 9.13 -17.45 -3.12
CA SER A 89 8.54 -18.79 -3.10
C SER A 89 9.38 -19.70 -2.21
N PRO A 90 8.81 -20.83 -1.78
CA PRO A 90 9.61 -21.79 -1.01
C PRO A 90 10.92 -22.17 -1.66
N THR A 91 11.00 -22.18 -3.00
CA THR A 91 12.19 -22.62 -3.70
C THR A 91 12.86 -21.53 -4.54
N GLU A 92 12.11 -20.55 -5.03
CA GLU A 92 12.66 -19.51 -5.90
C GLU A 92 12.45 -18.16 -5.24
N VAL A 93 13.54 -17.55 -4.77
CA VAL A 93 13.50 -16.27 -4.07
C VAL A 93 14.31 -15.26 -4.86
N GLY A 94 13.77 -14.06 -5.00
CA GLY A 94 14.46 -12.98 -5.71
C GLY A 94 13.46 -11.91 -6.12
N ILE A 95 13.82 -11.18 -7.16
CA ILE A 95 13.00 -10.08 -7.65
C ILE A 95 13.24 -9.90 -9.14
N LYS A 96 12.19 -9.55 -9.87
CA LYS A 96 12.29 -9.14 -11.26
C LYS A 96 12.06 -7.64 -11.33
N VAL A 97 13.04 -6.92 -11.88
CA VAL A 97 12.98 -5.47 -12.02
C VAL A 97 12.89 -5.15 -13.51
N ILE A 98 11.78 -4.52 -13.91
CA ILE A 98 11.54 -4.13 -15.30
C ILE A 98 11.23 -2.65 -15.36
N SER A 99 11.68 -2.01 -16.45
CA SER A 99 11.47 -0.59 -16.67
C SER A 99 11.25 -0.33 -18.15
N GLY A 100 10.25 0.52 -18.45
CA GLY A 100 9.95 0.84 -19.83
C GLY A 100 9.23 2.17 -19.93
N GLY A 101 8.72 2.44 -21.14
CA GLY A 101 8.03 3.68 -21.41
C GLY A 101 8.20 4.18 -22.83
N PRO A 102 7.62 5.36 -23.13
CA PRO A 102 7.71 5.93 -24.48
C PRO A 102 9.13 6.01 -25.02
N SER A 103 10.03 6.66 -24.28
CA SER A 103 11.41 6.79 -24.74
C SER A 103 12.04 5.42 -24.97
N ASN A 104 11.78 4.46 -24.07
CA ASN A 104 12.31 3.12 -24.24
C ASN A 104 11.76 2.46 -25.49
N ASN A 105 10.49 2.73 -25.81
CA ASN A 105 9.90 2.15 -27.01
C ASN A 105 10.39 2.84 -28.27
N THR A 106 10.55 4.17 -28.22
CA THR A 106 11.02 4.89 -29.40
C THR A 106 12.44 4.48 -29.77
N LYS A 107 13.25 4.09 -28.78
CA LYS A 107 14.61 3.64 -29.02
C LYS A 107 14.69 2.14 -29.31
N GLY A 108 13.56 1.45 -29.40
CA GLY A 108 13.57 0.02 -29.64
C GLY A 108 13.97 -0.83 -28.45
N LEU A 109 14.25 -0.21 -27.30
CA LEU A 109 14.60 -0.98 -26.11
C LEU A 109 13.38 -1.68 -25.54
N GLY A 110 12.25 -0.99 -25.47
CA GLY A 110 11.08 -1.59 -24.86
C GLY A 110 11.28 -1.78 -23.36
N PHE A 111 10.71 -2.87 -22.85
CA PHE A 111 10.87 -3.22 -21.45
C PHE A 111 12.27 -3.80 -21.23
N GLN A 112 13.07 -3.12 -20.43
CA GLN A 112 14.41 -3.55 -20.12
C GLN A 112 14.51 -3.79 -18.62
N GLY A 113 15.34 -4.75 -18.23
CA GLY A 113 15.49 -5.06 -16.82
C GLY A 113 16.22 -6.37 -16.63
N CYS A 114 16.09 -6.92 -15.42
CA CYS A 114 16.79 -8.14 -15.06
C CYS A 114 15.97 -8.91 -14.03
N VAL A 115 16.36 -10.17 -13.84
CA VAL A 115 15.78 -11.03 -12.81
C VAL A 115 16.90 -11.48 -11.88
N MET A 116 16.69 -11.32 -10.58
CA MET A 116 17.67 -11.68 -9.56
C MET A 116 17.21 -12.96 -8.86
N ILE A 117 18.09 -13.96 -8.81
CA ILE A 117 17.82 -15.22 -8.15
C ILE A 117 18.69 -15.29 -6.90
N LEU A 118 18.08 -15.61 -5.76
CA LEU A 118 18.77 -15.62 -4.49
C LEU A 118 18.77 -17.03 -3.90
N ASP A 119 19.67 -17.25 -2.94
CA ASP A 119 19.68 -18.50 -2.21
C ASP A 119 18.43 -18.58 -1.34
N GLU A 120 17.68 -19.68 -1.45
CA GLU A 120 16.40 -19.80 -0.77
C GLU A 120 16.52 -19.94 0.73
N VAL A 121 17.73 -20.07 1.27
CA VAL A 121 17.95 -20.22 2.71
C VAL A 121 18.74 -19.06 3.29
N THR A 122 19.74 -18.58 2.58
CA THR A 122 20.61 -17.51 3.07
C THR A 122 20.31 -16.16 2.47
N GLY A 123 19.73 -16.10 1.27
CA GLY A 123 19.48 -14.84 0.62
C GLY A 123 20.66 -14.26 -0.13
N GLU A 124 21.68 -15.07 -0.40
CA GLU A 124 22.83 -14.60 -1.15
C GLU A 124 22.52 -14.59 -2.64
N LEU A 125 23.11 -13.63 -3.34
CA LEU A 125 22.91 -13.50 -4.77
C LEU A 125 23.48 -14.72 -5.50
N ASN A 126 22.62 -15.43 -6.21
CA ASN A 126 23.02 -16.61 -6.96
C ASN A 126 23.06 -16.39 -8.47
N ALA A 127 22.17 -15.57 -9.01
CA ALA A 127 22.08 -15.42 -10.46
C ALA A 127 21.46 -14.08 -10.81
N ILE A 128 21.92 -13.51 -11.91
CA ILE A 128 21.32 -12.31 -12.50
C ILE A 128 21.05 -12.61 -13.96
N PHE A 129 19.77 -12.63 -14.33
CA PHE A 129 19.32 -12.90 -15.69
C PHE A 129 18.96 -11.61 -16.40
N ASN A 130 19.03 -11.64 -17.73
CA ASN A 130 18.40 -10.59 -18.52
C ASN A 130 16.94 -10.96 -18.68
N ALA A 131 16.05 -10.00 -18.42
CA ALA A 131 14.63 -10.29 -18.38
C ALA A 131 14.04 -10.57 -19.76
N ALA A 132 14.67 -10.10 -20.84
CA ALA A 132 14.12 -10.19 -22.19
C ALA A 132 13.74 -11.61 -22.59
N CYS A 133 14.74 -12.47 -22.81
CA CYS A 133 14.46 -13.83 -23.24
C CYS A 133 13.69 -14.60 -22.18
N LEU A 134 14.08 -14.44 -20.91
CA LEU A 134 13.42 -15.17 -19.83
C LEU A 134 11.92 -14.88 -19.80
N THR A 135 11.54 -13.61 -19.97
CA THR A 135 10.13 -13.25 -19.95
C THR A 135 9.40 -13.87 -21.14
N ALA A 136 10.00 -13.78 -22.33
CA ALA A 136 9.35 -14.33 -23.52
C ALA A 136 9.15 -15.83 -23.40
N PHE A 137 10.16 -16.55 -22.90
CA PHE A 137 10.07 -18.00 -22.80
C PHE A 137 8.97 -18.42 -21.83
N ARG A 138 8.95 -17.82 -20.62
CA ARG A 138 7.94 -18.20 -19.64
C ARG A 138 6.54 -17.84 -20.10
N THR A 139 6.39 -16.74 -20.84
CA THR A 139 5.08 -16.40 -21.38
C THR A 139 4.61 -17.44 -22.39
N ALA A 140 5.50 -17.88 -23.27
CA ALA A 140 5.14 -18.91 -24.23
C ALA A 140 4.89 -20.25 -23.54
N LEU A 141 5.69 -20.54 -22.50
CA LEU A 141 5.48 -21.77 -21.75
C LEU A 141 4.15 -21.74 -21.01
N ALA A 142 3.69 -20.56 -20.59
CA ALA A 142 2.38 -20.44 -19.97
C ALA A 142 1.26 -20.66 -20.99
N SER A 143 1.44 -20.14 -22.20
CA SER A 143 0.43 -20.34 -23.24
C SER A 143 0.26 -21.83 -23.55
N VAL A 144 1.37 -22.56 -23.67
CA VAL A 144 1.26 -23.98 -23.98
C VAL A 144 0.88 -24.80 -22.75
N LEU A 145 1.11 -24.28 -21.54
CA LEU A 145 0.68 -24.98 -20.35
C LEU A 145 -0.84 -25.14 -20.32
N GLY A 146 -1.56 -24.16 -20.83
CA GLY A 146 -3.00 -24.25 -20.96
C GLY A 146 -3.41 -24.87 -22.28
N LEU A 147 -2.64 -24.58 -23.34
CA LEU A 147 -2.95 -25.11 -24.67
C LEU A 147 -2.85 -26.64 -24.69
N THR A 148 -1.72 -27.18 -24.22
CA THR A 148 -1.52 -28.63 -24.23
C THR A 148 -2.53 -29.37 -23.34
N ARG A 149 -3.13 -28.68 -22.37
CA ARG A 149 -4.12 -29.29 -21.50
C ARG A 149 -5.53 -29.28 -22.08
N VAL A 150 -5.91 -28.21 -22.77
CA VAL A 150 -7.26 -28.13 -23.32
C VAL A 150 -7.32 -28.69 -24.73
N VAL A 151 -6.26 -28.53 -25.52
CA VAL A 151 -6.19 -29.04 -26.88
C VAL A 151 -5.04 -30.04 -26.93
N PRO A 152 -5.29 -31.30 -26.59
CA PRO A 152 -4.22 -32.30 -26.58
C PRO A 152 -3.61 -32.49 -27.96
N VAL A 153 -2.33 -32.90 -27.97
CA VAL A 153 -1.61 -33.08 -29.23
C VAL A 153 -2.14 -34.23 -30.05
N ASP A 154 -3.01 -35.06 -29.47
CA ASP A 154 -3.68 -36.14 -30.19
C ASP A 154 -5.11 -35.79 -30.57
N SER A 155 -5.51 -34.53 -30.40
CA SER A 155 -6.89 -34.14 -30.66
C SER A 155 -7.27 -34.40 -32.12
N VAL A 156 -8.54 -34.75 -32.32
CA VAL A 156 -9.06 -35.07 -33.64
C VAL A 156 -9.90 -33.96 -34.25
N ASP A 157 -10.21 -32.91 -33.50
CA ASP A 157 -11.03 -31.81 -34.00
C ASP A 157 -10.21 -30.52 -34.15
N VAL A 158 -8.98 -30.63 -34.65
CA VAL A 158 -8.07 -29.49 -34.76
C VAL A 158 -7.77 -29.19 -36.22
N LEU A 159 -8.00 -27.94 -36.63
CA LEU A 159 -7.61 -27.46 -37.95
C LEU A 159 -6.08 -27.45 -38.07
N PRO A 160 -5.55 -27.54 -39.30
CA PRO A 160 -4.10 -27.76 -39.46
C PRO A 160 -3.23 -26.51 -39.42
N GLU A 161 -3.77 -25.31 -39.23
CA GLU A 161 -2.96 -24.09 -39.31
C GLU A 161 -2.87 -23.39 -37.97
N LEU A 162 -1.82 -22.59 -37.82
CA LEU A 162 -1.60 -21.74 -36.66
C LEU A 162 -1.41 -20.30 -37.14
N CYS A 163 -2.05 -19.36 -36.46
CA CYS A 163 -1.92 -17.93 -36.76
C CYS A 163 -1.44 -17.20 -35.51
N VAL A 164 -0.32 -16.50 -35.63
CA VAL A 164 0.22 -15.68 -34.55
C VAL A 164 0.20 -14.22 -35.01
N PHE A 165 -0.50 -13.38 -34.24
CA PHE A 165 -0.50 -11.93 -34.48
C PHE A 165 0.67 -11.32 -33.73
N GLY A 166 1.70 -10.90 -34.46
CA GLY A 166 2.86 -10.27 -33.86
C GLY A 166 4.16 -10.90 -34.32
N VAL A 167 5.25 -10.24 -33.94
CA VAL A 167 6.61 -10.68 -34.22
C VAL A 167 7.44 -10.49 -32.95
N GLY A 168 8.73 -10.77 -33.06
CA GLY A 168 9.65 -10.61 -31.95
C GLY A 168 9.85 -11.89 -31.17
N GLN A 169 10.51 -11.76 -30.02
CA GLN A 169 10.82 -12.94 -29.21
C GLN A 169 9.56 -13.62 -28.69
N GLN A 170 8.55 -12.85 -28.29
CA GLN A 170 7.32 -13.45 -27.79
C GLN A 170 6.68 -14.34 -28.84
N ALA A 171 6.54 -13.83 -30.07
CA ALA A 171 5.98 -14.62 -31.14
C ALA A 171 6.89 -15.80 -31.49
N TYR A 172 8.22 -15.58 -31.45
CA TYR A 172 9.15 -16.66 -31.77
C TYR A 172 8.99 -17.84 -30.83
N TRP A 173 9.13 -17.59 -29.53
CA TRP A 173 9.08 -18.69 -28.56
C TRP A 173 7.71 -19.35 -28.54
N HIS A 174 6.65 -18.56 -28.74
CA HIS A 174 5.31 -19.13 -28.84
C HIS A 174 5.23 -20.13 -29.98
N VAL A 175 5.73 -19.77 -31.16
CA VAL A 175 5.67 -20.65 -32.32
C VAL A 175 6.59 -21.85 -32.11
N LYS A 176 7.84 -21.60 -31.71
CA LYS A 176 8.81 -22.68 -31.55
C LYS A 176 8.31 -23.76 -30.60
N LEU A 177 7.89 -23.37 -29.40
CA LEU A 177 7.44 -24.35 -28.43
C LEU A 177 6.20 -25.09 -28.92
N THR A 178 5.29 -24.39 -29.59
CA THR A 178 4.08 -25.04 -30.07
C THR A 178 4.40 -26.04 -31.18
N LEU A 179 5.37 -25.71 -32.04
CA LEU A 179 5.74 -26.62 -33.13
C LEU A 179 6.53 -27.82 -32.61
N LEU A 180 7.27 -27.66 -31.52
CA LEU A 180 7.93 -28.81 -30.92
C LEU A 180 6.93 -29.73 -30.24
N LEU A 181 5.80 -29.17 -29.80
CA LEU A 181 4.80 -29.93 -29.08
C LEU A 181 3.80 -30.59 -30.03
N TYR A 182 3.34 -29.86 -31.05
CA TYR A 182 2.35 -30.34 -32.00
C TYR A 182 2.94 -30.62 -33.39
N LYS A 183 4.07 -31.32 -33.44
CA LYS A 183 4.84 -31.44 -34.68
C LYS A 183 3.97 -31.84 -35.88
N GLU A 184 3.26 -32.96 -35.79
CA GLU A 184 2.50 -33.47 -36.92
C GLU A 184 1.16 -32.76 -37.13
N LYS A 185 0.72 -31.95 -36.17
CA LYS A 185 -0.63 -31.40 -36.20
C LYS A 185 -0.68 -29.98 -36.72
N ILE A 186 0.43 -29.25 -36.71
CA ILE A 186 0.50 -27.91 -37.26
C ILE A 186 1.35 -27.97 -38.52
N ALA A 187 0.75 -27.66 -39.66
CA ALA A 187 1.44 -27.75 -40.94
C ALA A 187 1.72 -26.41 -41.57
N LYS A 188 0.93 -25.39 -41.26
CA LYS A 188 1.12 -24.05 -41.81
C LYS A 188 1.07 -23.06 -40.65
N VAL A 189 2.05 -22.16 -40.61
CA VAL A 189 2.09 -21.08 -39.62
C VAL A 189 1.99 -19.76 -40.36
N ASN A 190 1.05 -18.91 -39.93
CA ASN A 190 0.80 -17.62 -40.56
C ASN A 190 1.16 -16.52 -39.56
N ILE A 191 2.15 -15.71 -39.92
CA ILE A 191 2.61 -14.61 -39.08
C ILE A 191 1.99 -13.31 -39.59
N LEU A 192 1.31 -12.60 -38.69
CA LEU A 192 0.62 -11.35 -39.02
C LEU A 192 1.26 -10.22 -38.24
N ASN A 193 1.42 -9.07 -38.89
CA ASN A 193 2.08 -7.93 -38.26
C ASN A 193 1.62 -6.65 -38.94
N ARG A 194 1.96 -5.52 -38.30
CA ARG A 194 1.68 -4.22 -38.88
C ARG A 194 2.57 -3.94 -40.08
N THR A 195 3.86 -4.26 -39.96
CA THR A 195 4.80 -4.17 -41.07
C THR A 195 5.18 -5.58 -41.51
N LEU A 196 5.41 -5.74 -42.82
CA LEU A 196 5.71 -7.06 -43.36
C LEU A 196 7.18 -7.42 -43.25
N ALA A 197 8.05 -6.44 -43.00
CA ALA A 197 9.48 -6.71 -42.88
C ALA A 197 9.76 -7.66 -41.72
N ASN A 198 9.42 -7.23 -40.50
CA ASN A 198 9.65 -8.07 -39.33
C ASN A 198 8.88 -9.38 -39.40
N ALA A 199 7.76 -9.40 -40.13
CA ALA A 199 7.01 -10.64 -40.32
C ALA A 199 7.79 -11.63 -41.18
N GLU A 200 8.39 -11.15 -42.26
CA GLU A 200 9.15 -12.03 -43.14
C GLU A 200 10.43 -12.53 -42.49
N LYS A 201 11.07 -11.70 -41.65
CA LYS A 201 12.26 -12.15 -40.93
C LYS A 201 11.93 -13.30 -40.00
N LEU A 202 10.77 -13.25 -39.33
CA LEU A 202 10.39 -14.35 -38.45
C LEU A 202 10.07 -15.60 -39.24
N LYS A 203 9.40 -15.45 -40.39
CA LYS A 203 9.16 -16.60 -41.26
C LYS A 203 10.48 -17.24 -41.68
N GLU A 204 11.51 -16.43 -41.91
CA GLU A 204 12.80 -16.96 -42.33
C GLU A 204 13.47 -17.73 -41.20
N GLU A 205 13.67 -17.08 -40.05
CA GLU A 205 14.33 -17.73 -38.92
C GLU A 205 13.59 -19.00 -38.49
N LEU A 206 12.26 -18.92 -38.39
CA LEU A 206 11.48 -20.09 -38.00
C LEU A 206 11.39 -21.10 -39.15
N GLY A 207 11.42 -20.63 -40.39
CA GLY A 207 11.43 -21.55 -41.52
C GLY A 207 12.69 -22.37 -41.59
N LYS A 208 13.84 -21.76 -41.30
CA LYS A 208 15.10 -22.51 -41.27
C LYS A 208 15.10 -23.54 -40.16
N GLU A 209 14.40 -23.27 -39.05
CA GLU A 209 14.38 -24.20 -37.93
C GLU A 209 13.40 -25.34 -38.15
N PHE A 210 12.23 -25.04 -38.72
CA PHE A 210 11.17 -26.04 -38.95
C PHE A 210 10.98 -26.20 -40.45
N ASP A 211 11.62 -27.23 -41.02
CA ASP A 211 11.61 -27.44 -42.46
C ASP A 211 10.29 -28.02 -42.95
N ASN A 212 9.59 -28.79 -42.12
CA ASN A 212 8.35 -29.43 -42.53
C ASN A 212 7.13 -28.56 -42.30
N VAL A 213 7.33 -27.29 -41.95
CA VAL A 213 6.23 -26.36 -41.65
C VAL A 213 6.31 -25.19 -42.61
N GLU A 214 5.16 -24.80 -43.16
CA GLU A 214 5.07 -23.67 -44.08
C GLU A 214 4.78 -22.39 -43.33
N PHE A 215 5.68 -21.42 -43.43
CA PHE A 215 5.55 -20.13 -42.75
C PHE A 215 5.21 -19.04 -43.77
N ARG A 216 4.13 -18.32 -43.51
CA ARG A 216 3.68 -17.23 -44.36
C ARG A 216 3.54 -15.96 -43.54
N ALA A 217 3.85 -14.82 -44.17
CA ALA A 217 3.78 -13.51 -43.53
C ALA A 217 2.71 -12.67 -44.21
N PHE A 218 1.86 -12.03 -43.40
CA PHE A 218 0.76 -11.21 -43.89
C PHE A 218 0.72 -9.90 -43.11
N LEU A 219 0.00 -8.93 -43.65
CA LEU A 219 -0.21 -7.66 -42.97
C LEU A 219 -1.57 -7.64 -42.28
N PHE A 220 -1.65 -6.88 -41.18
CA PHE A 220 -2.92 -6.73 -40.49
C PHE A 220 -4.00 -6.17 -41.42
N GLU A 221 -3.61 -5.47 -42.47
CA GLU A 221 -4.55 -4.89 -43.42
C GLU A 221 -4.87 -5.82 -44.58
N GLU A 222 -4.02 -6.81 -44.87
CA GLU A 222 -4.30 -7.75 -45.94
C GLU A 222 -5.39 -8.75 -45.59
N ASP A 223 -6.53 -8.26 -45.10
CA ASP A 223 -7.66 -9.16 -44.90
C ASP A 223 -8.06 -9.75 -46.25
N GLU A 224 -8.83 -10.84 -46.20
CA GLU A 224 -9.23 -11.63 -47.36
C GLU A 224 -8.04 -12.45 -47.87
N LYS A 225 -6.81 -12.01 -47.55
CA LYS A 225 -5.62 -12.77 -47.88
C LYS A 225 -5.24 -13.73 -46.76
N PHE A 226 -5.46 -13.35 -45.51
CA PHE A 226 -5.17 -14.21 -44.37
C PHE A 226 -6.42 -14.84 -43.77
N LYS A 227 -7.60 -14.31 -44.08
CA LYS A 227 -8.84 -14.89 -43.58
C LYS A 227 -9.00 -16.38 -43.90
N PRO A 228 -8.70 -16.88 -45.11
CA PRO A 228 -8.78 -18.33 -45.32
C PRO A 228 -7.84 -19.11 -44.41
N HIS A 229 -6.62 -18.61 -44.19
CA HIS A 229 -5.72 -19.27 -43.25
C HIS A 229 -6.24 -19.14 -41.83
N MET A 230 -6.83 -17.99 -41.50
CA MET A 230 -7.38 -17.79 -40.17
C MET A 230 -8.57 -18.70 -39.91
N GLU A 231 -9.35 -19.02 -40.94
CA GLU A 231 -10.47 -19.94 -40.80
C GLU A 231 -10.04 -21.40 -40.87
N ASN A 232 -8.78 -21.66 -41.25
CA ASN A 232 -8.22 -23.01 -41.24
C ASN A 232 -7.26 -23.20 -40.07
N SER A 233 -7.40 -22.38 -39.02
CA SER A 233 -6.46 -22.35 -37.90
C SER A 233 -7.16 -22.77 -36.61
N SER A 234 -6.48 -23.59 -35.82
CA SER A 234 -6.99 -23.99 -34.52
C SER A 234 -6.30 -23.29 -33.35
N ILE A 235 -5.06 -22.82 -33.55
CA ILE A 235 -4.32 -22.09 -32.52
C ILE A 235 -4.07 -20.68 -33.03
N ILE A 236 -4.54 -19.69 -32.27
CA ILE A 236 -4.33 -18.29 -32.58
C ILE A 236 -3.61 -17.65 -31.40
N TYR A 237 -2.54 -16.91 -31.68
CA TYR A 237 -1.71 -16.29 -30.67
C TYR A 237 -1.76 -14.77 -30.81
N GLY A 238 -1.92 -14.08 -29.68
CA GLY A 238 -1.85 -12.63 -29.68
C GLY A 238 -0.57 -12.14 -29.02
N CYS A 239 0.38 -11.69 -29.84
CA CYS A 239 1.68 -11.21 -29.38
C CYS A 239 1.92 -9.77 -29.83
N THR A 240 0.88 -8.95 -29.73
CA THR A 240 0.90 -7.59 -30.23
C THR A 240 0.66 -6.60 -29.09
N PRO A 241 1.24 -5.41 -29.18
CA PRO A 241 0.93 -4.37 -28.19
C PRO A 241 -0.32 -3.61 -28.61
N SER A 242 -1.28 -4.31 -29.20
CA SER A 242 -2.42 -3.65 -29.82
C SER A 242 -3.31 -2.97 -28.79
N THR A 243 -3.83 -1.81 -29.15
CA THR A 243 -4.87 -1.10 -28.42
C THR A 243 -6.21 -1.22 -29.12
N SER A 244 -6.23 -1.87 -30.28
CA SER A 244 -7.43 -2.17 -31.03
C SER A 244 -7.36 -3.65 -31.39
N ALA A 245 -8.49 -4.34 -31.25
CA ALA A 245 -8.49 -5.78 -31.46
C ALA A 245 -7.96 -6.12 -32.85
N VAL A 246 -6.88 -6.88 -32.90
CA VAL A 246 -6.33 -7.30 -34.17
C VAL A 246 -6.90 -8.66 -34.57
N ILE A 247 -7.26 -9.49 -33.60
CA ILE A 247 -7.93 -10.76 -33.87
C ILE A 247 -9.42 -10.49 -33.87
N LYS A 248 -10.02 -10.47 -35.05
CA LYS A 248 -11.42 -10.13 -35.23
C LYS A 248 -12.27 -11.38 -35.31
N LYS A 249 -13.47 -11.31 -34.74
CA LYS A 249 -14.35 -12.48 -34.68
C LYS A 249 -14.72 -12.98 -36.08
N ASP A 250 -14.91 -12.07 -37.04
CA ASP A 250 -15.33 -12.49 -38.36
C ASP A 250 -14.22 -13.10 -39.18
N HIS A 251 -12.98 -13.06 -38.69
CA HIS A 251 -11.85 -13.70 -39.36
C HIS A 251 -11.54 -15.09 -38.81
N LEU A 252 -12.20 -15.49 -37.73
CA LEU A 252 -11.92 -16.76 -37.07
C LEU A 252 -12.92 -17.82 -37.50
N ASN A 253 -12.51 -19.08 -37.36
CA ASN A 253 -13.42 -20.18 -37.65
C ASN A 253 -14.51 -20.24 -36.58
N LYS A 254 -15.75 -20.36 -37.02
CA LYS A 254 -16.90 -20.42 -36.13
C LYS A 254 -17.59 -21.78 -36.18
N ASP A 255 -16.94 -22.77 -36.76
CA ASP A 255 -17.51 -24.10 -36.88
C ASP A 255 -17.34 -24.86 -35.57
N PRO A 256 -18.42 -25.23 -34.87
CA PRO A 256 -18.27 -25.94 -33.60
C PRO A 256 -17.58 -27.28 -33.72
N LYS A 257 -17.51 -27.86 -34.92
CA LYS A 257 -16.85 -29.14 -35.07
C LYS A 257 -15.34 -29.04 -34.91
N TYR A 258 -14.77 -27.85 -35.05
CA TYR A 258 -13.33 -27.65 -34.94
C TYR A 258 -13.02 -26.85 -33.68
N ARG A 259 -11.98 -27.29 -32.96
CA ARG A 259 -11.56 -26.62 -31.73
C ARG A 259 -10.62 -25.46 -32.06
N LYS A 260 -10.80 -24.35 -31.36
CA LYS A 260 -9.94 -23.18 -31.50
C LYS A 260 -9.50 -22.72 -30.11
N PHE A 261 -8.19 -22.57 -29.92
CA PHE A 261 -7.62 -22.12 -28.66
C PHE A 261 -6.87 -20.82 -28.92
N ILE A 262 -7.32 -19.74 -28.29
CA ILE A 262 -6.74 -18.41 -28.46
C ILE A 262 -6.01 -18.04 -27.18
N SER A 263 -4.68 -17.96 -27.25
CA SER A 263 -3.85 -17.54 -26.13
C SER A 263 -3.40 -16.11 -26.37
N LEU A 264 -3.85 -15.19 -25.52
CA LEU A 264 -3.51 -13.77 -25.63
C LEU A 264 -2.52 -13.39 -24.54
N ILE A 265 -1.42 -12.76 -24.94
CA ILE A 265 -0.35 -12.41 -24.01
C ILE A 265 0.04 -10.94 -24.17
N GLY A 266 -0.42 -10.30 -25.23
CA GLY A 266 0.09 -8.98 -25.54
C GLY A 266 -0.42 -7.87 -24.63
N SER A 267 -1.70 -7.89 -24.28
CA SER A 267 -2.27 -6.79 -23.50
C SER A 267 -1.80 -6.85 -22.05
N TYR A 268 -1.36 -5.70 -21.53
CA TYR A 268 -0.99 -5.57 -20.12
C TYR A 268 -1.50 -4.29 -19.48
N LYS A 269 -2.23 -3.45 -20.22
CA LYS A 269 -2.85 -2.23 -19.71
C LYS A 269 -4.31 -2.23 -20.13
N PRO A 270 -5.19 -1.61 -19.34
CA PRO A 270 -6.62 -1.71 -19.65
C PRO A 270 -7.01 -1.19 -21.04
N HIS A 271 -6.23 -0.29 -21.63
CA HIS A 271 -6.56 0.22 -22.96
C HIS A 271 -5.99 -0.66 -24.07
N MET A 272 -5.25 -1.71 -23.72
CA MET A 272 -4.66 -2.61 -24.70
C MET A 272 -5.57 -3.83 -24.84
N ILE A 273 -5.93 -4.16 -26.08
CA ILE A 273 -6.82 -5.28 -26.36
C ILE A 273 -6.42 -5.91 -27.68
N GLU A 274 -6.52 -7.23 -27.74
CA GLU A 274 -6.13 -7.99 -28.92
C GLU A 274 -7.27 -8.77 -29.56
N LEU A 275 -8.25 -9.21 -28.78
CA LEU A 275 -9.33 -10.03 -29.29
C LEU A 275 -10.59 -9.17 -29.43
N ASP A 276 -11.33 -9.41 -30.51
CA ASP A 276 -12.58 -8.72 -30.78
C ASP A 276 -13.42 -8.62 -29.51
N LEU A 277 -13.78 -7.38 -29.14
CA LEU A 277 -14.57 -7.17 -27.93
C LEU A 277 -15.97 -7.76 -28.06
N GLU A 278 -16.47 -7.92 -29.29
CA GLU A 278 -17.74 -8.61 -29.49
C GLU A 278 -17.64 -10.06 -29.05
N LEU A 279 -16.56 -10.74 -29.45
CA LEU A 279 -16.34 -12.12 -29.02
C LEU A 279 -16.16 -12.19 -27.50
N MET A 280 -15.47 -11.20 -26.93
CA MET A 280 -15.32 -11.16 -25.47
C MET A 280 -16.68 -11.03 -24.81
N ASN A 281 -17.56 -10.19 -25.36
CA ASN A 281 -18.89 -10.05 -24.81
C ASN A 281 -19.73 -11.29 -25.06
N ASP A 282 -19.56 -11.92 -26.22
CA ASP A 282 -20.26 -13.18 -26.50
C ASP A 282 -19.86 -14.25 -25.50
N PHE A 283 -18.56 -14.34 -25.19
CA PHE A 283 -18.11 -15.31 -24.21
C PHE A 283 -18.70 -15.02 -22.83
N LYS A 284 -18.83 -13.74 -22.47
CA LYS A 284 -19.39 -13.37 -21.18
C LYS A 284 -20.86 -13.77 -21.09
N ASN A 285 -21.66 -13.36 -22.08
CA ASN A 285 -23.09 -13.62 -22.07
C ASN A 285 -23.43 -15.09 -22.22
N ASN A 286 -22.53 -15.90 -22.79
CA ASN A 286 -22.75 -17.32 -22.91
C ASN A 286 -22.25 -18.12 -21.72
N GLY A 287 -21.76 -17.44 -20.68
CA GLY A 287 -21.35 -18.13 -19.47
C GLY A 287 -20.07 -18.92 -19.61
N VAL A 288 -19.20 -18.52 -20.53
CA VAL A 288 -17.94 -19.19 -20.78
C VAL A 288 -16.87 -18.62 -19.85
N LYS A 289 -16.10 -19.51 -19.24
CA LYS A 289 -14.96 -19.10 -18.41
C LYS A 289 -13.73 -18.93 -19.28
N VAL A 290 -13.01 -17.83 -19.06
CA VAL A 290 -11.79 -17.53 -19.79
C VAL A 290 -10.60 -17.99 -18.96
N ILE A 291 -9.65 -18.65 -19.60
CA ILE A 291 -8.43 -19.08 -18.92
C ILE A 291 -7.51 -17.89 -18.71
N VAL A 292 -6.99 -17.75 -17.49
CA VAL A 292 -6.09 -16.66 -17.14
C VAL A 292 -4.96 -17.24 -16.31
N ASP A 293 -3.85 -16.50 -16.24
CA ASP A 293 -2.77 -16.93 -15.35
C ASP A 293 -3.07 -16.55 -13.90
N SER A 294 -3.52 -15.31 -13.68
CA SER A 294 -3.92 -14.84 -12.36
C SER A 294 -5.16 -13.97 -12.50
N LYS A 295 -6.23 -14.34 -11.79
CA LYS A 295 -7.48 -13.59 -11.90
C LYS A 295 -7.31 -12.15 -11.44
N GLU A 296 -6.53 -11.92 -10.39
CA GLU A 296 -6.33 -10.57 -9.88
C GLU A 296 -5.64 -9.70 -10.91
N HIS A 297 -4.51 -10.17 -11.45
CA HIS A 297 -3.73 -9.37 -12.39
C HIS A 297 -4.48 -9.18 -13.70
N THR A 298 -5.16 -10.22 -14.20
CA THR A 298 -5.85 -10.09 -15.48
C THR A 298 -7.02 -9.10 -15.40
N LEU A 299 -7.76 -9.12 -14.29
CA LEU A 299 -8.88 -8.20 -14.13
C LEU A 299 -8.43 -6.78 -13.82
N HIS A 300 -7.14 -6.55 -13.60
CA HIS A 300 -6.60 -5.23 -13.39
C HIS A 300 -5.65 -4.78 -14.50
N GLU A 301 -5.34 -5.66 -15.46
CA GLU A 301 -4.35 -5.35 -16.49
C GLU A 301 -4.78 -5.73 -17.90
N ALA A 302 -5.69 -6.66 -18.09
CA ALA A 302 -6.05 -7.15 -19.42
C ALA A 302 -7.29 -6.42 -19.93
N GLY A 303 -7.13 -5.68 -21.03
CA GLY A 303 -8.23 -4.94 -21.60
C GLY A 303 -9.32 -5.83 -22.18
N GLU A 304 -8.98 -7.07 -22.56
CA GLU A 304 -9.99 -7.99 -23.06
C GLU A 304 -11.02 -8.31 -21.99
N LEU A 305 -10.61 -8.32 -20.72
CA LEU A 305 -11.51 -8.58 -19.62
C LEU A 305 -12.03 -7.31 -18.97
N ILE A 306 -11.22 -6.25 -18.94
CA ILE A 306 -11.63 -5.01 -18.28
C ILE A 306 -12.67 -4.28 -19.13
N GLN A 307 -12.53 -4.31 -20.45
CA GLN A 307 -13.47 -3.62 -21.32
C GLN A 307 -14.72 -4.45 -21.60
N SER A 308 -14.75 -5.71 -21.19
CA SER A 308 -15.91 -6.56 -21.36
C SER A 308 -16.72 -6.75 -20.09
N GLY A 309 -16.19 -6.34 -18.94
CA GLY A 309 -16.89 -6.47 -17.68
C GLY A 309 -16.82 -7.84 -17.05
N TYR A 310 -15.77 -8.59 -17.33
CA TYR A 310 -15.63 -9.95 -16.80
C TYR A 310 -15.44 -9.93 -15.29
N THR A 311 -15.85 -11.01 -14.65
CA THR A 311 -15.77 -11.17 -13.21
C THR A 311 -14.93 -12.40 -12.87
N SER A 312 -14.44 -12.44 -11.62
CA SER A 312 -13.58 -13.54 -11.19
C SER A 312 -14.29 -14.88 -11.29
N ASP A 313 -15.60 -14.91 -11.05
CA ASP A 313 -16.35 -16.16 -11.10
C ASP A 313 -16.43 -16.76 -12.50
N GLN A 314 -16.38 -15.93 -13.54
CA GLN A 314 -16.36 -16.44 -14.91
C GLN A 314 -14.95 -16.58 -15.46
N LEU A 315 -13.97 -16.79 -14.60
CA LEU A 315 -12.58 -16.97 -14.98
C LEU A 315 -12.05 -18.24 -14.33
N ILE A 316 -11.01 -18.82 -14.94
CA ILE A 316 -10.34 -19.99 -14.41
C ILE A 316 -8.85 -19.84 -14.66
N GLU A 317 -8.05 -20.20 -13.65
CA GLU A 317 -6.61 -20.07 -13.75
C GLU A 317 -6.01 -21.32 -14.42
N ILE A 318 -4.85 -21.14 -15.05
CA ILE A 318 -4.26 -22.20 -15.86
C ILE A 318 -3.99 -23.44 -15.01
N HIS A 319 -3.36 -23.25 -13.86
CA HIS A 319 -3.07 -24.39 -12.98
C HIS A 319 -4.34 -25.12 -12.57
N GLU A 320 -5.46 -24.40 -12.47
CA GLU A 320 -6.73 -25.04 -12.12
C GLU A 320 -7.27 -25.92 -13.24
N LEU A 321 -6.80 -25.75 -14.47
CA LEU A 321 -7.18 -26.67 -15.54
C LEU A 321 -6.65 -28.06 -15.26
N TYR A 322 -5.68 -28.19 -14.36
CA TYR A 322 -5.12 -29.46 -13.94
C TYR A 322 -5.77 -29.95 -12.66
N GLU A 323 -6.84 -29.30 -12.22
CA GLU A 323 -7.63 -29.72 -11.07
C GLU A 323 -9.03 -30.18 -11.48
N THR A 324 -9.29 -30.25 -12.79
CA THR A 324 -10.59 -30.68 -13.30
C THR A 324 -10.38 -31.26 -14.69
N GLU A 325 -11.44 -31.89 -15.20
CA GLU A 325 -11.43 -32.46 -16.54
C GLU A 325 -12.65 -32.06 -17.37
N GLU A 326 -13.54 -31.24 -16.82
CA GLU A 326 -14.72 -30.76 -17.56
C GLU A 326 -14.37 -29.41 -18.18
N PHE A 327 -13.87 -29.46 -19.41
CA PHE A 327 -13.46 -28.26 -20.14
C PHE A 327 -14.61 -27.65 -20.94
N SER A 328 -15.85 -28.04 -20.65
CA SER A 328 -16.99 -27.42 -21.33
C SER A 328 -17.33 -26.05 -20.76
N THR A 329 -16.73 -25.67 -19.63
CA THR A 329 -16.90 -24.32 -19.10
C THR A 329 -15.99 -23.31 -19.78
N ILE A 330 -14.91 -23.78 -20.41
CA ILE A 330 -13.96 -22.93 -21.11
C ILE A 330 -14.10 -23.05 -22.62
N THR A 331 -15.19 -23.65 -23.08
CA THR A 331 -15.43 -23.86 -24.51
C THR A 331 -16.83 -23.36 -24.82
N ASP A 332 -16.93 -22.39 -25.71
CA ASP A 332 -18.24 -21.94 -26.20
C ASP A 332 -18.72 -22.97 -27.21
N ALA A 333 -19.81 -23.68 -26.89
CA ALA A 333 -20.28 -24.75 -27.75
C ALA A 333 -20.78 -24.24 -29.09
N THR A 334 -21.12 -22.96 -29.17
CA THR A 334 -21.62 -22.39 -30.42
C THR A 334 -20.52 -22.25 -31.47
N THR A 335 -19.25 -22.21 -31.06
CA THR A 335 -18.15 -22.04 -31.99
C THR A 335 -17.00 -23.01 -31.78
N GLY A 336 -16.88 -23.65 -30.63
CA GLY A 336 -15.72 -24.48 -30.35
C GLY A 336 -14.48 -23.68 -29.99
N THR A 337 -14.66 -22.48 -29.44
CA THR A 337 -13.56 -21.55 -29.19
C THR A 337 -13.23 -21.50 -27.70
N THR A 338 -11.94 -21.45 -27.40
CA THR A 338 -11.43 -21.27 -26.05
C THR A 338 -10.46 -20.10 -26.06
N VAL A 339 -10.57 -19.23 -25.05
CA VAL A 339 -9.76 -18.01 -24.96
C VAL A 339 -8.93 -18.07 -23.70
N GLN A 340 -7.63 -17.79 -23.84
CA GLN A 340 -6.71 -17.73 -22.71
C GLN A 340 -5.99 -16.39 -22.75
N LYS A 341 -5.97 -15.69 -21.61
CA LYS A 341 -5.35 -14.38 -21.50
C LYS A 341 -4.25 -14.41 -20.44
N ILE A 342 -3.05 -13.97 -20.83
CA ILE A 342 -1.88 -13.97 -19.94
C ILE A 342 -1.39 -12.54 -19.79
N VAL A 343 -1.22 -12.11 -18.54
CA VAL A 343 -0.67 -10.79 -18.25
C VAL A 343 0.74 -10.86 -17.68
N GLY A 344 1.14 -11.96 -17.08
CA GLY A 344 2.47 -12.07 -16.52
C GLY A 344 2.48 -12.15 -15.01
N LEU A 345 3.37 -12.98 -14.48
CA LEU A 345 3.54 -13.17 -13.05
C LEU A 345 5.02 -13.32 -12.74
N SER A 346 5.47 -12.68 -11.65
CA SER A 346 6.88 -12.72 -11.30
C SER A 346 7.33 -14.13 -10.94
N ILE A 347 6.42 -14.95 -10.41
CA ILE A 347 6.73 -16.34 -10.09
C ILE A 347 7.14 -17.11 -11.35
N MET A 348 6.55 -16.78 -12.49
CA MET A 348 6.93 -17.43 -13.74
C MET A 348 8.40 -17.18 -14.08
N ASP A 349 8.87 -15.95 -13.91
CA ASP A 349 10.26 -15.63 -14.24
C ASP A 349 11.24 -16.32 -13.29
N LEU A 350 10.89 -16.39 -12.00
CA LEU A 350 11.82 -16.93 -11.01
C LEU A 350 11.82 -18.44 -10.97
N CYS A 351 10.65 -19.07 -11.15
CA CYS A 351 10.64 -20.54 -11.12
C CYS A 351 11.35 -21.12 -12.32
N MET A 352 11.23 -20.46 -13.48
CA MET A 352 11.99 -20.90 -14.65
C MET A 352 13.44 -20.44 -14.57
N GLY A 353 13.69 -19.29 -13.96
CA GLY A 353 15.06 -18.83 -13.77
C GLY A 353 15.83 -19.68 -12.78
N LYS A 354 15.17 -20.12 -11.71
CA LYS A 354 15.81 -21.01 -10.75
C LYS A 354 16.16 -22.34 -11.41
N TYR A 355 15.26 -22.88 -12.24
CA TYR A 355 15.54 -24.11 -12.95
C TYR A 355 16.75 -23.97 -13.87
N ILE A 356 16.79 -22.87 -14.63
CA ILE A 356 17.90 -22.65 -15.56
C ILE A 356 19.21 -22.48 -14.79
N TYR A 357 19.18 -21.74 -13.68
CA TYR A 357 20.41 -21.53 -12.90
C TYR A 357 20.96 -22.84 -12.36
N GLU A 358 20.07 -23.76 -11.99
CA GLU A 358 20.49 -25.05 -11.44
C GLU A 358 20.83 -26.07 -12.51
N ASN A 359 20.64 -25.75 -13.78
CA ASN A 359 20.89 -26.68 -14.87
C ASN A 359 21.79 -26.12 -15.95
N ILE A 360 22.19 -24.85 -15.87
CA ILE A 360 23.05 -24.26 -16.89
C ILE A 360 24.49 -24.66 -16.62
N GLN A 361 25.22 -24.95 -17.68
CA GLN A 361 26.62 -25.33 -17.59
C GLN A 361 27.50 -24.07 -17.58
N ASP A 362 28.71 -24.23 -17.05
CA ASP A 362 29.62 -23.09 -16.94
C ASP A 362 29.99 -22.52 -18.31
N ASP A 363 29.76 -23.27 -19.39
CA ASP A 363 30.05 -22.74 -20.72
C ASP A 363 29.06 -21.68 -21.16
N ASP A 364 27.83 -21.71 -20.65
CA ASP A 364 26.79 -20.77 -21.03
C ASP A 364 26.42 -19.83 -19.89
N ALA A 365 27.42 -19.32 -19.18
CA ALA A 365 27.21 -18.41 -18.07
C ALA A 365 28.53 -17.77 -17.71
N VAL A 366 28.46 -16.51 -17.25
CA VAL A 366 29.64 -15.80 -16.78
C VAL A 366 29.69 -16.01 -15.27
N VAL A 367 30.50 -16.98 -14.85
CA VAL A 367 30.59 -17.32 -13.44
C VAL A 367 31.58 -16.36 -12.78
N VAL A 368 31.11 -15.68 -11.74
CA VAL A 368 31.91 -14.69 -11.01
C VAL A 368 32.25 -15.27 -9.66
N ASN A 369 33.55 -15.34 -9.34
CA ASN A 369 34.03 -15.90 -8.10
C ASN A 369 34.32 -14.79 -7.10
N ASP A 370 34.07 -15.07 -5.82
CA ASP A 370 34.31 -14.14 -4.73
C ASP A 370 33.50 -12.85 -4.90
N PHE A 371 32.18 -13.01 -4.91
CA PHE A 371 31.25 -11.88 -5.08
C PHE A 371 31.12 -11.09 -3.78
N SER B 19 28.15 -2.12 -25.13
CA SER B 19 27.17 -2.08 -24.05
C SER B 19 27.40 -3.26 -23.09
N HIS B 20 27.48 -2.95 -21.80
CA HIS B 20 27.88 -3.96 -20.83
C HIS B 20 27.42 -3.57 -19.44
N MET B 21 27.29 -4.57 -18.58
CA MET B 21 26.97 -4.38 -17.17
C MET B 21 28.20 -4.73 -16.35
N LYS B 22 28.23 -4.26 -15.09
CA LYS B 22 29.40 -4.42 -14.24
C LYS B 22 29.00 -5.07 -12.92
N VAL B 23 29.65 -6.19 -12.61
CA VAL B 23 29.51 -6.85 -11.32
C VAL B 23 30.63 -6.34 -10.41
N ILE B 24 30.26 -5.61 -9.37
CA ILE B 24 31.23 -5.04 -8.44
C ILE B 24 31.18 -5.89 -7.17
N ARG B 25 32.22 -6.67 -6.93
CA ARG B 25 32.25 -7.57 -5.78
C ARG B 25 32.81 -6.85 -4.55
N ASP B 26 32.64 -7.50 -3.39
CA ASP B 26 33.12 -6.94 -2.13
C ASP B 26 34.59 -6.56 -2.21
N LYS B 27 35.42 -7.46 -2.74
CA LYS B 27 36.84 -7.15 -2.89
C LYS B 27 37.04 -5.97 -3.81
N ASP B 28 36.23 -5.87 -4.87
CA ASP B 28 36.35 -4.77 -5.82
C ASP B 28 36.02 -3.44 -5.16
N ILE B 29 34.97 -3.42 -4.32
CA ILE B 29 34.61 -2.20 -3.61
C ILE B 29 35.73 -1.76 -2.67
N LYS B 30 36.24 -2.70 -1.87
CA LYS B 30 37.33 -2.38 -0.95
C LYS B 30 38.55 -1.85 -1.70
N SER B 31 38.81 -2.39 -2.89
CA SER B 31 39.92 -1.90 -3.71
C SER B 31 39.69 -0.45 -4.14
N PHE B 32 38.56 -0.18 -4.78
CA PHE B 32 38.26 1.17 -5.23
C PHE B 32 38.33 2.18 -4.08
N LEU B 33 37.71 1.83 -2.95
CA LEU B 33 37.70 2.75 -1.81
C LEU B 33 39.10 3.00 -1.27
N ASN B 34 39.85 1.93 -1.00
CA ASN B 34 41.21 2.09 -0.48
C ASN B 34 42.08 2.91 -1.41
N LYS B 35 41.81 2.88 -2.71
CA LYS B 35 42.61 3.60 -3.68
C LYS B 35 42.17 5.05 -3.87
N ARG B 36 41.03 5.44 -3.32
CA ARG B 36 40.48 6.78 -3.56
C ARG B 36 40.06 7.49 -2.29
N LEU B 37 40.34 6.93 -1.11
CA LEU B 37 39.87 7.50 0.15
C LEU B 37 40.99 8.30 0.81
N THR B 38 40.81 9.62 0.90
CA THR B 38 41.71 10.51 1.60
C THR B 38 40.87 11.54 2.33
N ARG B 39 41.50 12.29 3.24
CA ARG B 39 40.81 13.39 3.90
C ARG B 39 40.15 14.31 2.90
N GLU B 40 40.90 14.72 1.87
CA GLU B 40 40.36 15.57 0.83
C GLU B 40 39.29 14.86 0.02
N SER B 41 39.59 13.63 -0.42
CA SER B 41 38.63 12.82 -1.16
C SER B 41 37.32 12.68 -0.39
N ILE B 42 37.40 12.39 0.91
CA ILE B 42 36.20 12.26 1.72
C ILE B 42 35.42 13.58 1.73
N PHE B 43 36.13 14.68 1.91
CA PHE B 43 35.48 15.99 2.03
C PHE B 43 35.01 16.52 0.69
N SER B 44 35.71 16.21 -0.40
CA SER B 44 35.44 16.85 -1.69
C SER B 44 34.59 16.00 -2.63
N GLN B 45 34.57 14.68 -2.45
CA GLN B 45 33.86 13.81 -3.37
C GLN B 45 32.88 12.89 -2.66
N PHE B 46 33.35 12.12 -1.69
CA PHE B 46 32.51 11.09 -1.07
C PHE B 46 31.41 11.71 -0.21
N GLN B 47 31.80 12.47 0.81
CA GLN B 47 30.80 13.14 1.66
C GLN B 47 29.81 14.00 0.87
N PRO B 48 30.24 14.85 -0.09
CA PRO B 48 29.25 15.64 -0.84
C PRO B 48 28.18 14.81 -1.54
N VAL B 49 28.55 13.67 -2.13
CA VAL B 49 27.54 12.84 -2.79
C VAL B 49 26.51 12.33 -1.78
N LEU B 50 26.98 11.89 -0.62
CA LEU B 50 26.05 11.38 0.39
C LEU B 50 25.14 12.48 0.91
N LEU B 51 25.69 13.68 1.13
CA LEU B 51 24.87 14.80 1.57
C LEU B 51 23.79 15.13 0.53
N ARG B 52 24.16 15.12 -0.75
CA ARG B 52 23.19 15.41 -1.80
C ARG B 52 22.09 14.34 -1.83
N GLY B 53 22.47 13.07 -1.71
CA GLY B 53 21.46 12.02 -1.67
C GLY B 53 20.53 12.14 -0.47
N LEU B 54 21.08 12.43 0.70
CA LEU B 54 20.27 12.55 1.90
C LEU B 54 19.34 13.76 1.82
N ALA B 55 19.83 14.89 1.30
CA ALA B 55 19.00 16.06 1.15
C ALA B 55 17.96 15.88 0.04
N THR B 56 18.39 15.33 -1.11
CA THR B 56 17.45 15.05 -2.18
C THR B 56 16.34 14.13 -1.71
N TYR B 57 16.69 13.09 -0.93
CA TYR B 57 15.68 12.18 -0.41
C TYR B 57 14.72 12.91 0.52
N ALA B 58 15.25 13.75 1.41
CA ALA B 58 14.38 14.44 2.36
C ALA B 58 13.42 15.40 1.68
N ALA B 59 13.71 15.84 0.46
CA ALA B 59 12.84 16.78 -0.23
C ALA B 59 11.60 16.09 -0.80
N ASN B 60 11.79 14.97 -1.48
CA ASN B 60 10.70 14.18 -2.04
C ASN B 60 10.87 12.74 -1.58
N PRO B 61 10.66 12.47 -0.29
CA PRO B 61 10.98 11.14 0.26
C PRO B 61 10.19 9.98 -0.34
N ASN B 62 8.86 10.10 -0.36
CA ASN B 62 8.03 8.97 -0.77
C ASN B 62 8.13 8.67 -2.26
N ALA B 63 8.61 9.62 -3.06
CA ALA B 63 8.75 9.41 -4.49
C ALA B 63 10.08 8.76 -4.87
N ILE B 64 11.10 8.93 -4.04
CA ILE B 64 12.42 8.36 -4.32
C ILE B 64 12.59 6.99 -3.69
N VAL B 65 12.29 6.87 -2.39
CA VAL B 65 12.37 5.58 -1.71
C VAL B 65 10.97 5.13 -1.31
N PRO B 66 10.28 4.36 -2.14
CA PRO B 66 8.94 3.86 -1.78
C PRO B 66 9.04 2.91 -0.60
N PRO B 67 7.93 2.70 0.12
CA PRO B 67 7.95 1.75 1.23
C PRO B 67 8.51 0.39 0.81
N ARG B 68 9.37 -0.16 1.67
CA ARG B 68 10.08 -1.39 1.40
C ARG B 68 9.15 -2.59 1.55
N ILE B 69 9.50 -3.68 0.86
CA ILE B 69 8.78 -4.93 0.95
C ILE B 69 9.61 -5.89 1.77
N VAL B 70 9.03 -6.37 2.88
CA VAL B 70 9.71 -7.29 3.78
C VAL B 70 8.88 -8.58 3.81
N GLN B 71 9.53 -9.69 3.49
CA GLN B 71 8.86 -10.98 3.50
C GLN B 71 9.78 -12.03 4.10
N GLN B 72 9.27 -12.77 5.08
CA GLN B 72 9.98 -13.88 5.68
C GLN B 72 9.92 -15.09 4.76
N SER B 73 10.93 -15.94 4.86
CA SER B 73 11.02 -17.11 3.99
C SER B 73 9.74 -17.95 4.07
N ASN B 74 9.23 -18.32 2.90
CA ASN B 74 8.11 -19.25 2.83
C ASN B 74 8.60 -20.68 2.76
N ASN B 75 9.88 -20.90 3.01
CA ASN B 75 10.45 -22.24 3.13
C ASN B 75 10.41 -22.66 4.59
N SER B 76 10.05 -23.92 4.81
CA SER B 76 9.98 -24.47 6.17
C SER B 76 11.34 -24.75 6.78
N GLU B 77 12.43 -24.68 6.01
CA GLU B 77 13.77 -24.99 6.51
C GLU B 77 14.67 -23.75 6.54
N SER B 78 14.10 -22.57 6.72
CA SER B 78 14.86 -21.34 6.74
C SER B 78 14.20 -20.33 7.68
N ASP B 79 15.02 -19.59 8.42
CA ASP B 79 14.55 -18.51 9.27
C ASP B 79 14.96 -17.14 8.74
N THR B 80 15.31 -17.06 7.46
CA THR B 80 15.79 -15.84 6.84
C THR B 80 14.63 -14.98 6.37
N THR B 81 14.72 -13.67 6.61
CA THR B 81 13.77 -12.69 6.11
C THR B 81 14.43 -11.84 5.02
N HIS B 82 13.75 -11.69 3.89
CA HIS B 82 14.27 -10.95 2.75
C HIS B 82 13.66 -9.56 2.68
N VAL B 83 14.50 -8.56 2.43
CA VAL B 83 14.07 -7.17 2.35
C VAL B 83 14.43 -6.63 0.98
N PHE B 84 13.45 -6.01 0.32
CA PHE B 84 13.60 -5.43 -1.01
C PHE B 84 13.43 -3.92 -0.88
N MET B 85 14.50 -3.16 -1.12
CA MET B 85 14.51 -1.72 -0.90
C MET B 85 14.81 -0.98 -2.20
N PRO B 86 13.79 -0.61 -2.98
CA PRO B 86 14.02 0.16 -4.19
C PRO B 86 14.26 1.63 -3.90
N CYS B 87 15.06 2.26 -4.76
CA CYS B 87 15.35 3.68 -4.64
C CYS B 87 15.30 4.29 -6.04
N ILE B 88 14.45 5.30 -6.22
CA ILE B 88 14.29 5.95 -7.52
C ILE B 88 14.54 7.45 -7.37
N SER B 89 15.81 7.82 -7.27
CA SER B 89 16.26 9.20 -7.20
C SER B 89 16.43 9.78 -8.60
N PRO B 90 16.46 11.10 -8.74
CA PRO B 90 16.72 11.70 -10.06
C PRO B 90 17.98 11.17 -10.73
N THR B 91 19.02 10.82 -9.96
CA THR B 91 20.29 10.40 -10.52
C THR B 91 20.68 8.97 -10.18
N GLU B 92 20.23 8.42 -9.06
CA GLU B 92 20.60 7.07 -8.63
C GLU B 92 19.33 6.24 -8.52
N VAL B 93 19.17 5.31 -9.45
CA VAL B 93 17.99 4.47 -9.54
C VAL B 93 18.39 3.01 -9.41
N GLY B 94 17.62 2.25 -8.63
CA GLY B 94 17.90 0.83 -8.47
C GLY B 94 17.19 0.28 -7.25
N ILE B 95 17.74 -0.80 -6.71
CA ILE B 95 17.14 -1.48 -5.57
C ILE B 95 18.24 -2.14 -4.76
N LYS B 96 18.08 -2.14 -3.44
CA LYS B 96 18.93 -2.86 -2.51
C LYS B 96 18.15 -4.03 -1.93
N VAL B 97 18.69 -5.23 -2.09
CA VAL B 97 18.08 -6.46 -1.57
C VAL B 97 18.99 -7.00 -0.46
N ILE B 98 18.47 -7.08 0.75
CA ILE B 98 19.20 -7.61 1.90
C ILE B 98 18.40 -8.74 2.52
N SER B 99 19.11 -9.71 3.08
CA SER B 99 18.49 -10.88 3.69
C SER B 99 19.27 -11.28 4.93
N GLY B 100 18.55 -11.55 6.01
CA GLY B 100 19.18 -11.96 7.25
C GLY B 100 18.21 -12.76 8.11
N GLY B 101 18.64 -13.02 9.33
CA GLY B 101 17.84 -13.78 10.26
C GLY B 101 18.68 -14.64 11.19
N PRO B 102 18.01 -15.42 12.06
CA PRO B 102 18.73 -16.29 13.00
C PRO B 102 19.74 -17.22 12.35
N SER B 103 19.30 -18.01 11.37
CA SER B 103 20.19 -18.98 10.73
C SER B 103 21.42 -18.30 10.12
N ASN B 104 21.22 -17.17 9.44
CA ASN B 104 22.34 -16.49 8.79
C ASN B 104 23.36 -15.99 9.79
N ASN B 105 22.92 -15.61 11.00
CA ASN B 105 23.85 -15.10 11.99
C ASN B 105 24.63 -16.23 12.64
N THR B 106 23.97 -17.36 12.90
CA THR B 106 24.63 -18.50 13.52
C THR B 106 25.67 -19.14 12.60
N LYS B 107 25.74 -18.73 11.33
CA LYS B 107 26.68 -19.29 10.37
C LYS B 107 27.76 -18.29 9.96
N GLY B 108 27.84 -17.13 10.61
CA GLY B 108 28.79 -16.11 10.24
C GLY B 108 28.41 -15.30 9.03
N LEU B 109 27.28 -15.59 8.38
CA LEU B 109 26.87 -14.87 7.18
C LEU B 109 26.31 -13.50 7.54
N GLY B 110 25.36 -13.44 8.47
CA GLY B 110 24.71 -12.19 8.78
C GLY B 110 23.80 -11.74 7.65
N PHE B 111 23.71 -10.43 7.48
CA PHE B 111 22.91 -9.85 6.41
C PHE B 111 23.63 -9.98 5.06
N GLN B 112 23.02 -10.70 4.13
CA GLN B 112 23.59 -10.90 2.81
C GLN B 112 22.65 -10.35 1.75
N GLY B 113 23.23 -9.88 0.65
CA GLY B 113 22.42 -9.34 -0.43
C GLY B 113 23.28 -8.59 -1.43
N CYS B 114 22.61 -7.77 -2.25
CA CYS B 114 23.29 -7.04 -3.30
C CYS B 114 22.55 -5.74 -3.55
N VAL B 115 23.22 -4.82 -4.25
CA VAL B 115 22.63 -3.55 -4.66
C VAL B 115 22.67 -3.47 -6.18
N MET B 116 21.53 -3.17 -6.79
CA MET B 116 21.40 -3.08 -8.23
C MET B 116 21.30 -1.62 -8.65
N ILE B 117 22.15 -1.22 -9.59
CA ILE B 117 22.16 0.14 -10.12
C ILE B 117 21.66 0.07 -11.56
N LEU B 118 20.69 0.92 -11.88
CA LEU B 118 20.05 0.91 -13.19
C LEU B 118 20.32 2.22 -13.91
N ASP B 119 20.12 2.19 -15.23
CA ASP B 119 20.21 3.40 -16.03
C ASP B 119 19.09 4.35 -15.67
N GLU B 120 19.44 5.60 -15.35
CA GLU B 120 18.45 6.56 -14.87
C GLU B 120 17.46 6.99 -15.95
N VAL B 121 17.64 6.57 -17.19
CA VAL B 121 16.74 6.94 -18.28
C VAL B 121 16.04 5.74 -18.88
N THR B 122 16.73 4.60 -19.00
CA THR B 122 16.17 3.40 -19.61
C THR B 122 15.77 2.35 -18.59
N GLY B 123 16.41 2.31 -17.43
CA GLY B 123 16.15 1.27 -16.47
C GLY B 123 16.90 -0.01 -16.74
N GLU B 124 17.92 0.05 -17.58
CA GLU B 124 18.72 -1.13 -17.91
C GLU B 124 19.71 -1.40 -16.79
N LEU B 125 20.00 -2.68 -16.59
CA LEU B 125 20.94 -3.07 -15.55
C LEU B 125 22.33 -2.54 -15.92
N ASN B 126 22.87 -1.67 -15.06
CA ASN B 126 24.19 -1.10 -15.28
C ASN B 126 25.23 -1.63 -14.30
N ALA B 127 24.84 -1.98 -13.08
CA ALA B 127 25.80 -2.39 -12.07
C ALA B 127 25.11 -3.28 -11.05
N ILE B 128 25.85 -4.27 -10.55
CA ILE B 128 25.41 -5.12 -9.45
C ILE B 128 26.54 -5.10 -8.43
N PHE B 129 26.27 -4.54 -7.25
CA PHE B 129 27.22 -4.47 -6.16
C PHE B 129 26.89 -5.54 -5.12
N ASN B 130 27.91 -5.94 -4.36
CA ASN B 130 27.66 -6.72 -3.17
C ASN B 130 27.29 -5.75 -2.06
N ALA B 131 26.19 -6.02 -1.37
CA ALA B 131 25.69 -5.07 -0.38
C ALA B 131 26.56 -5.00 0.86
N ALA B 132 27.34 -6.04 1.14
CA ALA B 132 28.13 -6.14 2.36
C ALA B 132 29.06 -4.94 2.55
N CYS B 133 30.10 -4.86 1.72
CA CYS B 133 31.06 -3.76 1.84
C CYS B 133 30.41 -2.41 1.58
N LEU B 134 29.56 -2.34 0.55
CA LEU B 134 28.93 -1.07 0.18
C LEU B 134 28.13 -0.48 1.34
N THR B 135 27.39 -1.32 2.07
CA THR B 135 26.59 -0.84 3.19
C THR B 135 27.49 -0.30 4.30
N ALA B 136 28.56 -1.03 4.62
CA ALA B 136 29.46 -0.59 5.67
C ALA B 136 30.10 0.75 5.35
N PHE B 137 30.53 0.94 4.10
CA PHE B 137 31.20 2.19 3.74
C PHE B 137 30.24 3.38 3.85
N ARG B 138 29.04 3.26 3.27
CA ARG B 138 28.10 4.37 3.33
C ARG B 138 27.68 4.65 4.77
N THR B 139 27.58 3.61 5.59
CA THR B 139 27.27 3.83 7.00
C THR B 139 28.39 4.57 7.71
N ALA B 140 29.64 4.21 7.40
CA ALA B 140 30.77 4.92 7.97
C ALA B 140 30.85 6.34 7.42
N LEU B 141 30.53 6.52 6.14
CA LEU B 141 30.50 7.87 5.56
C LEU B 141 29.38 8.70 6.16
N ALA B 142 28.27 8.07 6.55
CA ALA B 142 27.20 8.81 7.22
C ALA B 142 27.64 9.21 8.63
N SER B 143 28.35 8.32 9.33
CA SER B 143 28.84 8.65 10.66
C SER B 143 29.80 9.83 10.63
N VAL B 144 30.71 9.87 9.66
CA VAL B 144 31.67 10.97 9.59
C VAL B 144 31.05 12.24 9.03
N LEU B 145 29.94 12.13 8.28
CA LEU B 145 29.29 13.32 7.74
C LEU B 145 28.78 14.22 8.86
N GLY B 146 28.34 13.64 9.97
CA GLY B 146 27.90 14.42 11.11
C GLY B 146 29.03 14.79 12.05
N LEU B 147 30.00 13.88 12.20
CA LEU B 147 31.13 14.14 13.07
C LEU B 147 31.96 15.31 12.57
N THR B 148 32.32 15.30 11.28
CA THR B 148 33.14 16.38 10.72
C THR B 148 32.45 17.73 10.77
N ARG B 149 31.12 17.74 10.86
CA ARG B 149 30.38 19.01 10.96
C ARG B 149 30.29 19.52 12.38
N VAL B 150 30.16 18.62 13.35
CA VAL B 150 30.02 19.02 14.74
C VAL B 150 31.38 19.11 15.42
N VAL B 151 32.30 18.22 15.06
CA VAL B 151 33.65 18.21 15.61
C VAL B 151 34.64 18.38 14.46
N PRO B 152 34.94 19.61 14.05
CA PRO B 152 35.86 19.80 12.92
C PRO B 152 37.22 19.19 13.22
N VAL B 153 37.90 18.76 12.14
CA VAL B 153 39.16 18.05 12.29
C VAL B 153 40.30 18.92 12.82
N ASP B 154 40.08 20.23 12.95
CA ASP B 154 41.09 21.11 13.55
C ASP B 154 40.80 21.37 15.02
N SER B 155 39.81 20.69 15.59
CA SER B 155 39.41 20.92 16.97
C SER B 155 40.56 20.64 17.93
N VAL B 156 40.58 21.39 19.02
CA VAL B 156 41.59 21.26 20.07
C VAL B 156 41.04 20.57 21.30
N ASP B 157 39.74 20.29 21.32
CA ASP B 157 39.07 19.63 22.44
C ASP B 157 38.72 18.19 22.10
N VAL B 158 39.63 17.49 21.43
CA VAL B 158 39.42 16.11 21.00
C VAL B 158 40.40 15.25 21.77
N LEU B 159 39.88 14.28 22.51
CA LEU B 159 40.74 13.32 23.18
C LEU B 159 41.47 12.47 22.15
N PRO B 160 42.66 11.97 22.48
CA PRO B 160 43.51 11.33 21.47
C PRO B 160 43.17 9.88 21.18
N GLU B 161 42.16 9.31 21.83
CA GLU B 161 41.83 7.90 21.66
C GLU B 161 40.47 7.74 20.98
N LEU B 162 40.31 6.62 20.29
CA LEU B 162 39.06 6.23 19.67
C LEU B 162 38.69 4.83 20.17
N CYS B 163 37.41 4.66 20.50
CA CYS B 163 36.89 3.38 20.95
C CYS B 163 35.76 2.98 20.00
N VAL B 164 35.89 1.82 19.38
CA VAL B 164 34.86 1.27 18.52
C VAL B 164 34.31 0.01 19.15
N PHE B 165 33.02 0.01 19.43
CA PHE B 165 32.32 -1.18 19.92
C PHE B 165 31.86 -1.98 18.72
N GLY B 166 32.53 -3.09 18.45
CA GLY B 166 32.20 -3.94 17.34
C GLY B 166 33.41 -4.27 16.50
N VAL B 167 33.20 -5.21 15.57
CA VAL B 167 34.22 -5.66 14.63
C VAL B 167 33.57 -5.75 13.26
N GLY B 168 34.35 -6.21 12.28
CA GLY B 168 33.81 -6.43 10.96
C GLY B 168 33.98 -5.25 10.02
N GLN B 169 33.23 -5.33 8.92
CA GLN B 169 33.30 -4.32 7.87
C GLN B 169 32.85 -2.96 8.39
N GLN B 170 31.82 -2.94 9.24
CA GLN B 170 31.32 -1.69 9.80
C GLN B 170 32.41 -0.97 10.59
N ALA B 171 33.05 -1.69 11.51
CA ALA B 171 34.11 -1.09 12.32
C ALA B 171 35.32 -0.68 11.48
N TYR B 172 35.65 -1.48 10.46
CA TYR B 172 36.82 -1.18 9.63
C TYR B 172 36.67 0.18 8.96
N TRP B 173 35.59 0.35 8.18
CA TRP B 173 35.42 1.60 7.43
C TRP B 173 35.22 2.79 8.37
N HIS B 174 34.54 2.57 9.50
CA HIS B 174 34.39 3.62 10.50
C HIS B 174 35.73 4.13 11.02
N VAL B 175 36.62 3.20 11.39
CA VAL B 175 37.92 3.59 11.93
C VAL B 175 38.78 4.22 10.84
N LYS B 176 38.87 3.57 9.68
CA LYS B 176 39.71 4.07 8.60
C LYS B 176 39.34 5.51 8.23
N LEU B 177 38.05 5.76 8.01
CA LEU B 177 37.62 7.10 7.60
C LEU B 177 37.97 8.13 8.66
N THR B 178 37.82 7.77 9.93
CA THR B 178 38.13 8.71 11.02
C THR B 178 39.63 8.96 11.11
N LEU B 179 40.45 7.94 10.83
CA LEU B 179 41.89 8.12 10.92
C LEU B 179 42.43 8.96 9.77
N LEU B 180 41.78 8.92 8.60
CA LEU B 180 42.19 9.79 7.51
C LEU B 180 41.79 11.23 7.77
N LEU B 181 40.70 11.44 8.50
CA LEU B 181 40.14 12.77 8.74
C LEU B 181 40.76 13.46 9.95
N TYR B 182 40.97 12.71 11.04
CA TYR B 182 41.52 13.24 12.27
C TYR B 182 42.93 12.71 12.50
N LYS B 183 43.73 12.69 11.44
CA LYS B 183 45.07 12.13 11.49
C LYS B 183 45.86 12.67 12.67
N GLU B 184 45.88 13.99 12.81
CA GLU B 184 46.69 14.64 13.83
C GLU B 184 46.12 14.50 15.24
N LYS B 185 44.85 14.10 15.38
CA LYS B 185 44.20 14.07 16.69
C LYS B 185 43.99 12.68 17.27
N ILE B 186 44.02 11.63 16.46
CA ILE B 186 43.78 10.27 16.94
C ILE B 186 45.09 9.50 16.95
N ALA B 187 45.51 9.09 18.15
CA ALA B 187 46.76 8.37 18.35
C ALA B 187 46.57 6.94 18.81
N LYS B 188 45.47 6.63 19.49
CA LYS B 188 45.20 5.29 19.98
C LYS B 188 43.79 4.88 19.59
N VAL B 189 43.65 3.68 19.01
CA VAL B 189 42.36 3.12 18.67
C VAL B 189 42.17 1.83 19.45
N ASN B 190 41.04 1.72 20.16
CA ASN B 190 40.72 0.55 20.97
C ASN B 190 39.50 -0.14 20.38
N ILE B 191 39.67 -1.39 19.95
CA ILE B 191 38.60 -2.18 19.38
C ILE B 191 38.05 -3.07 20.48
N LEU B 192 36.74 -2.98 20.74
CA LEU B 192 36.09 -3.73 21.78
C LEU B 192 35.06 -4.67 21.18
N ASN B 193 35.00 -5.90 21.68
CA ASN B 193 34.07 -6.89 21.17
C ASN B 193 33.83 -7.92 22.26
N ARG B 194 32.81 -8.77 22.04
CA ARG B 194 32.56 -9.85 23.00
C ARG B 194 33.65 -10.90 22.94
N THR B 195 34.08 -11.27 21.74
CA THR B 195 35.20 -12.18 21.54
C THR B 195 36.40 -11.40 21.02
N LEU B 196 37.59 -11.87 21.38
CA LEU B 196 38.84 -11.19 21.01
C LEU B 196 39.32 -11.55 19.62
N ALA B 197 38.77 -12.60 19.01
CA ALA B 197 39.23 -13.07 17.70
C ALA B 197 39.07 -12.03 16.61
N ASN B 198 37.83 -11.66 16.27
CA ASN B 198 37.61 -10.68 15.22
C ASN B 198 38.18 -9.31 15.59
N ALA B 199 38.28 -9.03 16.90
CA ALA B 199 38.89 -7.78 17.33
C ALA B 199 40.39 -7.77 17.04
N GLU B 200 41.07 -8.90 17.29
CA GLU B 200 42.51 -8.95 17.03
C GLU B 200 42.80 -8.93 15.53
N LYS B 201 41.95 -9.57 14.72
CA LYS B 201 42.12 -9.50 13.27
C LYS B 201 41.97 -8.08 12.75
N LEU B 202 41.01 -7.33 13.30
CA LEU B 202 40.81 -5.95 12.88
C LEU B 202 41.96 -5.05 13.32
N LYS B 203 42.46 -5.25 14.55
CA LYS B 203 43.62 -4.51 15.02
C LYS B 203 44.82 -4.71 14.10
N GLU B 204 45.01 -5.93 13.61
CA GLU B 204 46.17 -6.23 12.75
C GLU B 204 46.04 -5.52 11.40
N GLU B 205 44.93 -5.76 10.69
CA GLU B 205 44.74 -5.15 9.38
C GLU B 205 44.82 -3.63 9.45
N LEU B 206 44.20 -3.03 10.47
CA LEU B 206 44.26 -1.58 10.60
C LEU B 206 45.64 -1.11 11.07
N GLY B 207 46.35 -1.94 11.82
CA GLY B 207 47.70 -1.59 12.23
C GLY B 207 48.67 -1.52 11.07
N LYS B 208 48.55 -2.46 10.12
CA LYS B 208 49.41 -2.42 8.93
C LYS B 208 49.12 -1.18 8.09
N GLU B 209 47.87 -0.70 8.08
CA GLU B 209 47.53 0.47 7.28
C GLU B 209 47.94 1.76 7.99
N PHE B 210 47.72 1.83 9.30
CA PHE B 210 48.04 3.00 10.10
C PHE B 210 49.11 2.60 11.11
N ASP B 211 50.37 2.81 10.75
CA ASP B 211 51.47 2.36 11.60
C ASP B 211 51.72 3.28 12.79
N ASN B 212 51.37 4.56 12.66
CA ASN B 212 51.62 5.55 13.70
C ASN B 212 50.51 5.61 14.75
N VAL B 213 49.57 4.67 14.72
CA VAL B 213 48.44 4.64 15.64
C VAL B 213 48.50 3.33 16.42
N GLU B 214 48.24 3.41 17.72
CA GLU B 214 48.27 2.25 18.59
C GLU B 214 46.89 1.60 18.61
N PHE B 215 46.82 0.35 18.15
CA PHE B 215 45.56 -0.40 18.08
C PHE B 215 45.55 -1.46 19.16
N ARG B 216 44.51 -1.44 20.00
CA ARG B 216 44.35 -2.39 21.09
C ARG B 216 42.99 -3.08 20.98
N ALA B 217 42.95 -4.34 21.40
CA ALA B 217 41.74 -5.14 21.38
C ALA B 217 41.37 -5.53 22.80
N PHE B 218 40.10 -5.36 23.15
CA PHE B 218 39.60 -5.65 24.48
C PHE B 218 38.31 -6.46 24.38
N LEU B 219 37.92 -7.06 25.49
CA LEU B 219 36.66 -7.78 25.60
C LEU B 219 35.62 -6.89 26.27
N PHE B 220 34.35 -7.12 25.92
CA PHE B 220 33.26 -6.37 26.53
C PHE B 220 33.25 -6.49 28.05
N GLU B 221 33.84 -7.56 28.58
CA GLU B 221 33.88 -7.79 30.03
C GLU B 221 35.13 -7.19 30.68
N GLU B 222 36.19 -6.97 29.92
CA GLU B 222 37.41 -6.37 30.45
C GLU B 222 37.22 -4.88 30.71
N ASP B 223 36.18 -4.53 31.47
CA ASP B 223 35.88 -3.13 31.75
C ASP B 223 37.06 -2.44 32.44
N GLU B 224 37.71 -3.11 33.39
CA GLU B 224 38.81 -2.49 34.12
C GLU B 224 40.00 -2.19 33.21
N LYS B 225 40.11 -2.88 32.08
CA LYS B 225 41.19 -2.67 31.14
C LYS B 225 40.90 -1.60 30.09
N PHE B 226 39.64 -1.44 29.66
CA PHE B 226 39.34 -0.45 28.64
C PHE B 226 38.72 0.83 29.17
N LYS B 227 38.20 0.83 30.39
CA LYS B 227 37.64 2.06 30.95
C LYS B 227 38.61 3.24 30.93
N PRO B 228 39.90 3.09 31.30
CA PRO B 228 40.82 4.22 31.14
C PRO B 228 40.94 4.71 29.71
N HIS B 229 40.95 3.81 28.73
CA HIS B 229 40.98 4.22 27.34
C HIS B 229 39.68 4.91 26.94
N MET B 230 38.55 4.41 27.45
CA MET B 230 37.27 5.01 27.13
C MET B 230 37.12 6.41 27.71
N GLU B 231 37.74 6.68 28.86
CA GLU B 231 37.67 8.02 29.44
C GLU B 231 38.65 8.98 28.78
N ASN B 232 39.57 8.48 27.95
CA ASN B 232 40.44 9.31 27.15
C ASN B 232 40.04 9.31 25.68
N SER B 233 38.77 9.03 25.39
CA SER B 233 38.27 8.92 24.03
C SER B 233 37.21 9.98 23.79
N SER B 234 37.31 10.65 22.63
CA SER B 234 36.32 11.63 22.20
C SER B 234 35.38 11.10 21.13
N ILE B 235 35.81 10.11 20.35
CA ILE B 235 35.00 9.51 19.30
C ILE B 235 34.73 8.07 19.69
N ILE B 236 33.45 7.73 19.82
CA ILE B 236 33.03 6.36 20.14
C ILE B 236 32.09 5.89 19.04
N TYR B 237 32.34 4.70 18.53
CA TYR B 237 31.53 4.12 17.46
C TYR B 237 30.85 2.86 17.98
N GLY B 238 29.55 2.75 17.73
CA GLY B 238 28.81 1.56 18.10
C GLY B 238 28.44 0.71 16.90
N CYS B 239 29.13 -0.40 16.72
CA CYS B 239 28.94 -1.30 15.59
C CYS B 239 28.57 -2.70 16.07
N THR B 240 27.70 -2.80 17.07
CA THR B 240 27.38 -4.09 17.66
C THR B 240 25.91 -4.42 17.50
N PRO B 241 25.59 -5.70 17.32
CA PRO B 241 24.18 -6.10 17.27
C PRO B 241 23.63 -6.33 18.66
N SER B 242 24.06 -5.51 19.61
CA SER B 242 23.72 -5.73 21.01
C SER B 242 22.24 -5.53 21.26
N THR B 243 21.69 -6.33 22.17
CA THR B 243 20.36 -6.14 22.71
C THR B 243 20.39 -5.56 24.11
N SER B 244 21.57 -5.40 24.69
CA SER B 244 21.79 -4.74 25.97
C SER B 244 22.94 -3.77 25.79
N ALA B 245 22.80 -2.57 26.34
CA ALA B 245 23.77 -1.50 26.13
C ALA B 245 25.18 -1.94 26.53
N VAL B 246 26.11 -1.88 25.57
CA VAL B 246 27.51 -2.21 25.82
C VAL B 246 28.32 -0.96 26.14
N ILE B 247 27.90 0.18 25.61
CA ILE B 247 28.53 1.47 25.90
C ILE B 247 27.85 2.04 27.14
N LYS B 248 28.56 2.01 28.26
CA LYS B 248 28.00 2.40 29.56
C LYS B 248 28.34 3.85 29.88
N LYS B 249 27.40 4.55 30.52
CA LYS B 249 27.58 5.96 30.82
C LYS B 249 28.78 6.19 31.73
N ASP B 250 29.03 5.26 32.65
CA ASP B 250 30.14 5.41 33.59
C ASP B 250 31.49 5.15 32.95
N HIS B 251 31.50 4.73 31.69
CA HIS B 251 32.74 4.51 30.95
C HIS B 251 33.12 5.69 30.08
N LEU B 252 32.27 6.73 30.01
CA LEU B 252 32.52 7.85 29.13
C LEU B 252 33.18 9.00 29.89
N ASN B 253 33.87 9.85 29.13
CA ASN B 253 34.45 11.06 29.70
C ASN B 253 33.35 12.05 30.03
N LYS B 254 33.45 12.68 31.20
CA LYS B 254 32.41 13.59 31.65
C LYS B 254 32.87 15.05 31.73
N ASP B 255 34.05 15.38 31.18
CA ASP B 255 34.54 16.74 31.21
C ASP B 255 33.95 17.51 30.03
N PRO B 256 33.13 18.54 30.27
CA PRO B 256 32.59 19.32 29.14
C PRO B 256 33.66 20.03 28.32
N LYS B 257 34.88 20.17 28.85
CA LYS B 257 35.94 20.83 28.10
C LYS B 257 36.36 19.99 26.89
N TYR B 258 36.09 18.69 26.91
CA TYR B 258 36.39 17.80 25.81
C TYR B 258 35.08 17.35 25.16
N ARG B 259 35.06 17.34 23.83
CA ARG B 259 33.89 16.94 23.08
C ARG B 259 33.85 15.43 22.93
N LYS B 260 32.64 14.86 22.99
CA LYS B 260 32.43 13.44 22.75
C LYS B 260 31.32 13.26 21.73
N PHE B 261 31.63 12.54 20.65
CA PHE B 261 30.68 12.26 19.58
C PHE B 261 30.51 10.76 19.46
N ILE B 262 29.30 10.27 19.72
CA ILE B 262 28.99 8.85 19.69
C ILE B 262 28.09 8.58 18.49
N SER B 263 28.61 7.83 17.53
CA SER B 263 27.84 7.40 16.37
C SER B 263 27.45 5.94 16.57
N LEU B 264 26.15 5.67 16.64
CA LEU B 264 25.63 4.34 16.88
C LEU B 264 25.13 3.73 15.57
N ILE B 265 25.58 2.51 15.29
CA ILE B 265 25.31 1.85 14.02
C ILE B 265 24.71 0.45 14.18
N GLY B 266 24.82 -0.16 15.35
CA GLY B 266 24.43 -1.55 15.46
C GLY B 266 22.93 -1.78 15.45
N SER B 267 22.18 -0.91 16.13
CA SER B 267 20.76 -1.13 16.28
C SER B 267 20.01 -0.92 14.97
N TYR B 268 19.17 -1.90 14.61
CA TYR B 268 18.29 -1.79 13.47
C TYR B 268 16.91 -2.34 13.77
N LYS B 269 16.68 -2.84 14.98
CA LYS B 269 15.41 -3.33 15.47
C LYS B 269 15.16 -2.76 16.85
N PRO B 270 13.90 -2.47 17.18
CA PRO B 270 13.61 -1.78 18.46
C PRO B 270 14.12 -2.48 19.70
N HIS B 271 14.36 -3.79 19.65
CA HIS B 271 14.86 -4.49 20.81
C HIS B 271 16.38 -4.42 20.93
N MET B 272 17.05 -3.78 19.98
CA MET B 272 18.50 -3.64 19.96
C MET B 272 18.91 -2.27 20.49
N ILE B 273 19.88 -2.25 21.39
CA ILE B 273 20.36 -1.02 22.00
C ILE B 273 21.86 -1.15 22.24
N GLU B 274 22.59 -0.06 22.04
CA GLU B 274 24.03 -0.03 22.24
C GLU B 274 24.48 0.95 23.31
N LEU B 275 23.79 2.06 23.48
CA LEU B 275 24.17 3.10 24.41
C LEU B 275 23.31 3.01 25.65
N ASP B 276 23.93 3.21 26.82
CA ASP B 276 23.23 3.20 28.10
C ASP B 276 21.92 3.96 28.00
N LEU B 277 20.83 3.30 28.39
CA LEU B 277 19.53 3.94 28.35
C LEU B 277 19.45 5.08 29.35
N GLU B 278 20.29 5.07 30.39
CA GLU B 278 20.35 6.21 31.30
C GLU B 278 20.81 7.47 30.57
N LEU B 279 21.90 7.34 29.78
CA LEU B 279 22.34 8.48 29.00
C LEU B 279 21.29 8.88 27.96
N MET B 280 20.63 7.90 27.36
CA MET B 280 19.54 8.19 26.43
C MET B 280 18.38 8.88 27.16
N ASN B 281 18.07 8.43 28.37
CA ASN B 281 16.99 9.06 29.14
C ASN B 281 17.41 10.44 29.63
N ASP B 282 18.67 10.58 30.06
CA ASP B 282 19.16 11.89 30.50
C ASP B 282 19.16 12.89 29.35
N PHE B 283 19.59 12.46 28.16
CA PHE B 283 19.61 13.36 27.01
C PHE B 283 18.20 13.83 26.65
N LYS B 284 17.23 12.92 26.75
CA LYS B 284 15.85 13.29 26.46
C LYS B 284 15.31 14.28 27.49
N ASN B 285 15.44 13.96 28.78
CA ASN B 285 14.91 14.83 29.82
C ASN B 285 15.65 16.15 29.90
N ASN B 286 16.90 16.19 29.43
CA ASN B 286 17.66 17.43 29.39
C ASN B 286 17.51 18.17 28.06
N GLY B 287 16.66 17.66 27.16
CA GLY B 287 16.36 18.37 25.92
C GLY B 287 17.46 18.38 24.89
N VAL B 288 18.34 17.39 24.90
CA VAL B 288 19.42 17.31 23.91
C VAL B 288 18.87 16.61 22.68
N LYS B 289 19.12 17.20 21.51
CA LYS B 289 18.71 16.59 20.26
C LYS B 289 19.79 15.62 19.77
N VAL B 290 19.37 14.43 19.36
CA VAL B 290 20.26 13.41 18.85
C VAL B 290 20.25 13.46 17.33
N ILE B 291 21.43 13.38 16.72
CA ILE B 291 21.56 13.38 15.28
C ILE B 291 21.18 12.01 14.73
N VAL B 292 20.37 12.00 13.68
CA VAL B 292 19.93 10.77 13.02
C VAL B 292 20.02 10.97 11.52
N ASP B 293 19.99 9.85 10.78
CA ASP B 293 19.92 9.92 9.33
C ASP B 293 18.51 10.24 8.86
N SER B 294 17.51 9.56 9.42
CA SER B 294 16.11 9.80 9.10
C SER B 294 15.30 9.67 10.39
N LYS B 295 14.56 10.72 10.75
CA LYS B 295 13.77 10.68 11.98
C LYS B 295 12.72 9.58 11.94
N GLU B 296 12.12 9.35 10.77
CA GLU B 296 11.07 8.35 10.64
C GLU B 296 11.60 6.94 10.89
N HIS B 297 12.64 6.53 10.17
CA HIS B 297 13.17 5.18 10.31
C HIS B 297 13.81 4.96 11.68
N THR B 298 14.52 5.96 12.19
CA THR B 298 15.16 5.80 13.50
C THR B 298 14.13 5.61 14.60
N LEU B 299 13.01 6.35 14.53
CA LEU B 299 11.97 6.21 15.53
C LEU B 299 11.17 4.93 15.37
N HIS B 300 11.41 4.16 14.31
CA HIS B 300 10.75 2.88 14.12
C HIS B 300 11.70 1.69 14.17
N GLU B 301 13.01 1.92 14.28
CA GLU B 301 13.99 0.83 14.24
C GLU B 301 15.07 0.90 15.31
N ALA B 302 15.36 2.07 15.87
CA ALA B 302 16.48 2.24 16.80
C ALA B 302 15.97 2.15 18.23
N GLY B 303 16.45 1.14 18.95
CA GLY B 303 16.02 0.94 20.33
C GLY B 303 16.48 2.04 21.27
N GLU B 304 17.58 2.72 20.96
CA GLU B 304 18.02 3.82 21.80
C GLU B 304 17.01 4.95 21.82
N LEU B 305 16.28 5.15 20.72
CA LEU B 305 15.29 6.21 20.62
C LEU B 305 13.89 5.74 20.97
N ILE B 306 13.55 4.49 20.63
CA ILE B 306 12.22 3.97 20.90
C ILE B 306 12.06 3.65 22.38
N GLN B 307 13.12 3.13 23.02
CA GLN B 307 13.06 2.79 24.43
C GLN B 307 13.31 3.99 25.33
N SER B 308 13.67 5.14 24.75
CA SER B 308 13.82 6.37 25.51
C SER B 308 12.63 7.29 25.36
N GLY B 309 11.75 7.01 24.40
CA GLY B 309 10.57 7.83 24.19
C GLY B 309 10.84 9.08 23.41
N TYR B 310 11.88 9.08 22.57
CA TYR B 310 12.25 10.28 21.84
C TYR B 310 11.18 10.61 20.80
N THR B 311 11.07 11.90 20.47
CA THR B 311 10.10 12.39 19.52
C THR B 311 10.81 13.11 18.39
N SER B 312 10.14 13.21 17.24
CA SER B 312 10.78 13.81 16.06
C SER B 312 11.24 15.24 16.32
N ASP B 313 10.52 15.97 17.19
CA ASP B 313 10.92 17.34 17.50
C ASP B 313 12.25 17.41 18.24
N GLN B 314 12.63 16.36 18.97
CA GLN B 314 13.91 16.31 19.65
C GLN B 314 14.97 15.58 18.83
N LEU B 315 14.85 15.59 17.50
CA LEU B 315 15.82 14.97 16.61
C LEU B 315 16.24 15.96 15.53
N ILE B 316 17.42 15.69 14.97
CA ILE B 316 17.96 16.45 13.85
C ILE B 316 18.61 15.48 12.88
N GLU B 317 18.36 15.68 11.59
CA GLU B 317 18.89 14.83 10.55
C GLU B 317 20.29 15.29 10.13
N ILE B 318 21.07 14.35 9.60
CA ILE B 318 22.47 14.63 9.27
C ILE B 318 22.56 15.78 8.28
N HIS B 319 21.77 15.72 7.20
CA HIS B 319 21.81 16.80 6.21
C HIS B 319 21.43 18.14 6.83
N GLU B 320 20.60 18.14 7.87
CA GLU B 320 20.22 19.37 8.54
C GLU B 320 21.34 19.98 9.36
N LEU B 321 22.35 19.19 9.72
CA LEU B 321 23.51 19.77 10.40
C LEU B 321 24.28 20.70 9.48
N TYR B 322 24.07 20.58 8.17
CA TYR B 322 24.69 21.46 7.18
C TYR B 322 23.77 22.60 6.80
N GLU B 323 22.66 22.78 7.52
CA GLU B 323 21.72 23.86 7.31
C GLU B 323 21.71 24.85 8.46
N THR B 324 22.64 24.71 9.41
CA THR B 324 22.76 25.61 10.55
C THR B 324 24.21 25.60 11.01
N GLU B 325 24.51 26.43 12.01
CA GLU B 325 25.85 26.54 12.55
C GLU B 325 25.91 26.53 14.08
N GLU B 326 24.77 26.51 14.76
CA GLU B 326 24.72 26.45 16.21
C GLU B 326 24.41 25.01 16.63
N PHE B 327 25.32 24.41 17.39
CA PHE B 327 25.21 23.00 17.74
C PHE B 327 25.06 22.77 19.24
N SER B 328 24.57 23.75 19.98
CA SER B 328 24.36 23.53 21.40
C SER B 328 23.08 22.74 21.69
N THR B 329 22.25 22.50 20.69
CA THR B 329 21.07 21.67 20.86
C THR B 329 21.39 20.18 20.80
N ILE B 330 22.53 19.82 20.21
CA ILE B 330 22.97 18.44 20.08
C ILE B 330 24.09 18.10 21.04
N THR B 331 24.34 18.95 22.03
CA THR B 331 25.45 18.78 22.96
C THR B 331 24.95 18.89 24.39
N ASP B 332 25.23 17.86 25.19
CA ASP B 332 24.96 17.91 26.63
C ASP B 332 26.02 18.77 27.28
N ALA B 333 25.60 19.92 27.83
CA ALA B 333 26.55 20.87 28.39
C ALA B 333 27.25 20.32 29.63
N THR B 334 26.64 19.36 30.32
CA THR B 334 27.25 18.79 31.51
C THR B 334 28.43 17.89 31.17
N THR B 335 28.52 17.39 29.94
CA THR B 335 29.58 16.47 29.54
C THR B 335 30.25 16.84 28.22
N GLY B 336 29.63 17.65 27.37
CA GLY B 336 30.18 17.89 26.05
C GLY B 336 29.98 16.74 25.09
N THR B 337 28.94 15.94 25.30
CA THR B 337 28.71 14.71 24.55
C THR B 337 27.59 14.91 23.54
N THR B 338 27.77 14.35 22.35
CA THR B 338 26.79 14.34 21.28
C THR B 338 26.56 12.92 20.82
N VAL B 339 25.31 12.55 20.60
CA VAL B 339 24.93 11.19 20.22
C VAL B 339 24.30 11.22 18.83
N GLN B 340 24.77 10.33 17.97
CA GLN B 340 24.25 10.19 16.62
C GLN B 340 23.85 8.73 16.39
N LYS B 341 22.63 8.53 15.89
CA LYS B 341 22.09 7.19 15.64
C LYS B 341 21.77 7.04 14.16
N ILE B 342 22.31 5.99 13.53
CA ILE B 342 22.08 5.70 12.12
C ILE B 342 21.42 4.34 12.00
N VAL B 343 20.34 4.28 11.23
CA VAL B 343 19.66 3.02 10.96
C VAL B 343 19.86 2.54 9.52
N GLY B 344 20.16 3.44 8.58
CA GLY B 344 20.38 3.07 7.20
C GLY B 344 19.28 3.58 6.29
N LEU B 345 19.68 4.03 5.10
CA LEU B 345 18.74 4.51 4.09
C LEU B 345 19.21 4.03 2.73
N SER B 346 18.26 3.64 1.88
CA SER B 346 18.59 3.07 0.57
C SER B 346 19.26 4.08 -0.34
N ILE B 347 18.92 5.37 -0.19
CA ILE B 347 19.56 6.39 -1.01
C ILE B 347 21.06 6.43 -0.76
N MET B 348 21.49 6.14 0.48
CA MET B 348 22.92 6.06 0.78
C MET B 348 23.60 4.98 -0.03
N ASP B 349 22.97 3.79 -0.12
CA ASP B 349 23.57 2.69 -0.88
C ASP B 349 23.56 2.98 -2.37
N LEU B 350 22.51 3.64 -2.87
CA LEU B 350 22.37 3.86 -4.30
C LEU B 350 23.23 5.04 -4.77
N CYS B 351 23.33 6.09 -3.96
CA CYS B 351 24.15 7.24 -4.35
C CYS B 351 25.64 6.89 -4.30
N MET B 352 26.05 6.06 -3.34
CA MET B 352 27.43 5.58 -3.31
C MET B 352 27.68 4.52 -4.37
N GLY B 353 26.67 3.69 -4.67
CA GLY B 353 26.83 2.71 -5.74
C GLY B 353 26.94 3.36 -7.10
N LYS B 354 26.13 4.41 -7.34
CA LYS B 354 26.22 5.13 -8.61
C LYS B 354 27.55 5.85 -8.76
N TYR B 355 28.02 6.50 -7.69
CA TYR B 355 29.30 7.22 -7.75
C TYR B 355 30.44 6.26 -8.08
N ILE B 356 30.51 5.13 -7.38
CA ILE B 356 31.61 4.18 -7.60
C ILE B 356 31.53 3.62 -9.01
N TYR B 357 30.32 3.23 -9.45
CA TYR B 357 30.18 2.65 -10.78
C TYR B 357 30.61 3.62 -11.87
N GLU B 358 30.34 4.91 -11.68
CA GLU B 358 30.68 5.92 -12.66
C GLU B 358 32.12 6.39 -12.55
N ASN B 359 32.86 5.90 -11.56
CA ASN B 359 34.24 6.30 -11.35
C ASN B 359 35.20 5.13 -11.21
N ILE B 360 34.70 3.89 -11.19
CA ILE B 360 35.55 2.72 -11.04
C ILE B 360 36.14 2.32 -12.38
N GLN B 361 37.41 1.94 -12.36
CA GLN B 361 38.10 1.48 -13.55
C GLN B 361 37.86 -0.02 -13.73
N ASP B 362 38.02 -0.48 -14.98
CA ASP B 362 37.78 -1.88 -15.30
C ASP B 362 38.70 -2.83 -14.56
N ASP B 363 39.79 -2.35 -13.96
CA ASP B 363 40.69 -3.23 -13.22
C ASP B 363 40.06 -3.73 -11.92
N ASP B 364 39.12 -2.97 -11.36
CA ASP B 364 38.45 -3.34 -10.12
C ASP B 364 36.97 -3.62 -10.34
N ALA B 365 36.65 -4.35 -11.41
CA ALA B 365 35.27 -4.65 -11.73
C ALA B 365 35.22 -5.78 -12.75
N VAL B 366 34.20 -6.62 -12.63
CA VAL B 366 33.96 -7.72 -13.56
C VAL B 366 32.94 -7.24 -14.58
N VAL B 367 33.41 -6.83 -15.75
CA VAL B 367 32.56 -6.29 -16.80
C VAL B 367 31.99 -7.42 -17.64
N VAL B 368 30.67 -7.45 -17.77
CA VAL B 368 29.97 -8.46 -18.57
C VAL B 368 29.40 -7.75 -19.79
N ASN B 369 29.79 -8.22 -20.99
CA ASN B 369 29.36 -7.61 -22.24
C ASN B 369 28.21 -8.39 -22.88
N ASP B 370 27.32 -7.65 -23.53
CA ASP B 370 26.15 -8.21 -24.22
C ASP B 370 25.27 -8.98 -23.24
N PHE B 371 24.82 -8.28 -22.21
CA PHE B 371 23.96 -8.87 -21.18
C PHE B 371 22.51 -8.96 -21.63
N HIS C 20 -34.19 5.68 8.43
CA HIS C 20 -33.81 4.28 8.54
C HIS C 20 -32.47 4.10 9.25
N MET C 21 -31.84 5.22 9.62
CA MET C 21 -30.59 5.20 10.35
C MET C 21 -30.81 5.72 11.78
N LYS C 22 -29.90 5.34 12.66
CA LYS C 22 -29.97 5.69 14.08
C LYS C 22 -28.65 6.30 14.50
N VAL C 23 -28.69 7.53 15.01
CA VAL C 23 -27.49 8.17 15.56
C VAL C 23 -27.46 7.89 17.06
N ILE C 24 -26.49 7.09 17.49
CA ILE C 24 -26.31 6.73 18.89
C ILE C 24 -25.11 7.49 19.42
N ARG C 25 -25.37 8.43 20.31
CA ARG C 25 -24.33 9.29 20.87
C ARG C 25 -23.66 8.62 22.06
N ASP C 26 -22.54 9.22 22.49
CA ASP C 26 -21.79 8.68 23.61
C ASP C 26 -22.67 8.45 24.83
N LYS C 27 -23.50 9.44 25.18
CA LYS C 27 -24.41 9.29 26.31
C LYS C 27 -25.39 8.15 26.10
N ASP C 28 -25.90 7.99 24.87
CA ASP C 28 -26.85 6.93 24.58
C ASP C 28 -26.21 5.55 24.72
N ILE C 29 -24.95 5.41 24.29
CA ILE C 29 -24.25 4.14 24.44
C ILE C 29 -24.11 3.79 25.92
N LYS C 30 -23.61 4.74 26.72
CA LYS C 30 -23.46 4.51 28.15
C LYS C 30 -24.79 4.18 28.80
N SER C 31 -25.87 4.80 28.33
CA SER C 31 -27.21 4.49 28.84
C SER C 31 -27.58 3.04 28.54
N PHE C 32 -27.47 2.64 27.27
CA PHE C 32 -27.77 1.26 26.88
C PHE C 32 -26.95 0.27 27.71
N LEU C 33 -25.65 0.54 27.84
CA LEU C 33 -24.78 -0.36 28.60
C LEU C 33 -25.18 -0.42 30.07
N ASN C 34 -25.33 0.74 30.70
CA ASN C 34 -25.71 0.77 32.12
C ASN C 34 -27.02 0.04 32.38
N LYS C 35 -27.91 0.01 31.39
CA LYS C 35 -29.21 -0.62 31.54
C LYS C 35 -29.20 -2.12 31.25
N ARG C 36 -28.14 -2.65 30.64
CA ARG C 36 -28.13 -4.06 30.26
C ARG C 36 -26.85 -4.78 30.64
N LEU C 37 -25.94 -4.15 31.39
CA LEU C 37 -24.65 -4.76 31.70
C LEU C 37 -24.74 -5.40 33.09
N THR C 38 -24.69 -6.73 33.12
CA THR C 38 -24.67 -7.52 34.34
C THR C 38 -23.67 -8.65 34.16
N ARG C 39 -23.34 -9.32 35.26
CA ARG C 39 -22.46 -10.48 35.18
C ARG C 39 -22.96 -11.48 34.14
N GLU C 40 -24.25 -11.80 34.20
CA GLU C 40 -24.83 -12.75 33.24
C GLU C 40 -24.82 -12.19 31.83
N SER C 41 -25.29 -10.95 31.67
CA SER C 41 -25.30 -10.31 30.35
C SER C 41 -23.93 -10.34 29.71
N ILE C 42 -22.88 -10.02 30.48
CA ILE C 42 -21.52 -10.04 29.94
C ILE C 42 -21.16 -11.44 29.46
N PHE C 43 -21.50 -12.45 30.25
CA PHE C 43 -21.13 -13.82 29.91
C PHE C 43 -22.00 -14.40 28.81
N SER C 44 -23.27 -14.01 28.73
CA SER C 44 -24.22 -14.65 27.85
C SER C 44 -24.50 -13.87 26.57
N GLN C 45 -24.24 -12.56 26.55
CA GLN C 45 -24.59 -11.73 25.39
C GLN C 45 -23.38 -10.99 24.82
N PHE C 46 -22.71 -10.19 25.64
CA PHE C 46 -21.66 -9.30 25.11
C PHE C 46 -20.42 -10.07 24.72
N GLN C 47 -19.82 -10.78 25.68
CA GLN C 47 -18.62 -11.58 25.40
C GLN C 47 -18.78 -12.54 24.23
N PRO C 48 -19.87 -13.31 24.11
CA PRO C 48 -20.00 -14.21 22.94
C PRO C 48 -19.92 -13.49 21.61
N VAL C 49 -20.52 -12.31 21.49
CA VAL C 49 -20.47 -11.55 20.23
C VAL C 49 -19.04 -11.16 19.91
N LEU C 50 -18.32 -10.65 20.90
CA LEU C 50 -16.94 -10.23 20.67
C LEU C 50 -16.04 -11.41 20.33
N LEU C 51 -16.22 -12.52 21.04
CA LEU C 51 -15.44 -13.72 20.74
C LEU C 51 -15.70 -14.20 19.32
N ARG C 52 -16.97 -14.19 18.89
CA ARG C 52 -17.29 -14.60 17.53
C ARG C 52 -16.69 -13.65 16.51
N GLY C 53 -16.75 -12.34 16.77
CA GLY C 53 -16.12 -11.38 15.88
C GLY C 53 -14.63 -11.59 15.77
N LEU C 54 -13.96 -11.83 16.90
CA LEU C 54 -12.53 -12.07 16.88
C LEU C 54 -12.19 -13.35 16.14
N ALA C 55 -13.01 -14.38 16.31
CA ALA C 55 -12.80 -15.63 15.58
C ALA C 55 -13.12 -15.46 14.10
N THR C 56 -14.23 -14.79 13.79
CA THR C 56 -14.56 -14.51 12.39
C THR C 56 -13.45 -13.74 11.71
N TYR C 57 -12.89 -12.72 12.37
CA TYR C 57 -11.81 -11.95 11.78
C TYR C 57 -10.59 -12.82 11.53
N ALA C 58 -10.23 -13.67 12.49
CA ALA C 58 -9.03 -14.49 12.36
C ALA C 58 -9.10 -15.46 11.20
N ALA C 59 -10.29 -15.79 10.72
CA ALA C 59 -10.43 -16.75 9.63
C ALA C 59 -10.06 -16.13 8.29
N ASN C 60 -10.61 -14.95 7.99
CA ASN C 60 -10.31 -14.22 6.76
C ASN C 60 -9.88 -12.81 7.13
N PRO C 61 -8.68 -12.65 7.71
CA PRO C 61 -8.29 -11.33 8.24
C PRO C 61 -8.24 -10.24 7.19
N ASN C 62 -7.55 -10.49 6.07
CA ASN C 62 -7.35 -9.45 5.07
C ASN C 62 -8.63 -9.09 4.32
N ALA C 63 -9.64 -9.96 4.35
CA ALA C 63 -10.89 -9.69 3.66
C ALA C 63 -11.89 -8.94 4.53
N ILE C 64 -11.79 -9.09 5.85
CA ILE C 64 -12.71 -8.44 6.78
C ILE C 64 -12.19 -7.09 7.21
N VAL C 65 -10.93 -7.02 7.63
CA VAL C 65 -10.31 -5.75 7.98
C VAL C 65 -9.24 -5.43 6.93
N PRO C 66 -9.58 -4.73 5.86
CA PRO C 66 -8.58 -4.35 4.87
C PRO C 66 -7.56 -3.40 5.49
N PRO C 67 -6.38 -3.27 4.89
CA PRO C 67 -5.36 -2.36 5.44
C PRO C 67 -5.92 -0.97 5.68
N ARG C 68 -5.59 -0.41 6.85
CA ARG C 68 -6.12 0.86 7.27
C ARG C 68 -5.43 2.01 6.55
N ILE C 69 -6.14 3.12 6.40
CA ILE C 69 -5.61 4.31 5.76
C ILE C 69 -5.34 5.35 6.84
N VAL C 70 -4.09 5.80 6.93
CA VAL C 70 -3.66 6.80 7.89
C VAL C 70 -3.11 7.99 7.14
N GLN C 71 -3.66 9.17 7.43
CA GLN C 71 -3.23 10.42 6.80
C GLN C 71 -3.17 11.52 7.85
N GLN C 72 -2.04 12.20 7.91
CA GLN C 72 -1.92 13.33 8.81
C GLN C 72 -2.67 14.53 8.24
N SER C 73 -3.17 15.38 9.14
CA SER C 73 -3.96 16.53 8.74
C SER C 73 -3.23 17.37 7.72
N ASN C 74 -3.94 17.72 6.65
CA ASN C 74 -3.44 18.66 5.65
C ASN C 74 -3.82 20.10 5.97
N ASN C 75 -4.35 20.35 7.17
CA ASN C 75 -4.64 21.70 7.63
C ASN C 75 -3.44 22.22 8.41
N SER C 76 -3.12 23.49 8.19
CA SER C 76 -1.97 24.11 8.84
C SER C 76 -2.18 24.35 10.33
N GLU C 77 -3.43 24.39 10.79
CA GLU C 77 -3.74 24.66 12.20
C GLU C 77 -4.15 23.41 12.95
N SER C 78 -3.66 22.24 12.53
CA SER C 78 -4.03 21.00 13.19
C SER C 78 -2.89 20.00 13.12
N ASP C 79 -2.68 19.27 14.22
CA ASP C 79 -1.71 18.17 14.27
C ASP C 79 -2.42 16.83 14.38
N THR C 80 -3.68 16.77 13.98
CA THR C 80 -4.48 15.56 14.11
C THR C 80 -4.18 14.62 12.95
N THR C 81 -4.06 13.33 13.26
CA THR C 81 -3.90 12.30 12.25
C THR C 81 -5.19 11.52 12.13
N HIS C 82 -5.70 11.39 10.91
CA HIS C 82 -6.96 10.70 10.67
C HIS C 82 -6.67 9.30 10.16
N VAL C 83 -7.33 8.31 10.75
CA VAL C 83 -7.15 6.92 10.39
C VAL C 83 -8.51 6.37 9.99
N PHE C 84 -8.55 5.66 8.87
CA PHE C 84 -9.78 5.09 8.32
C PHE C 84 -9.64 3.57 8.33
N MET C 85 -10.43 2.91 9.16
CA MET C 85 -10.34 1.47 9.40
C MET C 85 -11.64 0.79 9.01
N PRO C 86 -11.77 0.31 7.78
CA PRO C 86 -12.98 -0.37 7.36
C PRO C 86 -13.02 -1.81 7.86
N CYS C 87 -14.25 -2.28 8.11
CA CYS C 87 -14.47 -3.65 8.55
C CYS C 87 -15.65 -4.22 7.77
N ILE C 88 -15.41 -5.32 7.06
CA ILE C 88 -16.44 -5.97 6.26
C ILE C 88 -16.53 -7.43 6.67
N SER C 89 -17.17 -7.69 7.80
CA SER C 89 -17.39 -9.05 8.25
C SER C 89 -18.64 -9.64 7.61
N PRO C 90 -18.77 -10.97 7.61
CA PRO C 90 -20.01 -11.58 7.09
C PRO C 90 -21.27 -11.01 7.71
N THR C 91 -21.22 -10.60 8.98
CA THR C 91 -22.40 -10.11 9.67
C THR C 91 -22.30 -8.64 10.07
N GLU C 92 -21.10 -8.11 10.25
CA GLU C 92 -20.89 -6.74 10.71
C GLU C 92 -20.07 -5.99 9.67
N VAL C 93 -20.71 -5.05 8.96
CA VAL C 93 -20.08 -4.30 7.88
C VAL C 93 -20.14 -2.81 8.22
N GLY C 94 -19.05 -2.10 7.96
CA GLY C 94 -19.03 -0.67 8.20
C GLY C 94 -17.61 -0.13 8.22
N ILE C 95 -17.45 0.99 8.91
CA ILE C 95 -16.17 1.71 8.98
C ILE C 95 -16.08 2.43 10.31
N LYS C 96 -14.89 2.41 10.90
CA LYS C 96 -14.56 3.23 12.07
C LYS C 96 -13.52 4.27 11.68
N VAL C 97 -13.85 5.55 11.86
CA VAL C 97 -12.94 6.65 11.60
C VAL C 97 -12.63 7.31 12.94
N ILE C 98 -11.36 7.28 13.34
CA ILE C 98 -10.92 7.88 14.60
C ILE C 98 -9.78 8.85 14.29
N SER C 99 -9.71 9.91 15.09
CA SER C 99 -8.71 10.97 14.88
C SER C 99 -8.20 11.49 16.22
N GLY C 100 -6.89 11.66 16.31
CA GLY C 100 -6.29 12.17 17.52
C GLY C 100 -4.95 12.83 17.23
N GLY C 101 -4.24 13.17 18.30
CA GLY C 101 -2.96 13.82 18.18
C GLY C 101 -2.70 14.79 19.31
N PRO C 102 -1.56 15.49 19.25
CA PRO C 102 -1.22 16.46 20.31
C PRO C 102 -2.30 17.48 20.61
N SER C 103 -2.77 18.22 19.59
CA SER C 103 -3.74 19.28 19.81
C SER C 103 -5.00 18.73 20.49
N ASN C 104 -5.57 17.65 19.95
CA ASN C 104 -6.75 17.05 20.58
C ASN C 104 -6.43 16.54 21.98
N ASN C 105 -5.22 16.00 22.17
CA ASN C 105 -4.83 15.54 23.50
C ASN C 105 -4.72 16.73 24.45
N THR C 106 -3.97 17.76 24.07
CA THR C 106 -3.82 18.94 24.92
C THR C 106 -5.17 19.60 25.17
N LYS C 107 -6.03 19.66 24.16
CA LYS C 107 -7.37 20.22 24.31
C LYS C 107 -8.29 19.30 25.10
N GLY C 108 -7.84 18.10 25.47
CA GLY C 108 -8.64 17.19 26.25
C GLY C 108 -9.60 16.33 25.46
N LEU C 109 -9.77 16.58 24.15
CA LEU C 109 -10.69 15.78 23.35
C LEU C 109 -10.15 14.37 23.13
N GLY C 110 -8.84 14.22 23.02
CA GLY C 110 -8.25 12.91 22.79
C GLY C 110 -8.61 12.36 21.42
N PHE C 111 -8.73 11.04 21.35
CA PHE C 111 -9.14 10.39 20.11
C PHE C 111 -10.63 10.59 19.90
N GLN C 112 -10.99 11.30 18.83
CA GLN C 112 -12.39 11.57 18.52
C GLN C 112 -12.71 10.96 17.17
N GLY C 113 -13.95 10.53 17.02
CA GLY C 113 -14.37 9.92 15.77
C GLY C 113 -15.72 9.23 15.93
N CYS C 114 -16.02 8.35 14.98
CA CYS C 114 -17.30 7.68 14.99
C CYS C 114 -17.15 6.31 14.35
N VAL C 115 -18.16 5.47 14.57
CA VAL C 115 -18.26 4.15 13.96
C VAL C 115 -19.54 4.12 13.15
N MET C 116 -19.43 3.71 11.89
CA MET C 116 -20.56 3.63 10.97
C MET C 116 -20.95 2.18 10.78
N ILE C 117 -22.23 1.87 10.99
CA ILE C 117 -22.76 0.53 10.84
C ILE C 117 -23.62 0.49 9.58
N LEU C 118 -23.37 -0.48 8.72
CA LEU C 118 -24.07 -0.61 7.46
C LEU C 118 -24.82 -1.94 7.42
N ASP C 119 -25.80 -2.02 6.52
CA ASP C 119 -26.49 -3.28 6.29
C ASP C 119 -25.56 -4.27 5.62
N GLU C 120 -25.45 -5.47 6.20
CA GLU C 120 -24.48 -6.45 5.72
C GLU C 120 -24.84 -7.03 4.35
N VAL C 121 -26.01 -6.70 3.80
CA VAL C 121 -26.43 -7.22 2.51
C VAL C 121 -26.62 -6.10 1.48
N THR C 122 -27.16 -4.96 1.90
CA THR C 122 -27.45 -3.86 0.97
C THR C 122 -26.43 -2.73 1.06
N GLY C 123 -25.77 -2.55 2.20
CA GLY C 123 -24.85 -1.45 2.37
C GLY C 123 -25.49 -0.13 2.74
N GLU C 124 -26.74 -0.15 3.18
CA GLU C 124 -27.40 1.09 3.58
C GLU C 124 -26.97 1.49 4.98
N LEU C 125 -26.90 2.80 5.21
CA LEU C 125 -26.50 3.32 6.51
C LEU C 125 -27.55 2.96 7.55
N ASN C 126 -27.15 2.20 8.57
CA ASN C 126 -28.04 1.79 9.64
C ASN C 126 -27.77 2.51 10.96
N ALA C 127 -26.52 2.83 11.26
CA ALA C 127 -26.22 3.40 12.56
C ALA C 127 -24.92 4.19 12.49
N ILE C 128 -24.88 5.26 13.27
CA ILE C 128 -23.67 6.06 13.47
C ILE C 128 -23.44 6.18 14.97
N PHE C 129 -22.36 5.59 15.45
CA PHE C 129 -22.00 5.64 16.85
C PHE C 129 -20.90 6.66 17.07
N ASN C 130 -20.82 7.17 18.29
CA ASN C 130 -19.64 7.92 18.68
C ASN C 130 -18.58 6.91 19.10
N ALA C 131 -17.38 7.04 18.53
CA ALA C 131 -16.36 6.02 18.73
C ALA C 131 -15.81 6.01 20.15
N ALA C 132 -15.93 7.12 20.87
CA ALA C 132 -15.36 7.27 22.20
C ALA C 132 -15.84 6.16 23.14
N CYS C 133 -17.13 6.19 23.49
CA CYS C 133 -17.67 5.18 24.40
C CYS C 133 -17.58 3.79 23.79
N LEU C 134 -17.92 3.65 22.50
CA LEU C 134 -17.89 2.35 21.85
C LEU C 134 -16.50 1.72 21.93
N THR C 135 -15.46 2.51 21.67
CA THR C 135 -14.10 1.97 21.71
C THR C 135 -13.73 1.52 23.10
N ALA C 136 -14.05 2.35 24.11
CA ALA C 136 -13.72 2.00 25.48
C ALA C 136 -14.42 0.71 25.91
N PHE C 137 -15.71 0.56 25.56
CA PHE C 137 -16.44 -0.62 25.97
C PHE C 137 -15.89 -1.88 25.32
N ARG C 138 -15.65 -1.84 24.00
CA ARG C 138 -15.15 -3.03 23.32
C ARG C 138 -13.75 -3.40 23.82
N THR C 139 -12.95 -2.39 24.15
CA THR C 139 -11.62 -2.65 24.71
C THR C 139 -11.74 -3.30 26.08
N ALA C 140 -12.65 -2.80 26.92
CA ALA C 140 -12.85 -3.41 28.23
C ALA C 140 -13.43 -4.80 28.10
N LEU C 141 -14.33 -5.02 27.13
CA LEU C 141 -14.88 -6.35 26.92
C LEU C 141 -13.81 -7.32 26.43
N ALA C 142 -12.84 -6.84 25.65
CA ALA C 142 -11.74 -7.71 25.21
C ALA C 142 -10.84 -8.07 26.38
N SER C 143 -10.56 -7.11 27.27
CA SER C 143 -9.73 -7.40 28.44
C SER C 143 -10.38 -8.47 29.32
N VAL C 144 -11.69 -8.36 29.55
CA VAL C 144 -12.36 -9.33 30.40
C VAL C 144 -12.61 -10.63 29.66
N LEU C 145 -12.62 -10.61 28.31
CA LEU C 145 -12.80 -11.83 27.56
C LEU C 145 -11.68 -12.83 27.83
N GLY C 146 -10.46 -12.33 28.03
CA GLY C 146 -9.35 -13.19 28.38
C GLY C 146 -9.23 -13.41 29.87
N LEU C 147 -9.54 -12.37 30.65
CA LEU C 147 -9.46 -12.47 32.11
C LEU C 147 -10.44 -13.51 32.64
N THR C 148 -11.70 -13.44 32.21
CA THR C 148 -12.71 -14.41 32.66
C THR C 148 -12.38 -15.83 32.22
N ARG C 149 -11.54 -16.00 31.20
CA ARG C 149 -11.19 -17.33 30.73
C ARG C 149 -10.03 -17.91 31.52
N VAL C 150 -9.06 -17.07 31.90
CA VAL C 150 -7.89 -17.56 32.62
C VAL C 150 -8.11 -17.56 34.12
N VAL C 151 -8.83 -16.57 34.63
CA VAL C 151 -9.13 -16.46 36.05
C VAL C 151 -10.65 -16.46 36.22
N PRO C 152 -11.28 -17.63 36.30
CA PRO C 152 -12.75 -17.66 36.43
C PRO C 152 -13.22 -16.93 37.68
N VAL C 153 -14.45 -16.41 37.62
CA VAL C 153 -14.99 -15.63 38.72
C VAL C 153 -15.22 -16.46 39.96
N ASP C 154 -15.08 -17.78 39.87
CA ASP C 154 -15.14 -18.64 41.03
C ASP C 154 -13.76 -19.02 41.54
N SER C 155 -12.71 -18.45 40.96
CA SER C 155 -11.35 -18.77 41.38
C SER C 155 -11.11 -18.35 42.83
N VAL C 156 -10.25 -19.11 43.50
CA VAL C 156 -9.88 -18.85 44.89
C VAL C 156 -8.52 -18.20 44.99
N ASP C 157 -7.85 -17.98 43.86
CA ASP C 157 -6.50 -17.42 43.81
C ASP C 157 -6.51 -15.97 43.34
N VAL C 158 -7.47 -15.19 43.81
CA VAL C 158 -7.62 -13.79 43.39
C VAL C 158 -7.37 -12.89 44.60
N LEU C 159 -6.39 -12.00 44.49
CA LEU C 159 -6.17 -11.00 45.51
C LEU C 159 -7.36 -10.04 45.55
N PRO C 160 -7.60 -9.38 46.71
CA PRO C 160 -8.84 -8.61 46.86
C PRO C 160 -8.81 -7.20 46.29
N GLU C 161 -7.72 -6.76 45.67
CA GLU C 161 -7.65 -5.40 45.17
C GLU C 161 -7.49 -5.39 43.65
N LEU C 162 -7.92 -4.28 43.04
CA LEU C 162 -7.74 -4.05 41.63
C LEU C 162 -7.01 -2.72 41.42
N CYS C 163 -6.04 -2.72 40.52
CA CYS C 163 -5.28 -1.53 40.18
C CYS C 163 -5.41 -1.26 38.69
N VAL C 164 -5.88 -0.08 38.33
CA VAL C 164 -5.95 0.35 36.93
C VAL C 164 -5.02 1.54 36.76
N PHE C 165 -4.05 1.41 35.87
CA PHE C 165 -3.17 2.51 35.50
C PHE C 165 -3.83 3.26 34.35
N GLY C 166 -4.33 4.46 34.63
CA GLY C 166 -4.99 5.29 33.64
C GLY C 166 -6.32 5.82 34.16
N VAL C 167 -6.88 6.72 33.37
CA VAL C 167 -8.16 7.35 33.65
C VAL C 167 -8.98 7.37 32.37
N GLY C 168 -10.14 7.99 32.43
CA GLY C 168 -10.97 8.15 31.26
C GLY C 168 -11.96 7.03 31.08
N GLN C 169 -12.51 6.99 29.85
CA GLN C 169 -13.52 6.00 29.51
C GLN C 169 -12.94 4.59 29.54
N GLN C 170 -11.69 4.43 29.09
CA GLN C 170 -11.05 3.12 29.10
C GLN C 170 -10.95 2.55 30.51
N ALA C 171 -10.40 3.35 31.43
CA ALA C 171 -10.29 2.90 32.81
C ALA C 171 -11.65 2.69 33.45
N TYR C 172 -12.61 3.55 33.13
CA TYR C 172 -13.95 3.44 33.70
C TYR C 172 -14.58 2.09 33.35
N TRP C 173 -14.71 1.80 32.06
CA TRP C 173 -15.36 0.57 31.63
C TRP C 173 -14.60 -0.67 32.08
N HIS C 174 -13.26 -0.60 32.11
CA HIS C 174 -12.47 -1.70 32.64
C HIS C 174 -12.85 -2.00 34.08
N VAL C 175 -12.94 -0.96 34.90
CA VAL C 175 -13.30 -1.16 36.30
C VAL C 175 -14.74 -1.61 36.43
N LYS C 176 -15.65 -0.93 35.73
CA LYS C 176 -17.07 -1.26 35.81
C LYS C 176 -17.32 -2.72 35.44
N LEU C 177 -16.81 -3.17 34.30
CA LEU C 177 -17.04 -4.54 33.87
C LEU C 177 -16.43 -5.54 34.85
N THR C 178 -15.22 -5.24 35.34
CA THR C 178 -14.56 -6.15 36.26
C THR C 178 -15.29 -6.22 37.61
N LEU C 179 -15.86 -5.10 38.05
CA LEU C 179 -16.58 -5.12 39.33
C LEU C 179 -17.89 -5.89 39.21
N LEU C 180 -18.49 -5.89 38.02
CA LEU C 180 -19.70 -6.69 37.83
C LEU C 180 -19.39 -8.18 37.79
N LEU C 181 -18.19 -8.55 37.34
CA LEU C 181 -17.83 -9.95 37.17
C LEU C 181 -17.25 -10.58 38.43
N TYR C 182 -16.39 -9.85 39.14
CA TYR C 182 -15.72 -10.34 40.34
C TYR C 182 -16.25 -9.62 41.57
N LYS C 183 -17.58 -9.47 41.65
CA LYS C 183 -18.23 -8.66 42.67
C LYS C 183 -17.74 -9.02 44.07
N GLU C 184 -17.80 -10.31 44.41
CA GLU C 184 -17.48 -10.77 45.76
C GLU C 184 -15.99 -10.80 46.05
N LYS C 185 -15.13 -10.67 45.04
CA LYS C 185 -13.69 -10.84 45.22
C LYS C 185 -12.91 -9.53 45.23
N ILE C 186 -13.47 -8.46 44.70
CA ILE C 186 -12.78 -7.16 44.60
C ILE C 186 -13.39 -6.20 45.61
N ALA C 187 -12.56 -5.75 46.55
CA ALA C 187 -13.00 -4.83 47.61
C ALA C 187 -12.40 -3.44 47.48
N LYS C 188 -11.22 -3.31 46.88
CA LYS C 188 -10.55 -2.02 46.74
C LYS C 188 -10.09 -1.84 45.29
N VAL C 189 -10.39 -0.67 44.73
CA VAL C 189 -9.95 -0.30 43.39
C VAL C 189 -9.00 0.89 43.51
N ASN C 190 -7.83 0.79 42.89
CA ASN C 190 -6.81 1.83 42.93
C ASN C 190 -6.63 2.41 41.54
N ILE C 191 -6.94 3.69 41.38
CA ILE C 191 -6.80 4.40 40.11
C ILE C 191 -5.49 5.18 40.15
N LEU C 192 -4.63 4.93 39.17
CA LEU C 192 -3.33 5.58 39.07
C LEU C 192 -3.26 6.40 37.78
N ASN C 193 -2.66 7.58 37.86
CA ASN C 193 -2.58 8.43 36.69
C ASN C 193 -1.38 9.36 36.83
N ARG C 194 -1.02 10.01 35.72
CA ARG C 194 0.06 10.99 35.73
C ARG C 194 -0.35 12.26 36.44
N THR C 195 -1.57 12.73 36.20
CA THR C 195 -2.14 13.87 36.89
C THR C 195 -3.21 13.38 37.87
N LEU C 196 -3.35 14.08 38.98
CA LEU C 196 -4.29 13.66 40.02
C LEU C 196 -5.70 14.16 39.80
N ALA C 197 -5.90 15.15 38.92
CA ALA C 197 -7.22 15.72 38.68
C ALA C 197 -8.18 14.70 38.09
N ASN C 198 -7.91 14.24 36.86
CA ASN C 198 -8.81 13.29 36.21
C ASN C 198 -8.91 11.97 36.97
N ALA C 199 -7.86 11.61 37.73
CA ALA C 199 -7.93 10.40 38.54
C ALA C 199 -8.92 10.55 39.67
N GLU C 200 -8.92 11.71 40.34
CA GLU C 200 -9.87 11.93 41.42
C GLU C 200 -11.30 12.05 40.88
N LYS C 201 -11.45 12.61 39.68
CA LYS C 201 -12.77 12.68 39.05
C LYS C 201 -13.34 11.29 38.81
N LEU C 202 -12.49 10.35 38.39
CA LEU C 202 -12.94 8.97 38.19
C LEU C 202 -13.23 8.29 39.51
N LYS C 203 -12.39 8.55 40.53
CA LYS C 203 -12.63 7.99 41.87
C LYS C 203 -14.01 8.36 42.40
N GLU C 204 -14.43 9.60 42.16
CA GLU C 204 -15.75 10.05 42.65
C GLU C 204 -16.86 9.35 41.88
N GLU C 205 -16.85 9.45 40.55
CA GLU C 205 -17.89 8.86 39.73
C GLU C 205 -18.03 7.37 40.00
N LEU C 206 -16.90 6.65 40.11
CA LEU C 206 -16.98 5.22 40.39
C LEU C 206 -17.40 4.96 41.83
N GLY C 207 -17.03 5.85 42.76
CA GLY C 207 -17.45 5.70 44.13
C GLY C 207 -18.95 5.87 44.31
N LYS C 208 -19.53 6.87 43.63
CA LYS C 208 -20.98 7.07 43.70
C LYS C 208 -21.73 5.90 43.06
N GLU C 209 -21.14 5.26 42.05
CA GLU C 209 -21.82 4.17 41.37
C GLU C 209 -21.73 2.87 42.16
N PHE C 210 -20.58 2.57 42.73
CA PHE C 210 -20.33 1.33 43.44
C PHE C 210 -20.09 1.66 44.91
N ASP C 211 -21.17 1.58 45.71
CA ASP C 211 -21.08 1.99 47.10
C ASP C 211 -20.35 0.97 47.97
N ASN C 212 -20.37 -0.31 47.59
CA ASN C 212 -19.75 -1.35 48.39
C ASN C 212 -18.27 -1.54 48.07
N VAL C 213 -17.69 -0.66 47.25
CA VAL C 213 -16.29 -0.76 46.85
C VAL C 213 -15.58 0.53 47.25
N GLU C 214 -14.40 0.41 47.83
CA GLU C 214 -13.60 1.56 48.24
C GLU C 214 -12.69 1.96 47.08
N PHE C 215 -12.85 3.19 46.58
CA PHE C 215 -12.07 3.69 45.46
C PHE C 215 -11.04 4.71 45.94
N ARG C 216 -9.78 4.48 45.61
CA ARG C 216 -8.69 5.37 45.97
C ARG C 216 -7.92 5.77 44.72
N ALA C 217 -7.43 7.00 44.71
CA ALA C 217 -6.68 7.56 43.60
C ALA C 217 -5.25 7.86 44.05
N PHE C 218 -4.28 7.48 43.21
CA PHE C 218 -2.88 7.70 43.51
C PHE C 218 -2.18 8.35 42.33
N LEU C 219 -1.03 8.95 42.61
CA LEU C 219 -0.16 9.51 41.60
C LEU C 219 0.98 8.54 41.33
N PHE C 220 1.51 8.59 40.10
CA PHE C 220 2.62 7.71 39.73
C PHE C 220 3.82 7.84 40.66
N GLU C 221 3.95 8.97 41.36
CA GLU C 221 5.07 9.16 42.27
C GLU C 221 4.75 8.68 43.67
N GLU C 222 3.47 8.57 44.01
CA GLU C 222 3.05 8.05 45.31
C GLU C 222 3.26 6.54 45.36
N ASP C 223 4.47 6.08 45.03
CA ASP C 223 4.81 4.66 44.99
C ASP C 223 4.47 3.99 46.31
N GLU C 224 5.42 3.97 47.24
CA GLU C 224 5.22 3.45 48.60
C GLU C 224 3.78 3.55 49.12
N LYS C 225 2.97 4.47 48.60
CA LYS C 225 1.60 4.58 49.09
C LYS C 225 0.66 3.62 48.36
N PHE C 226 0.93 3.32 47.08
CA PHE C 226 0.11 2.36 46.36
C PHE C 226 0.79 1.00 46.23
N LYS C 227 2.09 0.92 46.48
CA LYS C 227 2.83 -0.33 46.38
C LYS C 227 2.21 -1.47 47.18
N PRO C 228 1.79 -1.30 48.44
CA PRO C 228 1.07 -2.40 49.11
C PRO C 228 -0.21 -2.79 48.41
N HIS C 229 -0.96 -1.81 47.88
CA HIS C 229 -2.18 -2.14 47.15
C HIS C 229 -1.86 -2.87 45.85
N MET C 230 -0.77 -2.50 45.17
CA MET C 230 -0.40 -3.19 43.95
C MET C 230 0.04 -4.62 44.24
N GLU C 231 0.66 -4.86 45.39
CA GLU C 231 1.07 -6.21 45.76
C GLU C 231 -0.07 -7.03 46.33
N ASN C 232 -1.22 -6.39 46.60
CA ASN C 232 -2.44 -7.07 47.02
C ASN C 232 -3.46 -7.13 45.90
N SER C 233 -3.00 -7.02 44.65
CA SER C 233 -3.88 -6.94 43.49
C SER C 233 -3.63 -8.13 42.56
N SER C 234 -4.71 -8.74 42.09
CA SER C 234 -4.63 -9.82 41.12
C SER C 234 -4.97 -9.38 39.71
N ILE C 235 -5.75 -8.31 39.55
CA ILE C 235 -6.11 -7.78 38.25
C ILE C 235 -5.51 -6.39 38.13
N ILE C 236 -4.64 -6.22 37.13
CA ILE C 236 -3.99 -4.94 36.86
C ILE C 236 -4.30 -4.55 35.42
N TYR C 237 -4.74 -3.31 35.22
CA TYR C 237 -5.15 -2.81 33.91
C TYR C 237 -4.24 -1.65 33.51
N GLY C 238 -3.78 -1.68 32.26
CA GLY C 238 -2.98 -0.59 31.70
C GLY C 238 -3.73 0.22 30.68
N CYS C 239 -4.16 1.42 31.05
CA CYS C 239 -4.94 2.31 30.20
C CYS C 239 -4.24 3.66 30.03
N THR C 240 -2.92 3.63 29.85
CA THR C 240 -2.15 4.86 29.81
C THR C 240 -1.43 5.03 28.49
N PRO C 241 -1.24 6.28 28.03
CA PRO C 241 -0.43 6.51 26.82
C PRO C 241 1.05 6.65 27.15
N SER C 242 1.52 5.89 28.14
CA SER C 242 2.87 6.06 28.64
C SER C 242 3.91 5.61 27.62
N THR C 243 5.05 6.30 27.63
CA THR C 243 6.23 5.87 26.89
C THR C 243 7.27 5.27 27.82
N SER C 244 7.00 5.26 29.12
CA SER C 244 7.85 4.61 30.12
C SER C 244 6.95 3.75 31.00
N ALA C 245 7.41 2.55 31.31
CA ALA C 245 6.60 1.58 32.04
C ALA C 245 6.11 2.14 33.36
N VAL C 246 4.79 2.16 33.54
CA VAL C 246 4.21 2.60 34.81
C VAL C 246 3.97 1.42 35.74
N ILE C 247 3.73 0.23 35.19
CA ILE C 247 3.59 -0.98 35.97
C ILE C 247 4.98 -1.59 36.11
N LYS C 248 5.56 -1.49 37.31
CA LYS C 248 6.92 -1.93 37.55
C LYS C 248 6.89 -3.35 38.12
N LYS C 249 7.86 -4.17 37.72
CA LYS C 249 7.87 -5.56 38.15
C LYS C 249 7.97 -5.67 39.66
N ASP C 250 8.69 -4.76 40.30
CA ASP C 250 8.87 -4.82 41.75
C ASP C 250 7.64 -4.35 42.51
N HIS C 251 6.62 -3.85 41.84
CA HIS C 251 5.37 -3.43 42.48
C HIS C 251 4.30 -4.51 42.44
N LEU C 252 4.54 -5.61 41.75
CA LEU C 252 3.55 -6.67 41.57
C LEU C 252 3.78 -7.79 42.58
N ASN C 253 2.72 -8.54 42.84
CA ASN C 253 2.83 -9.71 43.69
C ASN C 253 3.63 -10.80 42.98
N LYS C 254 4.55 -11.41 43.72
CA LYS C 254 5.42 -12.45 43.17
C LYS C 254 5.12 -13.82 43.76
N ASP C 255 3.99 -13.96 44.45
CA ASP C 255 3.59 -15.22 45.06
C ASP C 255 2.92 -16.09 44.02
N PRO C 256 3.52 -17.24 43.66
CA PRO C 256 2.89 -18.11 42.66
C PRO C 256 1.54 -18.66 43.08
N LYS C 257 1.22 -18.65 44.37
CA LYS C 257 -0.06 -19.17 44.83
C LYS C 257 -1.23 -18.29 44.41
N TYR C 258 -0.97 -17.02 44.11
CA TYR C 258 -2.00 -16.09 43.70
C TYR C 258 -1.76 -15.72 42.24
N ARG C 259 -2.83 -15.74 41.45
CA ARG C 259 -2.74 -15.43 40.03
C ARG C 259 -2.82 -13.93 39.80
N LYS C 260 -2.05 -13.44 38.83
CA LYS C 260 -2.08 -12.04 38.44
C LYS C 260 -2.29 -11.97 36.93
N PHE C 261 -3.32 -11.23 36.52
CA PHE C 261 -3.67 -11.06 35.12
C PHE C 261 -3.55 -9.57 34.79
N ILE C 262 -2.64 -9.24 33.90
CA ILE C 262 -2.37 -7.85 33.50
C ILE C 262 -2.81 -7.68 32.07
N SER C 263 -3.84 -6.87 31.86
CA SER C 263 -4.33 -6.53 30.52
C SER C 263 -3.84 -5.13 30.16
N LEU C 264 -2.99 -5.05 29.15
CA LEU C 264 -2.40 -3.80 28.69
C LEU C 264 -3.07 -3.37 27.40
N ILE C 265 -3.58 -2.14 27.35
CA ILE C 265 -4.33 -1.66 26.20
C ILE C 265 -3.82 -0.29 25.74
N GLY C 266 -3.02 0.37 26.58
CA GLY C 266 -2.67 1.76 26.31
C GLY C 266 -1.74 1.96 25.13
N SER C 267 -0.73 1.10 25.00
CA SER C 267 0.27 1.29 23.95
C SER C 267 -0.30 0.95 22.59
N TYR C 268 -0.04 1.82 21.61
CA TYR C 268 -0.39 1.54 20.22
C TYR C 268 0.72 1.91 19.25
N LYS C 269 1.86 2.38 19.74
CA LYS C 269 3.05 2.68 18.96
C LYS C 269 4.27 2.08 19.64
N PRO C 270 5.30 1.70 18.87
CA PRO C 270 6.45 0.99 19.48
C PRO C 270 7.12 1.76 20.60
N HIS C 271 7.00 3.07 20.64
CA HIS C 271 7.60 3.86 21.69
C HIS C 271 6.72 3.97 22.93
N MET C 272 5.51 3.40 22.88
CA MET C 272 4.59 3.38 24.02
C MET C 272 4.71 2.04 24.73
N ILE C 273 4.90 2.08 26.04
CA ILE C 273 5.04 0.86 26.84
C ILE C 273 4.46 1.12 28.22
N GLU C 274 3.82 0.10 28.80
CA GLU C 274 3.21 0.21 30.12
C GLU C 274 3.79 -0.75 31.15
N LEU C 275 4.25 -1.92 30.73
CA LEU C 275 4.77 -2.93 31.63
C LEU C 275 6.29 -2.95 31.56
N ASP C 276 6.94 -3.12 32.71
CA ASP C 276 8.39 -3.19 32.82
C ASP C 276 8.99 -4.06 31.71
N LEU C 277 9.94 -3.47 30.97
CA LEU C 277 10.57 -4.21 29.89
C LEU C 277 11.43 -5.36 30.41
N GLU C 278 11.89 -5.28 31.66
CA GLU C 278 12.59 -6.41 32.26
C GLU C 278 11.64 -7.59 32.43
N LEU C 279 10.43 -7.33 32.95
CA LEU C 279 9.44 -8.38 33.07
C LEU C 279 9.03 -8.91 31.70
N MET C 280 8.93 -8.02 30.70
CA MET C 280 8.66 -8.46 29.34
C MET C 280 9.76 -9.37 28.84
N ASN C 281 11.01 -9.02 29.12
CA ASN C 281 12.13 -9.88 28.74
C ASN C 281 12.18 -11.12 29.61
N ASP C 282 11.85 -10.99 30.90
CA ASP C 282 11.77 -12.16 31.78
C ASP C 282 10.71 -13.13 31.29
N PHE C 283 9.55 -12.63 30.88
CA PHE C 283 8.50 -13.50 30.35
C PHE C 283 8.96 -14.19 29.08
N LYS C 284 9.73 -13.48 28.24
CA LYS C 284 10.25 -14.07 27.01
C LYS C 284 11.22 -15.21 27.31
N ASN C 285 12.22 -14.94 28.16
CA ASN C 285 13.23 -15.95 28.45
C ASN C 285 12.69 -17.12 29.25
N ASN C 286 11.58 -16.93 29.97
CA ASN C 286 10.97 -18.00 30.74
C ASN C 286 9.94 -18.78 29.93
N GLY C 287 9.78 -18.47 28.65
CA GLY C 287 8.90 -19.23 27.79
C GLY C 287 7.43 -18.99 28.01
N VAL C 288 7.06 -17.81 28.50
CA VAL C 288 5.66 -17.46 28.73
C VAL C 288 5.09 -16.88 27.45
N LYS C 289 3.93 -17.37 27.04
CA LYS C 289 3.21 -16.82 25.89
C LYS C 289 2.34 -15.67 26.37
N VAL C 290 2.36 -14.58 25.60
CA VAL C 290 1.58 -13.38 25.92
C VAL C 290 0.26 -13.44 25.16
N ILE C 291 -0.82 -13.16 25.86
CA ILE C 291 -2.14 -13.11 25.22
C ILE C 291 -2.25 -11.80 24.45
N VAL C 292 -2.73 -11.88 23.21
CA VAL C 292 -2.86 -10.71 22.36
C VAL C 292 -4.22 -10.77 21.67
N ASP C 293 -4.68 -9.62 21.20
CA ASP C 293 -5.89 -9.61 20.38
C ASP C 293 -5.56 -10.04 18.96
N SER C 294 -4.48 -9.51 18.40
CA SER C 294 -4.00 -9.89 17.07
C SER C 294 -2.48 -9.92 17.09
N LYS C 295 -1.90 -11.08 16.76
CA LYS C 295 -0.44 -11.19 16.76
C LYS C 295 0.19 -10.23 15.77
N GLU C 296 -0.45 -10.06 14.61
CA GLU C 296 0.08 -9.18 13.58
C GLU C 296 0.13 -7.74 14.06
N HIS C 297 -0.99 -7.22 14.56
CA HIS C 297 -1.04 -5.82 15.00
C HIS C 297 -0.18 -5.59 16.25
N THR C 298 -0.19 -6.53 17.20
CA THR C 298 0.57 -6.33 18.43
C THR C 298 2.06 -6.31 18.17
N LEU C 299 2.55 -7.17 17.27
CA LEU C 299 3.97 -7.19 16.98
C LEU C 299 4.39 -6.01 16.09
N HIS C 300 3.44 -5.21 15.63
CA HIS C 300 3.73 -4.00 14.87
C HIS C 300 3.30 -2.72 15.57
N GLU C 301 2.63 -2.81 16.72
CA GLU C 301 2.10 -1.63 17.39
C GLU C 301 2.35 -1.60 18.89
N ALA C 302 2.59 -2.74 19.54
CA ALA C 302 2.69 -2.80 20.98
C ALA C 302 4.16 -2.72 21.38
N GLY C 303 4.52 -1.64 22.08
CA GLY C 303 5.89 -1.46 22.51
C GLY C 303 6.35 -2.48 23.53
N GLU C 304 5.42 -3.06 24.27
CA GLU C 304 5.78 -4.10 25.23
C GLU C 304 6.35 -5.32 24.53
N LEU C 305 5.89 -5.61 23.33
CA LEU C 305 6.36 -6.73 22.53
C LEU C 305 7.44 -6.33 21.54
N ILE C 306 7.37 -5.11 21.02
CA ILE C 306 8.32 -4.66 20.03
C ILE C 306 9.69 -4.38 20.66
N GLN C 307 9.69 -3.84 21.88
CA GLN C 307 10.93 -3.52 22.56
C GLN C 307 11.56 -4.71 23.26
N SER C 308 10.87 -5.85 23.34
CA SER C 308 11.41 -7.04 23.97
C SER C 308 11.84 -8.11 22.97
N GLY C 309 11.47 -7.99 21.70
CA GLY C 309 11.84 -8.98 20.71
C GLY C 309 10.96 -10.20 20.67
N TYR C 310 9.69 -10.06 21.05
CA TYR C 310 8.77 -11.19 21.09
C TYR C 310 8.46 -11.65 19.66
N THR C 311 8.09 -12.94 19.56
CA THR C 311 7.78 -13.56 18.29
C THR C 311 6.35 -14.09 18.29
N SER C 312 5.80 -14.28 17.08
CA SER C 312 4.43 -14.75 16.95
C SER C 312 4.24 -16.12 17.59
N ASP C 313 5.26 -16.98 17.55
CA ASP C 313 5.15 -18.31 18.12
C ASP C 313 4.99 -18.28 19.63
N GLN C 314 5.52 -17.24 20.28
CA GLN C 314 5.37 -17.07 21.72
C GLN C 314 4.19 -16.15 22.06
N LEU C 315 3.17 -16.14 21.20
CA LEU C 315 1.98 -15.34 21.40
C LEU C 315 0.75 -16.21 21.22
N ILE C 316 -0.35 -15.79 21.85
CA ILE C 316 -1.64 -16.46 21.71
C ILE C 316 -2.73 -15.41 21.66
N GLU C 317 -3.68 -15.59 20.74
CA GLU C 317 -4.77 -14.65 20.57
C GLU C 317 -5.91 -15.00 21.52
N ILE C 318 -6.72 -13.99 21.86
CA ILE C 318 -7.75 -14.17 22.90
C ILE C 318 -8.72 -15.28 22.50
N HIS C 319 -9.22 -15.25 21.28
CA HIS C 319 -10.16 -16.28 20.83
C HIS C 319 -9.55 -17.67 20.93
N GLU C 320 -8.23 -17.78 20.80
CA GLU C 320 -7.56 -19.08 20.91
C GLU C 320 -7.55 -19.60 22.34
N LEU C 321 -7.71 -18.72 23.34
CA LEU C 321 -7.86 -19.18 24.72
C LEU C 321 -9.16 -19.94 24.94
N TYR C 322 -10.15 -19.76 24.07
CA TYR C 322 -11.41 -20.48 24.13
C TYR C 322 -11.40 -21.71 23.25
N GLU C 323 -10.24 -22.07 22.70
CA GLU C 323 -10.06 -23.28 21.92
C GLU C 323 -9.19 -24.29 22.65
N THR C 324 -8.84 -24.00 23.90
CA THR C 324 -8.01 -24.88 24.70
C THR C 324 -8.32 -24.65 26.17
N GLU C 325 -7.78 -25.52 27.02
CA GLU C 325 -7.86 -25.36 28.46
C GLU C 325 -6.49 -25.38 29.14
N GLU C 326 -5.43 -25.71 28.42
CA GLU C 326 -4.09 -25.72 29.00
C GLU C 326 -3.52 -24.31 28.94
N PHE C 327 -3.35 -23.69 30.11
CA PHE C 327 -2.89 -22.31 30.20
C PHE C 327 -1.55 -22.20 30.94
N SER C 328 -0.80 -23.29 31.05
CA SER C 328 0.52 -23.17 31.64
C SER C 328 1.51 -22.49 30.70
N THR C 329 1.12 -22.28 29.44
CA THR C 329 1.94 -21.56 28.48
C THR C 329 1.82 -20.04 28.62
N ILE C 330 0.73 -19.57 29.23
CA ILE C 330 0.47 -18.15 29.39
C ILE C 330 0.71 -17.68 30.83
N THR C 331 1.37 -18.51 31.64
CA THR C 331 1.58 -18.20 33.05
C THR C 331 3.04 -18.38 33.41
N ASP C 332 3.64 -17.34 33.99
CA ASP C 332 4.99 -17.45 34.53
C ASP C 332 4.90 -18.23 35.84
N ALA C 333 5.46 -19.45 35.84
CA ALA C 333 5.29 -20.34 36.98
C ALA C 333 5.99 -19.84 38.24
N THR C 334 7.02 -19.01 38.10
CA THR C 334 7.73 -18.51 39.28
C THR C 334 6.93 -17.45 40.02
N THR C 335 5.95 -16.82 39.36
CA THR C 335 5.18 -15.74 39.98
C THR C 335 3.67 -15.87 39.83
N GLY C 336 3.18 -16.66 38.87
CA GLY C 336 1.76 -16.72 38.63
C GLY C 336 1.19 -15.56 37.85
N THR C 337 2.00 -14.94 37.00
CA THR C 337 1.62 -13.72 36.30
C THR C 337 1.26 -14.03 34.85
N THR C 338 0.19 -13.39 34.37
CA THR C 338 -0.26 -13.53 32.99
C THR C 338 -0.39 -12.15 32.38
N VAL C 339 0.08 -12.00 31.14
CA VAL C 339 0.10 -10.71 30.45
C VAL C 339 -0.78 -10.81 29.21
N GLN C 340 -1.66 -9.80 29.05
CA GLN C 340 -2.52 -9.69 27.88
C GLN C 340 -2.34 -8.29 27.29
N LYS C 341 -2.09 -8.23 25.98
CA LYS C 341 -1.85 -6.96 25.28
C LYS C 341 -2.89 -6.77 24.19
N ILE C 342 -3.60 -5.64 24.25
CA ILE C 342 -4.65 -5.31 23.29
C ILE C 342 -4.29 -4.00 22.60
N VAL C 343 -4.38 -3.99 21.27
CA VAL C 343 -4.15 -2.77 20.50
C VAL C 343 -5.43 -2.21 19.89
N GLY C 344 -6.44 -3.05 19.69
CA GLY C 344 -7.68 -2.59 19.10
C GLY C 344 -7.87 -3.17 17.72
N LEU C 345 -9.10 -3.56 17.41
CA LEU C 345 -9.45 -4.11 16.11
C LEU C 345 -10.81 -3.59 15.70
N SER C 346 -10.95 -3.27 14.41
CA SER C 346 -12.20 -2.68 13.94
C SER C 346 -13.37 -3.66 14.07
N ILE C 347 -13.10 -4.96 13.99
CA ILE C 347 -14.14 -5.96 14.20
C ILE C 347 -14.72 -5.84 15.60
N MET C 348 -13.90 -5.46 16.57
CA MET C 348 -14.40 -5.22 17.92
C MET C 348 -15.44 -4.11 17.91
N ASP C 349 -15.13 -3.01 17.21
CA ASP C 349 -16.06 -1.89 17.14
C ASP C 349 -17.30 -2.24 16.33
N LEU C 350 -17.13 -3.02 15.26
CA LEU C 350 -18.26 -3.30 14.37
C LEU C 350 -19.16 -4.40 14.92
N CYS C 351 -18.59 -5.43 15.55
CA CYS C 351 -19.42 -6.50 16.10
C CYS C 351 -20.18 -6.03 17.34
N MET C 352 -19.55 -5.20 18.16
CA MET C 352 -20.25 -4.68 19.33
C MET C 352 -21.21 -3.54 18.95
N GLY C 353 -20.86 -2.76 17.93
CA GLY C 353 -21.75 -1.71 17.47
C GLY C 353 -23.00 -2.28 16.81
N LYS C 354 -22.84 -3.35 16.03
CA LYS C 354 -24.00 -4.00 15.42
C LYS C 354 -24.92 -4.58 16.48
N TYR C 355 -24.35 -5.18 17.53
CA TYR C 355 -25.17 -5.73 18.61
C TYR C 355 -26.01 -4.65 19.28
N ILE C 356 -25.37 -3.54 19.65
CA ILE C 356 -26.08 -2.46 20.33
C ILE C 356 -27.14 -1.85 19.42
N TYR C 357 -26.82 -1.68 18.14
CA TYR C 357 -27.77 -1.10 17.20
C TYR C 357 -29.04 -1.95 17.08
N GLU C 358 -28.90 -3.27 17.17
CA GLU C 358 -30.07 -4.14 17.01
C GLU C 358 -30.86 -4.33 18.30
N ASN C 359 -30.38 -3.80 19.43
CA ASN C 359 -31.07 -4.00 20.69
C ASN C 359 -31.31 -2.72 21.49
N ILE C 360 -30.81 -1.58 21.04
CA ILE C 360 -30.98 -0.32 21.77
C ILE C 360 -32.37 0.24 21.46
N GLN C 361 -33.02 0.77 22.48
CA GLN C 361 -34.35 1.35 22.33
C GLN C 361 -34.25 2.80 21.85
N ASP C 362 -35.34 3.28 21.24
CA ASP C 362 -35.35 4.63 20.70
C ASP C 362 -35.15 5.69 21.78
N ASP C 363 -35.31 5.32 23.05
CA ASP C 363 -35.05 6.27 24.12
C ASP C 363 -33.56 6.57 24.23
N ASP C 364 -32.71 5.64 23.81
CA ASP C 364 -31.27 5.79 23.84
C ASP C 364 -30.68 5.83 22.44
N ALA C 365 -31.35 6.55 21.53
CA ALA C 365 -30.89 6.66 20.15
C ALA C 365 -31.68 7.74 19.44
N VAL C 366 -31.02 8.41 18.50
CA VAL C 366 -31.65 9.41 17.65
C VAL C 366 -32.02 8.72 16.34
N VAL C 367 -33.28 8.31 16.21
CA VAL C 367 -33.76 7.59 15.04
C VAL C 367 -34.13 8.58 13.96
N VAL C 368 -33.55 8.41 12.77
CA VAL C 368 -33.78 9.30 11.64
C VAL C 368 -34.58 8.55 10.57
N ASN C 369 -35.74 9.09 10.22
CA ASN C 369 -36.60 8.54 9.19
C ASN C 369 -36.43 9.32 7.89
N ASP C 370 -36.53 8.61 6.77
CA ASP C 370 -36.40 9.19 5.44
C ASP C 370 -35.02 9.87 5.28
N PHE C 371 -33.98 9.06 5.46
CA PHE C 371 -32.61 9.55 5.34
C PHE C 371 -32.18 9.60 3.88
N HIS D 20 -21.85 18.41 18.60
CA HIS D 20 -23.09 18.65 17.89
C HIS D 20 -22.93 18.37 16.39
N MET D 21 -23.44 17.23 15.95
CA MET D 21 -23.42 16.84 14.55
C MET D 21 -24.81 16.97 13.94
N LYS D 22 -24.83 17.05 12.62
CA LYS D 22 -26.06 17.30 11.87
C LYS D 22 -26.23 16.21 10.83
N VAL D 23 -27.38 15.53 10.86
CA VAL D 23 -27.71 14.55 9.85
C VAL D 23 -28.49 15.25 8.75
N ILE D 24 -27.89 15.34 7.57
CA ILE D 24 -28.52 15.96 6.41
C ILE D 24 -28.97 14.86 5.47
N ARG D 25 -30.28 14.69 5.37
CA ARG D 25 -30.88 13.65 4.56
C ARG D 25 -31.06 14.15 3.12
N ASP D 26 -31.33 13.20 2.22
CA ASP D 26 -31.51 13.55 0.82
C ASP D 26 -32.53 14.67 0.64
N LYS D 27 -33.66 14.58 1.33
CA LYS D 27 -34.67 15.63 1.26
C LYS D 27 -34.11 16.96 1.76
N ASP D 28 -33.28 16.92 2.81
CA ASP D 28 -32.70 18.14 3.34
C ASP D 28 -31.75 18.79 2.33
N ILE D 29 -30.97 17.98 1.62
CA ILE D 29 -30.06 18.51 0.60
C ILE D 29 -30.84 19.19 -0.51
N LYS D 30 -31.80 18.47 -1.10
CA LYS D 30 -32.60 19.03 -2.19
C LYS D 30 -33.34 20.28 -1.75
N SER D 31 -33.81 20.32 -0.50
CA SER D 31 -34.46 21.52 0.01
C SER D 31 -33.47 22.68 0.03
N PHE D 32 -32.32 22.49 0.67
CA PHE D 32 -31.29 23.52 0.70
C PHE D 32 -30.91 23.96 -0.71
N LEU D 33 -30.71 23.00 -1.61
CA LEU D 33 -30.29 23.34 -2.97
C LEU D 33 -31.37 24.14 -3.70
N ASN D 34 -32.60 23.61 -3.76
CA ASN D 34 -33.68 24.31 -4.44
C ASN D 34 -33.95 25.67 -3.82
N LYS D 35 -33.64 25.83 -2.53
CA LYS D 35 -33.85 27.09 -1.85
C LYS D 35 -32.68 28.04 -2.02
N ARG D 36 -31.53 27.57 -2.53
CA ARG D 36 -30.35 28.40 -2.63
C ARG D 36 -29.67 28.33 -4.00
N LEU D 37 -30.28 27.69 -4.99
CA LEU D 37 -29.65 27.50 -6.30
C LEU D 37 -30.20 28.52 -7.29
N THR D 38 -29.32 29.42 -7.73
CA THR D 38 -29.62 30.39 -8.78
C THR D 38 -28.40 30.49 -9.67
N ARG D 39 -28.55 31.12 -10.82
CA ARG D 39 -27.40 31.37 -11.70
C ARG D 39 -26.27 32.07 -10.94
N GLU D 40 -26.62 33.09 -10.15
CA GLU D 40 -25.59 33.78 -9.38
C GLU D 40 -24.97 32.83 -8.35
N SER D 41 -25.82 32.13 -7.59
CA SER D 41 -25.33 31.15 -6.62
C SER D 41 -24.40 30.13 -7.26
N ILE D 42 -24.80 29.60 -8.42
CA ILE D 42 -23.97 28.60 -9.10
C ILE D 42 -22.62 29.19 -9.48
N PHE D 43 -22.62 30.40 -10.06
CA PHE D 43 -21.38 31.00 -10.53
C PHE D 43 -20.54 31.56 -9.38
N SER D 44 -21.19 32.04 -8.32
CA SER D 44 -20.50 32.80 -7.29
C SER D 44 -20.18 31.99 -6.03
N GLN D 45 -20.90 30.90 -5.78
CA GLN D 45 -20.71 30.17 -4.54
C GLN D 45 -20.40 28.69 -4.79
N PHE D 46 -21.30 27.99 -5.50
CA PHE D 46 -21.19 26.54 -5.62
C PHE D 46 -20.03 26.13 -6.51
N GLN D 47 -20.01 26.59 -7.77
CA GLN D 47 -18.90 26.28 -8.67
C GLN D 47 -17.53 26.63 -8.10
N PRO D 48 -17.32 27.81 -7.50
CA PRO D 48 -15.99 28.09 -6.92
C PRO D 48 -15.54 27.07 -5.88
N VAL D 49 -16.45 26.57 -5.05
CA VAL D 49 -16.07 25.57 -4.05
C VAL D 49 -15.56 24.31 -4.73
N LEU D 50 -16.25 23.84 -5.76
CA LEU D 50 -15.81 22.64 -6.46
C LEU D 50 -14.48 22.88 -7.17
N LEU D 51 -14.32 24.05 -7.79
CA LEU D 51 -13.05 24.39 -8.44
C LEU D 51 -11.92 24.39 -7.42
N ARG D 52 -12.17 24.94 -6.23
CA ARG D 52 -11.14 24.93 -5.18
C ARG D 52 -10.82 23.51 -4.74
N GLY D 53 -11.85 22.69 -4.55
CA GLY D 53 -11.62 21.29 -4.19
C GLY D 53 -10.82 20.55 -5.24
N LEU D 54 -11.18 20.74 -6.52
CA LEU D 54 -10.45 20.07 -7.60
C LEU D 54 -9.02 20.60 -7.68
N ALA D 55 -8.83 21.89 -7.45
CA ALA D 55 -7.48 22.46 -7.47
C ALA D 55 -6.67 21.97 -6.29
N THR D 56 -7.27 21.98 -5.09
CA THR D 56 -6.59 21.46 -3.90
C THR D 56 -6.20 20.00 -4.08
N TYR D 57 -7.11 19.19 -4.64
CA TYR D 57 -6.80 17.77 -4.84
C TYR D 57 -5.64 17.58 -5.80
N ALA D 58 -5.63 18.34 -6.90
CA ALA D 58 -4.59 18.18 -7.93
C ALA D 58 -3.20 18.51 -7.40
N ALA D 59 -3.08 19.27 -6.31
CA ALA D 59 -1.77 19.64 -5.81
C ALA D 59 -1.11 18.48 -5.06
N ASN D 60 -1.84 17.86 -4.14
CA ASN D 60 -1.35 16.70 -3.38
C ASN D 60 -2.35 15.57 -3.49
N PRO D 61 -2.44 14.92 -4.65
CA PRO D 61 -3.52 13.94 -4.86
C PRO D 61 -3.52 12.80 -3.86
N ASN D 62 -2.39 12.13 -3.65
CA ASN D 62 -2.38 10.98 -2.75
C ASN D 62 -2.53 11.40 -1.30
N ALA D 63 -2.26 12.67 -0.97
CA ALA D 63 -2.40 13.15 0.40
C ALA D 63 -3.80 13.66 0.68
N ILE D 64 -4.53 14.08 -0.35
CA ILE D 64 -5.89 14.60 -0.15
C ILE D 64 -6.92 13.49 -0.29
N VAL D 65 -6.86 12.75 -1.39
CA VAL D 65 -7.72 11.59 -1.62
C VAL D 65 -6.86 10.34 -1.68
N PRO D 66 -6.66 9.64 -0.56
CA PRO D 66 -5.87 8.40 -0.58
C PRO D 66 -6.56 7.34 -1.41
N PRO D 67 -5.79 6.34 -1.88
CA PRO D 67 -6.38 5.24 -2.67
C PRO D 67 -7.60 4.64 -1.98
N ARG D 68 -8.63 4.35 -2.78
CA ARG D 68 -9.88 3.84 -2.22
C ARG D 68 -9.71 2.39 -1.76
N ILE D 69 -10.53 1.99 -0.80
CA ILE D 69 -10.58 0.61 -0.33
C ILE D 69 -11.86 -0.01 -0.85
N VAL D 70 -11.74 -1.08 -1.61
CA VAL D 70 -12.88 -1.80 -2.19
C VAL D 70 -12.83 -3.25 -1.71
N GLN D 71 -13.92 -3.70 -1.10
CA GLN D 71 -14.04 -5.09 -0.65
C GLN D 71 -15.44 -5.58 -0.96
N GLN D 72 -15.52 -6.72 -1.65
CA GLN D 72 -16.80 -7.34 -1.92
C GLN D 72 -17.31 -8.01 -0.64
N SER D 73 -18.63 -8.12 -0.53
CA SER D 73 -19.24 -8.67 0.66
C SER D 73 -18.64 -10.03 0.99
N ASN D 74 -18.26 -10.21 2.26
CA ASN D 74 -17.85 -11.52 2.75
C ASN D 74 -19.03 -12.27 3.33
N ASN D 75 -20.23 -11.71 3.16
CA ASN D 75 -21.48 -12.33 3.54
C ASN D 75 -22.12 -13.06 2.36
N SER D 76 -22.71 -14.21 2.63
CA SER D 76 -23.49 -14.88 1.61
C SER D 76 -24.80 -14.12 1.41
N GLU D 77 -25.60 -14.58 0.46
CA GLU D 77 -26.89 -13.94 0.14
C GLU D 77 -26.72 -12.45 -0.16
N SER D 78 -25.53 -12.06 -0.62
CA SER D 78 -25.25 -10.69 -0.99
C SER D 78 -24.19 -10.67 -2.08
N ASP D 79 -24.42 -9.83 -3.10
CA ASP D 79 -23.44 -9.57 -4.15
C ASP D 79 -22.95 -8.14 -4.12
N THR D 80 -23.13 -7.45 -2.99
CA THR D 80 -22.80 -6.04 -2.89
C THR D 80 -21.31 -5.84 -2.59
N THR D 81 -20.71 -4.87 -3.26
CA THR D 81 -19.33 -4.47 -3.02
C THR D 81 -19.32 -3.13 -2.30
N HIS D 82 -18.57 -3.04 -1.21
CA HIS D 82 -18.50 -1.84 -0.40
C HIS D 82 -17.21 -1.09 -0.72
N VAL D 83 -17.31 0.21 -0.95
CA VAL D 83 -16.19 1.05 -1.33
C VAL D 83 -16.03 2.17 -0.30
N PHE D 84 -14.81 2.34 0.22
CA PHE D 84 -14.51 3.36 1.22
C PHE D 84 -13.52 4.35 0.63
N MET D 85 -13.95 5.61 0.44
CA MET D 85 -13.16 6.64 -0.23
C MET D 85 -12.89 7.79 0.74
N PRO D 86 -11.77 7.76 1.45
CA PRO D 86 -11.46 8.86 2.37
C PRO D 86 -10.92 10.09 1.64
N CYS D 87 -11.21 11.26 2.22
CA CYS D 87 -10.73 12.52 1.70
C CYS D 87 -10.27 13.40 2.84
N ILE D 88 -9.01 13.84 2.80
CA ILE D 88 -8.45 14.69 3.84
C ILE D 88 -7.89 15.96 3.22
N SER D 89 -8.77 16.89 2.87
CA SER D 89 -8.35 18.19 2.37
C SER D 89 -8.06 19.12 3.54
N PRO D 90 -7.33 20.21 3.30
CA PRO D 90 -7.10 21.19 4.38
C PRO D 90 -8.37 21.65 5.07
N THR D 91 -9.48 21.73 4.34
CA THR D 91 -10.73 22.22 4.87
C THR D 91 -11.84 21.18 4.90
N GLU D 92 -11.77 20.14 4.07
CA GLU D 92 -12.80 19.12 3.99
C GLU D 92 -12.20 17.77 4.33
N VAL D 93 -12.54 17.24 5.50
CA VAL D 93 -11.99 15.99 6.01
C VAL D 93 -13.14 15.02 6.23
N GLY D 94 -12.96 13.78 5.82
CA GLY D 94 -13.97 12.76 6.03
C GLY D 94 -13.78 11.62 5.05
N ILE D 95 -14.88 10.91 4.80
CA ILE D 95 -14.86 9.74 3.92
C ILE D 95 -16.25 9.60 3.31
N LYS D 96 -16.29 9.17 2.05
CA LYS D 96 -17.53 8.78 1.40
C LYS D 96 -17.51 7.27 1.26
N VAL D 97 -18.52 6.62 1.83
CA VAL D 97 -18.65 5.17 1.79
C VAL D 97 -19.84 4.86 0.88
N ILE D 98 -19.58 4.18 -0.22
CA ILE D 98 -20.62 3.82 -1.16
C ILE D 98 -20.57 2.31 -1.35
N SER D 99 -21.74 1.73 -1.57
CA SER D 99 -21.85 0.29 -1.74
C SER D 99 -22.88 0.00 -2.81
N GLY D 100 -22.51 -0.87 -3.75
CA GLY D 100 -23.39 -1.24 -4.82
C GLY D 100 -22.97 -2.60 -5.36
N GLY D 101 -23.60 -2.99 -6.46
CA GLY D 101 -23.31 -4.27 -7.06
C GLY D 101 -24.56 -4.89 -7.62
N PRO D 102 -24.46 -6.13 -8.10
CA PRO D 102 -25.66 -6.84 -8.55
C PRO D 102 -26.77 -6.83 -7.51
N SER D 103 -27.98 -7.24 -7.91
CA SER D 103 -29.20 -7.18 -7.10
C SER D 103 -29.70 -5.74 -7.09
N ASN D 104 -29.85 -5.15 -8.27
CA ASN D 104 -30.32 -3.78 -8.41
C ASN D 104 -31.76 -3.74 -8.88
N GLY D 110 -30.32 0.68 -5.54
CA GLY D 110 -29.17 0.98 -6.37
C GLY D 110 -27.91 1.15 -5.54
N PHE D 111 -27.02 2.04 -5.97
CA PHE D 111 -25.80 2.32 -5.22
C PHE D 111 -26.16 3.18 -4.01
N GLN D 112 -25.93 2.63 -2.81
CA GLN D 112 -26.26 3.29 -1.56
C GLN D 112 -25.02 3.56 -0.72
N GLY D 113 -25.11 4.61 0.09
CA GLY D 113 -24.03 4.96 0.98
C GLY D 113 -24.28 6.34 1.58
N CYS D 114 -23.23 6.89 2.18
CA CYS D 114 -23.32 8.17 2.85
C CYS D 114 -21.96 8.85 2.78
N VAL D 115 -21.94 10.14 3.09
CA VAL D 115 -20.72 10.93 3.15
C VAL D 115 -20.57 11.49 4.55
N MET D 116 -19.38 11.31 5.13
CA MET D 116 -19.09 11.75 6.49
C MET D 116 -18.18 12.96 6.44
N ILE D 117 -18.60 14.04 7.11
CA ILE D 117 -17.82 15.27 7.21
C ILE D 117 -17.34 15.41 8.64
N LEU D 118 -16.04 15.67 8.82
CA LEU D 118 -15.44 15.75 10.13
C LEU D 118 -14.90 17.16 10.38
N ASP D 119 -14.67 17.47 11.65
CA ASP D 119 -14.01 18.72 12.00
C ASP D 119 -12.55 18.66 11.56
N GLU D 120 -12.13 19.67 10.81
CA GLU D 120 -10.81 19.66 10.18
C GLU D 120 -9.65 19.78 11.16
N VAL D 121 -9.93 20.04 12.45
CA VAL D 121 -8.88 20.21 13.45
C VAL D 121 -8.95 19.15 14.54
N THR D 122 -10.16 18.75 14.93
CA THR D 122 -10.33 17.81 16.03
C THR D 122 -10.64 16.40 15.55
N GLY D 123 -11.23 16.24 14.37
CA GLY D 123 -11.63 14.94 13.90
C GLY D 123 -12.95 14.46 14.45
N GLU D 124 -13.72 15.35 15.06
CA GLU D 124 -15.04 15.01 15.59
C GLU D 124 -16.07 14.99 14.46
N LEU D 125 -17.05 14.11 14.60
CA LEU D 125 -18.10 14.01 13.59
C LEU D 125 -18.92 15.29 13.55
N ASN D 126 -18.96 15.92 12.38
CA ASN D 126 -19.74 17.14 12.18
C ASN D 126 -20.99 16.93 11.36
N ALA D 127 -20.98 16.02 10.39
CA ALA D 127 -22.12 15.89 9.50
C ALA D 127 -22.17 14.50 8.91
N ILE D 128 -23.39 14.02 8.68
CA ILE D 128 -23.66 12.78 7.96
C ILE D 128 -24.65 13.11 6.85
N PHE D 129 -24.20 12.99 5.60
CA PHE D 129 -25.02 13.22 4.43
C PHE D 129 -25.44 11.90 3.82
N ASN D 130 -26.57 11.92 3.12
CA ASN D 130 -26.91 10.82 2.23
C ASN D 130 -26.21 11.08 0.90
N ALA D 131 -25.52 10.05 0.40
CA ALA D 131 -24.67 10.22 -0.78
C ALA D 131 -25.45 10.45 -2.05
N ALA D 132 -26.72 10.02 -2.11
CA ALA D 132 -27.52 10.07 -3.33
C ALA D 132 -27.58 11.46 -3.94
N CYS D 133 -28.29 12.39 -3.29
CA CYS D 133 -28.43 13.74 -3.83
C CYS D 133 -27.08 14.44 -3.94
N LEU D 134 -26.24 14.31 -2.90
CA LEU D 134 -24.96 15.00 -2.91
C LEU D 134 -24.11 14.61 -4.12
N THR D 135 -24.08 13.31 -4.45
CA THR D 135 -23.30 12.85 -5.59
C THR D 135 -23.86 13.42 -6.90
N ALA D 136 -25.19 13.38 -7.05
CA ALA D 136 -25.80 13.88 -8.27
C ALA D 136 -25.52 15.37 -8.46
N PHE D 137 -25.60 16.14 -7.39
CA PHE D 137 -25.37 17.58 -7.49
C PHE D 137 -23.92 17.89 -7.87
N ARG D 138 -22.96 17.25 -7.19
CA ARG D 138 -21.56 17.54 -7.51
C ARG D 138 -21.20 17.09 -8.92
N THR D 139 -21.81 16.00 -9.39
CA THR D 139 -21.58 15.57 -10.76
C THR D 139 -22.14 16.58 -11.75
N ALA D 140 -23.34 17.09 -11.48
CA ALA D 140 -23.93 18.11 -12.35
C ALA D 140 -23.17 19.42 -12.25
N LEU D 141 -22.71 19.77 -11.04
CA LEU D 141 -21.90 20.97 -10.88
C LEU D 141 -20.57 20.84 -11.59
N ALA D 142 -20.02 19.63 -11.65
CA ALA D 142 -18.78 19.41 -12.39
C ALA D 142 -19.01 19.51 -13.89
N SER D 143 -20.14 18.98 -14.37
CA SER D 143 -20.46 19.08 -15.79
C SER D 143 -20.58 20.52 -16.23
N VAL D 144 -21.25 21.35 -15.43
CA VAL D 144 -21.42 22.76 -15.80
C VAL D 144 -20.16 23.57 -15.51
N LEU D 145 -19.28 23.09 -14.62
CA LEU D 145 -18.04 23.79 -14.34
C LEU D 145 -17.15 23.89 -15.57
N GLY D 146 -17.16 22.87 -16.42
CA GLY D 146 -16.43 22.92 -17.67
C GLY D 146 -17.25 23.56 -18.77
N LEU D 147 -18.56 23.33 -18.73
CA LEU D 147 -19.45 23.87 -19.75
C LEU D 147 -19.44 25.39 -19.73
N THR D 148 -19.64 26.00 -18.56
CA THR D 148 -19.67 27.46 -18.46
C THR D 148 -18.35 28.10 -18.88
N ARG D 149 -17.27 27.34 -18.87
CA ARG D 149 -15.97 27.86 -19.28
C ARG D 149 -15.79 27.80 -20.80
N VAL D 150 -16.31 26.74 -21.43
CA VAL D 150 -16.17 26.58 -22.87
C VAL D 150 -17.35 27.20 -23.61
N VAL D 151 -18.55 27.08 -23.07
CA VAL D 151 -19.74 27.65 -23.69
C VAL D 151 -20.35 28.65 -22.70
N PRO D 152 -19.87 29.90 -22.67
CA PRO D 152 -20.41 30.86 -21.70
C PRO D 152 -21.89 31.11 -21.90
N VAL D 153 -22.57 31.45 -20.80
CA VAL D 153 -24.01 31.67 -20.82
C VAL D 153 -24.40 32.91 -21.61
N ASP D 154 -23.42 33.72 -22.04
CA ASP D 154 -23.68 34.87 -22.88
C ASP D 154 -23.45 34.57 -24.37
N SER D 155 -23.21 33.31 -24.72
CA SER D 155 -22.96 32.95 -26.11
C SER D 155 -24.15 33.30 -26.98
N VAL D 156 -23.87 33.67 -28.23
CA VAL D 156 -24.92 33.99 -29.19
C VAL D 156 -25.09 32.92 -30.26
N ASP D 157 -24.20 31.91 -30.32
CA ASP D 157 -24.31 30.84 -31.30
C ASP D 157 -24.67 29.52 -30.62
N VAL D 158 -25.64 29.56 -29.71
CA VAL D 158 -26.00 28.39 -28.90
C VAL D 158 -27.34 27.88 -29.39
N LEU D 159 -27.37 26.59 -29.76
CA LEU D 159 -28.61 25.97 -30.19
C LEU D 159 -29.61 25.94 -29.03
N PRO D 160 -30.92 25.95 -29.32
CA PRO D 160 -31.91 26.16 -28.26
C PRO D 160 -32.34 24.90 -27.52
N GLU D 161 -31.82 23.73 -27.84
CA GLU D 161 -32.30 22.49 -27.23
C GLU D 161 -31.21 21.82 -26.40
N LEU D 162 -31.65 21.04 -25.42
CA LEU D 162 -30.79 20.22 -24.58
C LEU D 162 -31.28 18.78 -24.64
N CYS D 163 -30.35 17.84 -24.77
CA CYS D 163 -30.65 16.42 -24.77
C CYS D 163 -29.86 15.76 -23.65
N VAL D 164 -30.57 15.12 -22.72
CA VAL D 164 -29.95 14.35 -21.66
C VAL D 164 -30.34 12.89 -21.83
N PHE D 165 -29.35 12.02 -21.97
CA PHE D 165 -29.59 10.58 -22.02
C PHE D 165 -29.54 10.06 -20.59
N GLY D 166 -30.69 9.67 -20.06
CA GLY D 166 -30.80 9.17 -18.71
C GLY D 166 -31.93 9.83 -17.94
N VAL D 167 -32.17 9.28 -16.76
CA VAL D 167 -33.19 9.76 -15.85
C VAL D 167 -32.61 9.79 -14.44
N GLY D 168 -33.43 10.16 -13.48
CA GLY D 168 -33.02 10.16 -12.08
C GLY D 168 -32.48 11.49 -11.61
N GLN D 169 -31.86 11.44 -10.43
CA GLN D 169 -31.31 12.64 -9.82
C GLN D 169 -30.18 13.22 -10.66
N GLN D 170 -29.37 12.35 -11.27
CA GLN D 170 -28.26 12.81 -12.11
C GLN D 170 -28.78 13.67 -13.26
N ALA D 171 -29.76 13.15 -14.01
CA ALA D 171 -30.34 13.91 -15.10
C ALA D 171 -31.06 15.16 -14.60
N TYR D 172 -31.77 15.05 -13.47
CA TYR D 172 -32.50 16.18 -12.93
C TYR D 172 -31.56 17.35 -12.61
N TRP D 173 -30.56 17.09 -11.76
CA TRP D 173 -29.66 18.17 -11.33
C TRP D 173 -28.86 18.72 -12.51
N HIS D 174 -28.50 17.86 -13.47
CA HIS D 174 -27.84 18.34 -14.67
C HIS D 174 -28.71 19.33 -15.43
N VAL D 175 -29.98 18.99 -15.64
CA VAL D 175 -30.88 19.85 -16.39
C VAL D 175 -31.21 21.12 -15.61
N LYS D 176 -31.61 20.97 -14.35
CA LYS D 176 -31.99 22.12 -13.54
C LYS D 176 -30.88 23.17 -13.49
N LEU D 177 -29.67 22.74 -13.15
CA LEU D 177 -28.55 23.67 -13.06
C LEU D 177 -28.26 24.31 -14.41
N THR D 178 -28.31 23.53 -15.48
CA THR D 178 -28.05 24.08 -16.81
C THR D 178 -29.17 25.03 -17.25
N LEU D 179 -30.42 24.71 -16.89
CA LEU D 179 -31.53 25.57 -17.29
C LEU D 179 -31.54 26.86 -16.49
N LEU D 180 -31.03 26.83 -15.26
CA LEU D 180 -30.89 28.06 -14.49
C LEU D 180 -29.78 28.94 -15.03
N LEU D 181 -28.77 28.34 -15.67
CA LEU D 181 -27.61 29.07 -16.17
C LEU D 181 -27.83 29.59 -17.58
N TYR D 182 -28.43 28.78 -18.46
CA TYR D 182 -28.68 29.15 -19.84
C TYR D 182 -30.17 29.37 -20.08
N LYS D 183 -30.82 30.05 -19.14
CA LYS D 183 -32.27 30.21 -19.16
C LYS D 183 -32.78 30.74 -20.48
N GLU D 184 -32.20 31.85 -20.96
CA GLU D 184 -32.69 32.50 -22.17
C GLU D 184 -32.28 31.77 -23.44
N LYS D 185 -31.34 30.83 -23.37
CA LYS D 185 -30.81 30.17 -24.55
C LYS D 185 -31.31 28.75 -24.74
N ILE D 186 -31.81 28.10 -23.69
CA ILE D 186 -32.30 26.73 -23.76
C ILE D 186 -33.82 26.77 -23.64
N ALA D 187 -34.51 26.35 -24.70
CA ALA D 187 -35.97 26.39 -24.77
C ALA D 187 -36.62 25.02 -24.79
N LYS D 188 -35.91 23.98 -25.24
CA LYS D 188 -36.46 22.64 -25.32
C LYS D 188 -35.49 21.67 -24.65
N VAL D 189 -36.02 20.84 -23.77
CA VAL D 189 -35.25 19.79 -23.11
C VAL D 189 -35.86 18.45 -23.51
N ASN D 190 -35.01 17.55 -24.01
CA ASN D 190 -35.44 16.23 -24.45
C ASN D 190 -34.80 15.18 -23.56
N ILE D 191 -35.62 14.43 -22.84
CA ILE D 191 -35.16 13.41 -21.91
C ILE D 191 -35.24 12.05 -22.60
N LEU D 192 -34.11 11.34 -22.65
CA LEU D 192 -34.02 10.05 -23.31
C LEU D 192 -33.67 8.98 -22.29
N ASN D 193 -34.30 7.82 -22.41
CA ASN D 193 -34.08 6.73 -21.46
C ASN D 193 -34.42 5.40 -22.13
N ARG D 194 -34.02 4.32 -21.47
CA ARG D 194 -34.39 2.99 -21.94
C ARG D 194 -35.88 2.74 -21.73
N THR D 195 -36.41 3.18 -20.59
CA THR D 195 -37.84 3.11 -20.32
C THR D 195 -38.42 4.52 -20.39
N LEU D 196 -39.67 4.61 -20.86
CA LEU D 196 -40.31 5.91 -21.03
C LEU D 196 -40.99 6.41 -19.77
N ALA D 197 -41.23 5.53 -18.80
CA ALA D 197 -41.88 5.93 -17.56
C ALA D 197 -41.05 6.95 -16.81
N ASN D 198 -39.83 6.57 -16.41
CA ASN D 198 -38.96 7.48 -15.68
C ASN D 198 -38.62 8.71 -16.48
N ALA D 199 -38.65 8.62 -17.81
CA ALA D 199 -38.42 9.80 -18.64
C ALA D 199 -39.57 10.80 -18.52
N GLU D 200 -40.82 10.31 -18.55
CA GLU D 200 -41.96 11.20 -18.42
C GLU D 200 -42.09 11.76 -17.01
N LYS D 201 -41.72 10.97 -16.00
CA LYS D 201 -41.73 11.48 -14.63
C LYS D 201 -40.76 12.65 -14.47
N LEU D 202 -39.61 12.57 -15.13
CA LEU D 202 -38.65 13.67 -15.09
C LEU D 202 -39.18 14.86 -15.87
N LYS D 203 -39.83 14.61 -17.01
CA LYS D 203 -40.46 15.68 -17.77
C LYS D 203 -41.49 16.42 -16.92
N GLU D 204 -42.22 15.71 -16.07
CA GLU D 204 -43.25 16.34 -15.24
C GLU D 204 -42.63 17.24 -14.18
N GLU D 205 -41.74 16.68 -13.35
CA GLU D 205 -41.12 17.47 -12.28
C GLU D 205 -40.40 18.68 -12.83
N LEU D 206 -39.65 18.51 -13.92
CA LEU D 206 -38.96 19.65 -14.51
C LEU D 206 -39.92 20.57 -15.26
N GLY D 207 -41.00 20.02 -15.82
CA GLY D 207 -41.98 20.85 -16.49
C GLY D 207 -42.73 21.77 -15.54
N LYS D 208 -43.14 21.22 -14.38
CA LYS D 208 -43.79 22.06 -13.38
C LYS D 208 -42.84 23.11 -12.84
N GLU D 209 -41.55 22.82 -12.81
CA GLU D 209 -40.56 23.75 -12.27
C GLU D 209 -40.20 24.84 -13.28
N PHE D 210 -40.07 24.47 -14.56
CA PHE D 210 -39.67 25.39 -15.63
C PHE D 210 -40.85 25.52 -16.59
N ASP D 211 -41.66 26.57 -16.42
CA ASP D 211 -42.85 26.73 -17.23
C ASP D 211 -42.55 27.21 -18.64
N ASN D 212 -41.47 27.96 -18.83
CA ASN D 212 -41.12 28.50 -20.13
C ASN D 212 -40.28 27.55 -20.98
N VAL D 213 -40.12 26.30 -20.55
CA VAL D 213 -39.27 25.34 -21.24
C VAL D 213 -40.12 24.15 -21.66
N GLU D 214 -39.93 23.70 -22.90
CA GLU D 214 -40.66 22.55 -23.42
C GLU D 214 -39.85 21.29 -23.14
N PHE D 215 -40.43 20.38 -22.37
CA PHE D 215 -39.79 19.14 -21.98
C PHE D 215 -40.42 17.99 -22.74
N ARG D 216 -39.59 17.22 -23.43
CA ARG D 216 -40.03 16.08 -24.23
C ARG D 216 -39.32 14.81 -23.78
N ALA D 217 -40.04 13.69 -23.85
CA ALA D 217 -39.50 12.40 -23.45
C ALA D 217 -39.43 11.50 -24.68
N PHE D 218 -38.30 10.85 -24.86
CA PHE D 218 -38.07 9.94 -25.97
C PHE D 218 -37.44 8.66 -25.44
N LEU D 219 -37.50 7.62 -26.27
CA LEU D 219 -36.87 6.35 -26.01
C LEU D 219 -35.56 6.28 -26.78
N PHE D 220 -34.61 5.51 -26.25
CA PHE D 220 -33.32 5.36 -26.91
C PHE D 220 -33.45 4.83 -28.34
N GLU D 221 -34.55 4.14 -28.65
CA GLU D 221 -34.74 3.58 -29.99
C GLU D 221 -35.52 4.52 -30.92
N GLU D 222 -36.27 5.47 -30.38
CA GLU D 222 -37.06 6.42 -31.17
C GLU D 222 -36.18 7.45 -31.86
N ASP D 223 -35.17 6.97 -32.60
CA ASP D 223 -34.23 7.86 -33.29
C ASP D 223 -34.91 8.83 -34.25
N GLU D 224 -35.82 8.32 -35.10
CA GLU D 224 -36.45 9.17 -36.09
C GLU D 224 -37.20 10.34 -35.47
N LYS D 225 -37.61 10.21 -34.21
CA LYS D 225 -38.30 11.28 -33.51
C LYS D 225 -37.37 12.24 -32.78
N PHE D 226 -36.22 11.77 -32.28
CA PHE D 226 -35.34 12.67 -31.55
C PHE D 226 -34.16 13.17 -32.38
N LYS D 227 -33.88 12.57 -33.52
CA LYS D 227 -32.79 13.06 -34.37
C LYS D 227 -32.91 14.55 -34.69
N PRO D 228 -34.09 15.09 -35.05
CA PRO D 228 -34.18 16.55 -35.23
C PRO D 228 -33.86 17.34 -33.97
N HIS D 229 -34.33 16.87 -32.81
CA HIS D 229 -34.03 17.57 -31.56
C HIS D 229 -32.56 17.48 -31.19
N MET D 230 -31.94 16.31 -31.43
CA MET D 230 -30.52 16.16 -31.12
C MET D 230 -29.64 17.03 -32.01
N GLU D 231 -30.06 17.25 -33.26
CA GLU D 231 -29.31 18.11 -34.16
C GLU D 231 -29.63 19.59 -33.96
N ASN D 232 -30.62 19.91 -33.13
CA ASN D 232 -30.91 21.27 -32.72
C ASN D 232 -30.45 21.54 -31.29
N SER D 233 -29.50 20.74 -30.80
CA SER D 233 -29.04 20.79 -29.42
C SER D 233 -27.57 21.16 -29.36
N SER D 234 -27.22 22.04 -28.43
CA SER D 234 -25.84 22.41 -28.17
C SER D 234 -25.27 21.75 -26.93
N ILE D 235 -26.12 21.33 -26.00
CA ILE D 235 -25.68 20.67 -24.77
C ILE D 235 -26.23 19.24 -24.78
N ILE D 236 -25.32 18.26 -24.70
CA ILE D 236 -25.67 16.86 -24.62
C ILE D 236 -25.07 16.29 -23.35
N TYR D 237 -25.91 15.63 -22.55
CA TYR D 237 -25.49 15.06 -21.27
C TYR D 237 -25.67 13.55 -21.30
N GLY D 238 -24.66 12.83 -20.81
CA GLY D 238 -24.78 11.39 -20.69
C GLY D 238 -24.93 10.97 -19.25
N CYS D 239 -26.15 10.61 -18.84
CA CYS D 239 -26.44 10.21 -17.47
C CYS D 239 -27.00 8.79 -17.42
N THR D 240 -26.40 7.89 -18.22
CA THR D 240 -26.87 6.52 -18.33
C THR D 240 -25.80 5.52 -17.91
N PRO D 241 -26.21 4.39 -17.33
CA PRO D 241 -25.25 3.32 -17.04
C PRO D 241 -25.06 2.35 -18.20
N SER D 242 -25.14 2.88 -19.42
CA SER D 242 -25.12 2.04 -20.62
C SER D 242 -23.75 1.39 -20.81
N THR D 243 -23.78 0.19 -21.37
CA THR D 243 -22.57 -0.50 -21.79
C THR D 243 -22.35 -0.41 -23.29
N SER D 244 -23.29 0.18 -24.02
CA SER D 244 -23.15 0.44 -25.45
C SER D 244 -23.56 1.88 -25.69
N ALA D 245 -22.80 2.57 -26.55
CA ALA D 245 -22.97 4.01 -26.76
C ALA D 245 -24.41 4.35 -27.14
N VAL D 246 -25.04 5.21 -26.34
CA VAL D 246 -26.38 5.67 -26.66
C VAL D 246 -26.37 6.98 -27.43
N ILE D 247 -25.33 7.79 -27.25
CA ILE D 247 -25.15 9.03 -28.02
C ILE D 247 -24.36 8.69 -29.28
N LYS D 248 -25.02 8.71 -30.43
CA LYS D 248 -24.41 8.33 -31.69
C LYS D 248 -23.88 9.55 -32.43
N LYS D 249 -22.74 9.39 -33.10
CA LYS D 249 -22.07 10.52 -33.73
C LYS D 249 -22.94 11.16 -34.82
N ASP D 250 -23.67 10.35 -35.58
CA ASP D 250 -24.49 10.86 -36.68
C ASP D 250 -25.80 11.48 -36.23
N HIS D 251 -26.13 11.43 -34.93
CA HIS D 251 -27.33 12.05 -34.40
C HIS D 251 -27.07 13.45 -33.85
N LEU D 252 -25.83 13.89 -33.85
CA LEU D 252 -25.43 15.18 -33.29
C LEU D 252 -25.32 16.23 -34.39
N ASN D 253 -25.42 17.49 -33.97
CA ASN D 253 -25.22 18.59 -34.91
C ASN D 253 -23.75 18.64 -35.31
N LYS D 254 -23.50 18.78 -36.62
CA LYS D 254 -22.15 18.80 -37.16
C LYS D 254 -21.79 20.15 -37.78
N ASP D 255 -22.58 21.19 -37.52
CA ASP D 255 -22.33 22.50 -38.10
C ASP D 255 -21.23 23.20 -37.31
N PRO D 256 -20.08 23.49 -37.91
CA PRO D 256 -19.01 24.16 -37.16
C PRO D 256 -19.40 25.52 -36.62
N LYS D 257 -20.49 26.12 -37.12
CA LYS D 257 -20.92 27.42 -36.61
C LYS D 257 -21.47 27.35 -35.20
N TYR D 258 -21.94 26.19 -34.77
CA TYR D 258 -22.52 26.01 -33.44
C TYR D 258 -21.65 25.12 -32.59
N ARG D 259 -21.46 25.52 -31.33
CA ARG D 259 -20.66 24.75 -30.39
C ARG D 259 -21.55 23.69 -29.73
N LYS D 260 -20.98 22.51 -29.52
CA LYS D 260 -21.66 21.43 -28.83
C LYS D 260 -20.78 20.92 -27.70
N PHE D 261 -21.35 20.84 -26.50
CA PHE D 261 -20.65 20.39 -25.31
C PHE D 261 -21.32 19.12 -24.80
N ILE D 262 -20.58 18.02 -24.81
CA ILE D 262 -21.08 16.72 -24.38
C ILE D 262 -20.37 16.35 -23.10
N SER D 263 -21.11 16.33 -21.99
CA SER D 263 -20.60 15.90 -20.70
C SER D 263 -21.11 14.49 -20.39
N LEU D 264 -20.18 13.55 -20.28
CA LEU D 264 -20.51 12.16 -20.01
C LEU D 264 -20.18 11.84 -18.56
N ILE D 265 -21.15 11.34 -17.81
CA ILE D 265 -20.98 11.10 -16.38
C ILE D 265 -21.42 9.70 -16.01
N GLY D 266 -22.11 9.01 -16.93
CA GLY D 266 -22.71 7.74 -16.58
C GLY D 266 -21.70 6.62 -16.38
N SER D 267 -20.68 6.57 -17.23
CA SER D 267 -19.71 5.49 -17.18
C SER D 267 -18.82 5.60 -15.95
N TYR D 268 -18.64 4.49 -15.24
CA TYR D 268 -17.71 4.44 -14.11
C TYR D 268 -16.87 3.17 -14.09
N LYS D 269 -17.02 2.28 -15.06
CA LYS D 269 -16.21 1.08 -15.24
C LYS D 269 -15.82 0.97 -16.71
N PRO D 270 -14.64 0.40 -17.00
CA PRO D 270 -14.15 0.40 -18.39
C PRO D 270 -15.10 -0.23 -19.41
N HIS D 271 -16.02 -1.11 -19.00
CA HIS D 271 -16.94 -1.75 -19.93
C HIS D 271 -18.18 -0.91 -20.23
N MET D 272 -18.32 0.24 -19.58
CA MET D 272 -19.45 1.13 -19.77
C MET D 272 -19.07 2.25 -20.73
N ILE D 273 -19.92 2.53 -21.71
CA ILE D 273 -19.67 3.57 -22.69
C ILE D 273 -21.00 4.21 -23.09
N GLU D 274 -20.97 5.53 -23.29
CA GLU D 274 -22.15 6.31 -23.64
C GLU D 274 -22.03 7.02 -24.97
N LEU D 275 -20.84 7.45 -25.35
CA LEU D 275 -20.61 8.22 -26.57
C LEU D 275 -19.99 7.33 -27.63
N ASP D 276 -20.44 7.50 -28.86
CA ASP D 276 -19.93 6.78 -30.02
C ASP D 276 -18.42 6.69 -30.02
N LEU D 277 -17.89 5.46 -30.07
CA LEU D 277 -16.45 5.27 -30.09
C LEU D 277 -15.81 5.79 -31.37
N GLU D 278 -16.58 5.87 -32.46
CA GLU D 278 -16.06 6.48 -33.69
C GLU D 278 -15.74 7.95 -33.47
N LEU D 279 -16.65 8.67 -32.81
CA LEU D 279 -16.40 10.07 -32.48
C LEU D 279 -15.22 10.20 -31.52
N MET D 280 -15.10 9.27 -30.58
CA MET D 280 -13.95 9.27 -29.66
C MET D 280 -12.64 9.07 -30.40
N ASN D 281 -12.62 8.16 -31.37
CA ASN D 281 -11.39 7.91 -32.13
C ASN D 281 -11.07 9.07 -33.08
N ASP D 282 -12.10 9.68 -33.66
CA ASP D 282 -11.86 10.86 -34.50
C ASP D 282 -11.23 11.99 -33.69
N PHE D 283 -11.74 12.21 -32.48
CA PHE D 283 -11.20 13.24 -31.61
C PHE D 283 -9.75 12.94 -31.23
N LYS D 284 -9.45 11.66 -30.99
CA LYS D 284 -8.08 11.27 -30.67
C LYS D 284 -7.16 11.48 -31.88
N ASN D 285 -7.56 10.94 -33.04
CA ASN D 285 -6.72 11.05 -34.23
C ASN D 285 -6.63 12.48 -34.77
N ASN D 286 -7.60 13.33 -34.46
CA ASN D 286 -7.54 14.74 -34.84
C ASN D 286 -6.87 15.61 -33.79
N GLY D 287 -6.35 15.00 -32.73
CA GLY D 287 -5.61 15.74 -31.72
C GLY D 287 -6.45 16.59 -30.79
N VAL D 288 -7.71 16.21 -30.58
CA VAL D 288 -8.60 16.94 -29.67
C VAL D 288 -8.39 16.42 -28.26
N LYS D 289 -8.22 17.34 -27.30
CA LYS D 289 -8.11 16.97 -25.90
C LYS D 289 -9.48 16.89 -25.27
N VAL D 290 -9.71 15.85 -24.48
CA VAL D 290 -10.99 15.66 -23.82
C VAL D 290 -10.90 16.24 -22.42
N ILE D 291 -11.92 16.98 -22.02
CA ILE D 291 -11.97 17.54 -20.68
C ILE D 291 -12.34 16.43 -19.70
N VAL D 292 -11.59 16.32 -18.61
CA VAL D 292 -11.80 15.30 -17.61
C VAL D 292 -11.72 15.95 -16.23
N ASP D 293 -12.30 15.26 -15.25
CA ASP D 293 -12.14 15.70 -13.86
C ASP D 293 -10.80 15.26 -13.30
N SER D 294 -10.41 14.01 -13.54
CA SER D 294 -9.11 13.49 -13.13
C SER D 294 -8.60 12.56 -14.23
N LYS D 295 -7.40 12.87 -14.76
CA LYS D 295 -6.84 12.06 -15.82
C LYS D 295 -6.56 10.64 -15.36
N GLU D 296 -6.11 10.48 -14.11
CA GLU D 296 -5.79 9.15 -13.60
C GLU D 296 -7.03 8.28 -13.48
N HIS D 297 -8.08 8.79 -12.82
CA HIS D 297 -9.28 7.99 -12.62
C HIS D 297 -10.01 7.71 -13.94
N THR D 298 -10.07 8.71 -14.83
CA THR D 298 -10.80 8.52 -16.08
C THR D 298 -10.15 7.46 -16.95
N LEU D 299 -8.83 7.43 -17.00
CA LEU D 299 -8.12 6.43 -17.80
C LEU D 299 -8.14 5.06 -17.15
N HIS D 300 -8.68 4.94 -15.93
CA HIS D 300 -8.84 3.66 -15.26
C HIS D 300 -10.30 3.26 -15.07
N GLU D 301 -11.23 4.15 -15.40
CA GLU D 301 -12.65 3.87 -15.14
C GLU D 301 -13.58 4.23 -16.30
N ALA D 302 -13.21 5.12 -17.21
CA ALA D 302 -14.11 5.57 -18.27
C ALA D 302 -13.84 4.79 -19.54
N GLY D 303 -14.84 4.02 -19.98
CA GLY D 303 -14.67 3.22 -21.19
C GLY D 303 -14.52 4.05 -22.45
N GLU D 304 -15.03 5.28 -22.45
CA GLU D 304 -14.88 6.15 -23.61
C GLU D 304 -13.43 6.46 -23.89
N LEU D 305 -12.60 6.52 -22.84
CA LEU D 305 -11.17 6.78 -23.00
C LEU D 305 -10.36 5.50 -23.05
N ILE D 306 -10.81 4.47 -22.34
CA ILE D 306 -10.08 3.21 -22.32
C ILE D 306 -10.29 2.43 -23.62
N GLN D 307 -11.50 2.48 -24.18
CA GLN D 307 -11.75 1.75 -25.42
C GLN D 307 -11.31 2.53 -26.66
N SER D 308 -10.93 3.79 -26.51
CA SER D 308 -10.41 4.58 -27.62
C SER D 308 -8.89 4.74 -27.56
N GLY D 309 -8.27 4.39 -26.43
CA GLY D 309 -6.83 4.48 -26.29
C GLY D 309 -6.31 5.86 -25.97
N TYR D 310 -7.11 6.69 -25.31
CA TYR D 310 -6.68 8.06 -25.03
C TYR D 310 -5.51 8.05 -24.05
N THR D 311 -4.68 9.09 -24.15
CA THR D 311 -3.50 9.24 -23.32
C THR D 311 -3.57 10.54 -22.53
N SER D 312 -2.78 10.59 -21.46
CA SER D 312 -2.79 11.74 -20.56
C SER D 312 -2.42 13.04 -21.27
N ASP D 313 -1.54 12.98 -22.26
CA ASP D 313 -1.13 14.22 -22.93
C ASP D 313 -2.28 14.84 -23.70
N GLN D 314 -3.22 14.03 -24.18
CA GLN D 314 -4.39 14.52 -24.89
C GLN D 314 -5.59 14.68 -23.97
N LEU D 315 -5.37 14.97 -22.70
CA LEU D 315 -6.43 15.21 -21.75
C LEU D 315 -6.16 16.51 -21.01
N ILE D 316 -7.22 17.14 -20.53
CA ILE D 316 -7.09 18.34 -19.72
C ILE D 316 -8.14 18.29 -18.63
N GLU D 317 -7.74 18.67 -17.43
CA GLU D 317 -8.62 18.65 -16.28
C GLU D 317 -9.45 19.92 -16.18
N ILE D 318 -10.62 19.79 -15.54
CA ILE D 318 -11.58 20.90 -15.49
C ILE D 318 -10.96 22.11 -14.79
N HIS D 319 -10.32 21.88 -13.64
CA HIS D 319 -9.69 22.99 -12.92
C HIS D 319 -8.62 23.67 -13.77
N GLU D 320 -7.97 22.91 -14.66
CA GLU D 320 -6.95 23.51 -15.51
C GLU D 320 -7.53 24.45 -16.56
N LEU D 321 -8.81 24.30 -16.89
CA LEU D 321 -9.45 25.24 -17.79
C LEU D 321 -9.59 26.62 -17.16
N TYR D 322 -9.56 26.72 -15.84
CA TYR D 322 -9.63 28.00 -15.16
C TYR D 322 -8.25 28.52 -14.77
N GLU D 323 -7.18 27.84 -15.17
CA GLU D 323 -5.83 28.32 -14.93
C GLU D 323 -5.06 28.62 -16.20
N THR D 324 -5.68 28.47 -17.37
CA THR D 324 -4.99 28.73 -18.62
C THR D 324 -6.03 29.07 -19.70
N GLU D 325 -5.68 28.80 -20.96
CA GLU D 325 -6.57 28.99 -22.10
C GLU D 325 -6.92 27.63 -22.70
N GLU D 326 -7.73 27.66 -23.75
CA GLU D 326 -8.20 26.43 -24.40
C GLU D 326 -7.38 26.03 -25.61
N PHE D 327 -6.87 26.98 -26.38
CA PHE D 327 -6.13 26.74 -27.62
C PHE D 327 -6.91 25.91 -28.63
N SER D 328 -8.23 25.82 -28.47
CA SER D 328 -9.10 25.00 -29.31
C SER D 328 -8.69 23.52 -29.30
N THR D 329 -7.87 23.12 -28.33
CA THR D 329 -7.49 21.71 -28.24
C THR D 329 -8.64 20.85 -27.72
N ILE D 330 -9.65 21.47 -27.11
CA ILE D 330 -10.81 20.75 -26.60
C ILE D 330 -12.03 20.92 -27.51
N THR D 331 -11.83 21.43 -28.73
CA THR D 331 -12.91 21.67 -29.68
C THR D 331 -12.49 21.12 -31.03
N ASP D 332 -13.30 20.22 -31.59
CA ASP D 332 -13.09 19.72 -32.95
C ASP D 332 -13.56 20.78 -33.93
N ALA D 333 -12.62 21.34 -34.70
CA ALA D 333 -12.96 22.44 -35.61
C ALA D 333 -13.87 22.00 -36.74
N THR D 334 -13.88 20.71 -37.09
CA THR D 334 -14.71 20.24 -38.18
C THR D 334 -16.20 20.18 -37.78
N THR D 335 -16.50 20.14 -36.49
CA THR D 335 -17.87 20.02 -36.02
C THR D 335 -18.25 21.03 -34.94
N GLY D 336 -17.28 21.66 -34.27
CA GLY D 336 -17.59 22.53 -33.16
C GLY D 336 -17.95 21.78 -31.90
N THR D 337 -17.44 20.56 -31.74
CA THR D 337 -17.84 19.68 -30.66
C THR D 337 -16.77 19.62 -29.58
N THR D 338 -17.23 19.61 -28.33
CA THR D 338 -16.37 19.45 -27.16
C THR D 338 -16.92 18.30 -26.33
N VAL D 339 -16.03 17.42 -25.88
CA VAL D 339 -16.42 16.23 -25.13
C VAL D 339 -15.79 16.31 -23.74
N GLN D 340 -16.62 16.09 -22.72
CA GLN D 340 -16.16 16.08 -21.33
C GLN D 340 -16.61 14.79 -20.66
N LYS D 341 -15.67 14.10 -20.00
CA LYS D 341 -15.96 12.86 -19.31
C LYS D 341 -15.61 13.02 -17.83
N ILE D 342 -16.58 12.74 -16.97
CA ILE D 342 -16.42 12.84 -15.52
C ILE D 342 -16.72 11.48 -14.90
N VAL D 343 -15.82 11.01 -14.04
CA VAL D 343 -16.01 9.73 -13.36
C VAL D 343 -16.35 9.88 -11.89
N GLY D 344 -15.99 10.99 -11.26
CA GLY D 344 -16.32 11.21 -9.87
C GLY D 344 -15.07 11.19 -9.00
N LEU D 345 -15.04 12.09 -8.02
CA LEU D 345 -13.95 12.19 -7.06
C LEU D 345 -14.52 12.52 -5.69
N SER D 346 -13.93 11.91 -4.65
CA SER D 346 -14.45 12.11 -3.30
C SER D 346 -14.32 13.56 -2.85
N ILE D 347 -13.31 14.28 -3.36
CA ILE D 347 -13.16 15.70 -3.02
C ILE D 347 -14.38 16.50 -3.46
N MET D 348 -15.02 16.09 -4.56
CA MET D 348 -16.25 16.75 -5.00
C MET D 348 -17.33 16.64 -3.93
N ASP D 349 -17.51 15.44 -3.36
CA ASP D 349 -18.56 15.22 -2.38
C ASP D 349 -18.26 15.95 -1.07
N LEU D 350 -17.00 15.98 -0.66
CA LEU D 350 -16.69 16.56 0.65
C LEU D 350 -16.61 18.08 0.60
N CYS D 351 -16.11 18.65 -0.50
CA CYS D 351 -16.04 20.10 -0.59
C CYS D 351 -17.44 20.69 -0.71
N MET D 352 -18.33 20.00 -1.41
CA MET D 352 -19.72 20.43 -1.49
C MET D 352 -20.48 20.09 -0.21
N GLY D 353 -20.13 18.99 0.44
CA GLY D 353 -20.78 18.63 1.69
C GLY D 353 -20.42 19.57 2.83
N LYS D 354 -19.16 20.00 2.89
CA LYS D 354 -18.77 20.97 3.92
C LYS D 354 -19.47 22.30 3.71
N TYR D 355 -19.55 22.76 2.46
CA TYR D 355 -20.25 24.02 2.20
C TYR D 355 -21.70 23.94 2.65
N ILE D 356 -22.37 22.82 2.32
CA ILE D 356 -23.76 22.67 2.72
C ILE D 356 -23.88 22.64 4.24
N TYR D 357 -22.98 21.90 4.89
CA TYR D 357 -23.03 21.78 6.35
C TYR D 357 -22.86 23.13 7.02
N GLU D 358 -22.02 24.00 6.47
CA GLU D 358 -21.77 25.32 7.06
C GLU D 358 -22.82 26.35 6.66
N ASN D 359 -23.74 26.02 5.76
CA ASN D 359 -24.74 26.96 5.31
C ASN D 359 -26.16 26.44 5.37
N ILE D 360 -26.36 25.18 5.75
CA ILE D 360 -27.71 24.62 5.81
C ILE D 360 -28.36 25.07 7.11
N GLN D 361 -29.65 25.39 7.04
CA GLN D 361 -30.36 25.84 8.22
C GLN D 361 -30.87 24.66 9.02
N ASP D 362 -31.12 24.91 10.31
CA ASP D 362 -31.58 23.86 11.21
C ASP D 362 -32.92 23.29 10.76
N ASP D 363 -33.64 24.01 9.90
CA ASP D 363 -34.89 23.49 9.36
C ASP D 363 -34.63 22.36 8.37
N ASP D 364 -33.46 22.36 7.74
CA ASP D 364 -33.10 21.37 6.73
C ASP D 364 -31.99 20.44 7.23
N ALA D 365 -32.07 20.00 8.47
CA ALA D 365 -31.05 19.14 9.05
C ALA D 365 -31.56 18.54 10.35
N VAL D 366 -31.11 17.33 10.65
CA VAL D 366 -31.40 16.67 11.91
C VAL D 366 -30.23 17.01 12.84
N VAL D 367 -30.42 18.01 13.69
CA VAL D 367 -29.35 18.47 14.57
C VAL D 367 -29.30 17.60 15.80
N VAL D 368 -28.14 17.00 16.06
CA VAL D 368 -27.93 16.12 17.20
C VAL D 368 -26.99 16.83 18.17
N ASN D 369 -27.44 17.00 19.41
CA ASN D 369 -26.64 17.68 20.42
C ASN D 369 -25.96 16.66 21.33
N ASP D 370 -24.73 16.99 21.74
CA ASP D 370 -23.93 16.15 22.63
C ASP D 370 -23.71 14.76 22.03
N PHE D 371 -23.08 14.75 20.85
CA PHE D 371 -22.81 13.48 20.18
C PHE D 371 -21.58 12.81 20.77
C1 EDO E . 3.98 -10.36 -19.86
O1 EDO E . 4.95 -10.32 -20.91
C2 EDO E . 3.11 -11.60 -20.04
O2 EDO E . 2.27 -11.45 -21.19
C1 EDO F . 18.42 16.03 -14.60
O1 EDO F . 18.98 14.72 -14.58
C2 EDO F . 17.85 16.37 -13.22
O2 EDO F . 16.84 15.41 -12.87
C1 EDO G . 33.02 -17.42 -17.08
O1 EDO G . 34.14 -16.84 -16.41
C2 EDO G . 32.89 -18.88 -16.70
O2 EDO G . 31.96 -19.53 -17.57
C1 EDO H . 4.60 -7.75 -26.33
O1 EDO H . 3.62 -8.17 -27.29
C2 EDO H . 4.20 -6.38 -25.80
O2 EDO H . 2.86 -6.43 -25.30
C1 EDO I . -22.96 -10.58 -13.68
O1 EDO I . -23.16 -11.12 -14.99
C2 EDO I . -21.72 -9.68 -13.70
O2 EDO I . -21.89 -8.69 -14.72
C1 EDO J . -26.96 -18.59 -21.96
O1 EDO J . -28.24 -19.13 -22.30
C2 EDO J . -27.12 -17.63 -20.79
O2 EDO J . -25.86 -17.48 -20.12
C1 EDO K . 1.84 1.03 -24.89
O1 EDO K . 0.48 0.72 -25.22
C2 EDO K . 1.90 2.45 -24.35
O2 EDO K . 1.00 2.59 -23.24
NA NA L . -6.74 -18.11 -6.32
CL CL M . 3.35 -0.37 -16.46
C1 EDO N . 19.34 -0.14 6.08
O1 EDO N . 19.51 0.18 4.69
C2 EDO N . 19.03 -1.62 6.23
O2 EDO N . 17.66 -1.87 5.88
C1 EDO O . 31.41 -12.31 1.88
O1 EDO O . 30.18 -11.59 1.77
C2 EDO O . 32.55 -11.39 1.43
O2 EDO O . 32.27 -10.95 0.10
C1 EDO P . 25.66 4.92 -18.66
O1 EDO P . 24.58 4.08 -19.09
C2 EDO P . 25.13 6.09 -17.85
O2 EDO P . 24.39 5.60 -16.73
NA NA Q . 14.95 20.94 5.79
NA NA R . 5.20 17.87 18.51
NA NA S . 52.34 6.17 25.05
CL CL T . 13.89 -6.16 9.55
CL CL U . 8.91 -2.35 7.68
MG MG V . 26.77 10.62 -9.24
C1 EDO W . -18.11 3.82 50.18
O1 EDO W . -17.60 5.15 50.29
C2 EDO W . -17.12 2.84 50.81
O2 EDO W . -17.67 1.52 50.81
C1 EDO X . -7.16 1.93 22.02
O1 EDO X . -8.05 1.33 21.06
C2 EDO X . -5.97 0.99 22.19
O2 EDO X . -6.49 -0.33 22.41
C1 EDO Y . -18.54 14.31 23.88
O1 EDO Y . -19.31 13.15 23.54
C2 EDO Y . -17.25 14.30 23.07
O2 EDO Y . -16.58 13.05 23.30
C1 EDO Z . -24.36 -1.78 36.60
O1 EDO Z . -25.02 -1.81 35.34
C2 EDO Z . -24.83 -0.57 37.41
O2 EDO Z . -24.62 0.64 36.66
C1 EDO AA . -1.09 -20.78 19.26
O1 EDO AA . -1.46 -19.41 19.10
C2 EDO AA . -0.23 -20.94 20.51
O2 EDO AA . 0.91 -20.08 20.41
C1 EDO BA . -4.31 6.05 25.06
O1 EDO BA . -3.99 4.86 24.34
C2 EDO BA . -4.54 5.74 26.54
O2 EDO BA . -5.62 4.81 26.69
MG MG CA . -7.80 -19.98 14.91
CL CL DA . -31.45 14.92 24.82
C1 EDO EA . -6.50 25.89 5.78
O1 EDO EA . -6.69 26.72 4.63
C2 EDO EA . -7.31 26.48 6.94
O2 EDO EA . -6.81 27.79 7.20
C1 EDO FA . -30.38 4.26 -35.60
O1 EDO FA . -30.47 5.67 -35.81
C2 EDO FA . -31.12 3.87 -34.32
O2 EDO FA . -30.56 4.60 -33.21
C1 EDO GA . -32.78 28.11 -36.16
O1 EDO GA . -33.27 26.87 -36.71
C2 EDO GA . -31.39 27.87 -35.59
O2 EDO GA . -31.47 26.90 -34.55
C1 EDO HA . -15.85 7.80 -8.33
O1 EDO HA . -14.48 7.40 -8.49
C2 EDO HA . -16.07 8.21 -6.88
O2 EDO HA . -17.38 8.75 -6.72
C1 EDO IA . -4.47 13.50 -10.90
O1 EDO IA . -5.04 12.78 -9.80
C2 EDO IA . -3.98 14.85 -10.39
O2 EDO IA . -3.43 15.62 -11.48
C1 EDO JA . -21.34 9.43 -11.72
O1 EDO JA . -21.02 8.03 -11.80
C2 EDO JA . -20.12 10.18 -11.19
O2 EDO JA . -19.87 9.77 -9.84
#